data_2CQ8
#
_entry.id   2CQ8
#
_entity_poly.entity_id   1
_entity_poly.type   'polypeptide(L)'
_entity_poly.pdbx_seq_one_letter_code
;GSSGSSGFFKGAASSVLELTEAELVTAEAVRSVWQRILPKVLEVEDSTDFFKSGAASVDVVRLVEEVKELCDGLELENED
VYMASTFGDFIQLLVRKLRGDDEESGPSSG
;
_entity_poly.pdbx_strand_id   A
#
# COMPACT_ATOMS: atom_id res chain seq x y z
N GLY A 1 -13.36 -6.95 -35.96
CA GLY A 1 -13.32 -7.32 -34.55
C GLY A 1 -14.52 -6.74 -33.79
N SER A 2 -14.44 -6.82 -32.47
CA SER A 2 -15.51 -6.31 -31.62
C SER A 2 -16.02 -4.98 -32.17
N SER A 3 -17.33 -4.80 -32.05
CA SER A 3 -17.96 -3.57 -32.53
C SER A 3 -18.89 -3.02 -31.45
N GLY A 4 -19.16 -1.72 -31.56
CA GLY A 4 -20.03 -1.06 -30.61
C GLY A 4 -19.22 -0.36 -29.51
N SER A 5 -19.68 0.82 -29.14
CA SER A 5 -19.02 1.59 -28.11
C SER A 5 -17.54 1.78 -28.47
N SER A 6 -17.23 2.97 -28.97
CA SER A 6 -15.86 3.29 -29.35
C SER A 6 -15.09 3.83 -28.15
N GLY A 7 -13.78 3.78 -28.25
CA GLY A 7 -12.92 4.26 -27.19
C GLY A 7 -11.47 3.80 -27.40
N PHE A 8 -10.85 4.36 -28.44
CA PHE A 8 -9.48 4.01 -28.76
C PHE A 8 -8.53 5.15 -28.37
N PHE A 9 -7.47 4.78 -27.67
CA PHE A 9 -6.48 5.75 -27.25
C PHE A 9 -5.23 5.07 -26.70
N LYS A 10 -4.07 5.54 -27.16
CA LYS A 10 -2.81 4.97 -26.71
C LYS A 10 -2.88 4.69 -25.22
N GLY A 11 -2.31 3.55 -24.84
CA GLY A 11 -2.29 3.14 -23.44
C GLY A 11 -2.22 1.62 -23.32
N ALA A 12 -1.01 1.14 -23.06
CA ALA A 12 -0.79 -0.28 -22.91
C ALA A 12 -0.56 -0.61 -21.43
N ALA A 13 -1.56 -1.25 -20.84
CA ALA A 13 -1.48 -1.61 -19.44
C ALA A 13 -1.44 -0.35 -18.57
N SER A 14 -2.61 0.20 -18.32
CA SER A 14 -2.72 1.41 -17.52
C SER A 14 -3.79 1.24 -16.45
N SER A 15 -3.95 2.27 -15.63
CA SER A 15 -4.94 2.25 -14.57
C SER A 15 -4.60 1.13 -13.57
N VAL A 16 -4.22 1.55 -12.38
CA VAL A 16 -3.87 0.60 -11.33
C VAL A 16 -2.71 -0.28 -11.80
N LEU A 17 -1.94 -0.75 -10.84
CA LEU A 17 -0.80 -1.60 -11.15
C LEU A 17 -1.27 -3.06 -11.21
N GLU A 18 -0.47 -3.86 -11.90
CA GLU A 18 -0.79 -5.27 -12.06
C GLU A 18 0.12 -6.12 -11.16
N LEU A 19 -0.50 -6.81 -10.22
CA LEU A 19 0.24 -7.65 -9.30
C LEU A 19 0.97 -8.74 -10.09
N THR A 20 1.56 -9.67 -9.35
CA THR A 20 2.28 -10.77 -9.96
C THR A 20 2.19 -12.02 -9.09
N GLU A 21 2.50 -13.16 -9.70
CA GLU A 21 2.46 -14.42 -8.99
C GLU A 21 3.05 -14.27 -7.59
N ALA A 22 4.02 -13.38 -7.48
CA ALA A 22 4.68 -13.13 -6.22
C ALA A 22 3.96 -11.98 -5.50
N GLU A 23 3.97 -10.83 -6.15
CA GLU A 23 3.32 -9.65 -5.59
C GLU A 23 1.95 -10.01 -5.02
N LEU A 24 1.21 -10.79 -5.80
CA LEU A 24 -0.12 -11.21 -5.39
C LEU A 24 -0.06 -11.78 -3.97
N VAL A 25 0.89 -12.68 -3.76
CA VAL A 25 1.08 -13.31 -2.46
C VAL A 25 1.31 -12.21 -1.41
N THR A 26 2.25 -11.33 -1.73
CA THR A 26 2.58 -10.24 -0.82
C THR A 26 1.33 -9.40 -0.51
N ALA A 27 0.58 -9.11 -1.57
CA ALA A 27 -0.63 -8.33 -1.43
C ALA A 27 -1.58 -9.03 -0.44
N GLU A 28 -1.49 -10.35 -0.43
CA GLU A 28 -2.33 -11.15 0.44
C GLU A 28 -1.79 -11.11 1.88
N ALA A 29 -0.48 -11.00 1.98
CA ALA A 29 0.18 -10.96 3.27
C ALA A 29 -0.22 -9.66 3.98
N VAL A 30 -0.26 -8.58 3.21
CA VAL A 30 -0.63 -7.28 3.76
C VAL A 30 -2.09 -7.31 4.20
N ARG A 31 -2.90 -8.00 3.41
CA ARG A 31 -4.32 -8.11 3.72
C ARG A 31 -4.52 -8.71 5.12
N SER A 32 -3.73 -9.73 5.41
CA SER A 32 -3.81 -10.39 6.70
C SER A 32 -3.57 -9.37 7.82
N VAL A 33 -2.69 -8.42 7.54
CA VAL A 33 -2.37 -7.39 8.51
C VAL A 33 -3.64 -6.61 8.86
N TRP A 34 -4.29 -6.09 7.81
CA TRP A 34 -5.50 -5.32 8.00
C TRP A 34 -6.49 -6.18 8.79
N GLN A 35 -6.79 -7.34 8.24
CA GLN A 35 -7.72 -8.25 8.88
C GLN A 35 -7.34 -8.45 10.35
N ARG A 36 -6.13 -8.96 10.55
CA ARG A 36 -5.63 -9.20 11.89
C ARG A 36 -5.87 -7.97 12.78
N ILE A 37 -5.52 -6.81 12.24
CA ILE A 37 -5.69 -5.56 12.95
C ILE A 37 -7.18 -5.30 13.17
N LEU A 38 -7.84 -4.93 12.08
CA LEU A 38 -9.26 -4.64 12.14
C LEU A 38 -10.02 -5.91 12.57
N PRO A 39 -10.58 -5.85 13.81
CA PRO A 39 -11.32 -6.98 14.35
C PRO A 39 -12.70 -7.09 13.69
N LYS A 40 -13.56 -6.14 14.04
CA LYS A 40 -14.90 -6.13 13.49
C LYS A 40 -14.86 -6.50 12.01
N VAL A 41 -13.88 -5.94 11.32
CA VAL A 41 -13.72 -6.21 9.91
C VAL A 41 -13.60 -7.72 9.69
N LEU A 42 -14.59 -8.26 8.99
CA LEU A 42 -14.61 -9.69 8.71
C LEU A 42 -13.87 -9.95 7.41
N GLU A 43 -13.89 -8.95 6.53
CA GLU A 43 -13.22 -9.07 5.25
C GLU A 43 -12.59 -7.73 4.86
N VAL A 44 -11.48 -7.82 4.14
CA VAL A 44 -10.77 -6.63 3.70
C VAL A 44 -10.76 -6.60 2.18
N GLU A 45 -11.51 -5.65 1.63
CA GLU A 45 -11.60 -5.50 0.19
C GLU A 45 -10.77 -4.29 -0.27
N ASP A 46 -10.72 -4.11 -1.58
CA ASP A 46 -9.97 -3.00 -2.14
C ASP A 46 -10.74 -1.70 -1.92
N SER A 47 -11.93 -1.84 -1.35
CA SER A 47 -12.76 -0.69 -1.08
C SER A 47 -12.80 -0.42 0.43
N THR A 48 -12.21 -1.33 1.18
CA THR A 48 -12.17 -1.21 2.62
C THR A 48 -11.17 -0.12 3.03
N ASP A 49 -11.69 0.87 3.75
CA ASP A 49 -10.85 1.97 4.22
C ASP A 49 -10.23 1.60 5.57
N PHE A 50 -8.91 1.72 5.63
CA PHE A 50 -8.17 1.41 6.83
C PHE A 50 -8.67 2.25 8.01
N PHE A 51 -9.30 3.37 7.67
CA PHE A 51 -9.83 4.26 8.68
C PHE A 51 -11.29 3.93 9.01
N LYS A 52 -12.15 4.14 8.03
CA LYS A 52 -13.57 3.87 8.20
C LYS A 52 -13.74 2.55 8.97
N SER A 53 -12.99 1.56 8.54
CA SER A 53 -13.05 0.25 9.18
C SER A 53 -13.17 0.42 10.70
N GLY A 54 -12.02 0.72 11.32
CA GLY A 54 -11.99 0.91 12.75
C GLY A 54 -10.54 0.95 13.26
N ALA A 55 -9.70 1.63 12.49
CA ALA A 55 -8.29 1.76 12.84
C ALA A 55 -8.07 3.09 13.56
N ALA A 56 -7.15 3.07 14.50
CA ALA A 56 -6.83 4.27 15.26
C ALA A 56 -5.56 4.92 14.69
N SER A 57 -4.99 5.80 15.49
CA SER A 57 -3.77 6.50 15.08
C SER A 57 -2.56 5.62 15.33
N VAL A 58 -2.81 4.49 15.99
CA VAL A 58 -1.74 3.55 16.30
C VAL A 58 -1.65 2.50 15.19
N ASP A 59 -2.81 2.06 14.73
CA ASP A 59 -2.87 1.06 13.69
C ASP A 59 -2.06 1.55 12.48
N VAL A 60 -2.09 2.86 12.27
CA VAL A 60 -1.37 3.46 11.17
C VAL A 60 0.10 3.03 11.22
N VAL A 61 0.68 3.16 12.40
CA VAL A 61 2.06 2.77 12.60
C VAL A 61 2.18 1.24 12.58
N ARG A 62 1.17 0.61 13.13
CA ARG A 62 1.14 -0.84 13.19
C ARG A 62 1.16 -1.43 11.78
N LEU A 63 0.22 -0.96 10.97
CA LEU A 63 0.12 -1.43 9.59
C LEU A 63 1.44 -1.16 8.87
N VAL A 64 1.94 0.05 9.04
CA VAL A 64 3.19 0.45 8.42
C VAL A 64 4.32 -0.41 8.97
N GLU A 65 4.29 -0.62 10.28
CA GLU A 65 5.30 -1.41 10.94
C GLU A 65 5.21 -2.88 10.49
N GLU A 66 3.98 -3.36 10.42
CA GLU A 66 3.75 -4.72 9.99
C GLU A 66 4.27 -4.96 8.58
N VAL A 67 3.78 -4.14 7.66
CA VAL A 67 4.20 -4.23 6.27
C VAL A 67 5.71 -4.04 6.17
N LYS A 68 6.26 -3.39 7.19
CA LYS A 68 7.69 -3.15 7.24
C LYS A 68 8.43 -4.48 7.34
N GLU A 69 7.88 -5.37 8.16
CA GLU A 69 8.48 -6.67 8.35
C GLU A 69 8.28 -7.54 7.10
N LEU A 70 7.28 -7.17 6.32
CA LEU A 70 6.98 -7.89 5.09
C LEU A 70 8.11 -7.68 4.09
N CYS A 71 8.49 -6.42 3.91
CA CYS A 71 9.56 -6.08 2.99
C CYS A 71 10.86 -5.97 3.78
N ASP A 72 10.74 -6.17 5.09
CA ASP A 72 11.89 -6.10 5.97
C ASP A 72 12.49 -4.69 5.91
N GLY A 73 11.74 -3.74 6.45
CA GLY A 73 12.19 -2.36 6.46
C GLY A 73 11.59 -1.58 5.29
N LEU A 74 10.31 -1.85 5.03
CA LEU A 74 9.62 -1.19 3.94
C LEU A 74 9.66 0.33 4.16
N GLU A 75 10.05 1.03 3.11
CA GLU A 75 10.13 2.49 3.18
C GLU A 75 8.73 3.10 3.20
N LEU A 76 7.99 2.79 4.25
CA LEU A 76 6.64 3.30 4.40
C LEU A 76 6.63 4.37 5.49
N GLU A 77 5.58 5.19 5.45
CA GLU A 77 5.43 6.26 6.43
C GLU A 77 3.96 6.50 6.73
N ASN A 78 3.70 6.98 7.93
CA ASN A 78 2.35 7.26 8.36
C ASN A 78 1.60 7.98 7.24
N GLU A 79 2.34 8.79 6.51
CA GLU A 79 1.76 9.54 5.40
C GLU A 79 1.11 8.59 4.40
N ASP A 80 1.87 7.57 4.03
CA ASP A 80 1.38 6.58 3.08
C ASP A 80 -0.05 6.17 3.46
N VAL A 81 -0.22 5.87 4.74
CA VAL A 81 -1.52 5.47 5.25
C VAL A 81 -2.52 6.61 5.05
N TYR A 82 -2.10 7.80 5.46
CA TYR A 82 -2.93 8.99 5.32
C TYR A 82 -3.25 9.28 3.86
N MET A 83 -2.45 8.68 2.99
CA MET A 83 -2.62 8.88 1.56
C MET A 83 -3.50 7.77 0.97
N ALA A 84 -3.19 6.54 1.35
CA ALA A 84 -3.93 5.39 0.87
C ALA A 84 -4.62 4.71 2.04
N SER A 85 -5.80 5.21 2.38
CA SER A 85 -6.58 4.65 3.47
C SER A 85 -7.16 3.30 3.06
N THR A 86 -7.60 3.23 1.82
CA THR A 86 -8.19 2.01 1.30
C THR A 86 -7.10 1.01 0.92
N PHE A 87 -7.41 -0.26 1.10
CA PHE A 87 -6.47 -1.33 0.78
C PHE A 87 -6.07 -1.27 -0.69
N GLY A 88 -7.08 -1.31 -1.55
CA GLY A 88 -6.84 -1.27 -2.99
C GLY A 88 -5.77 -0.23 -3.33
N ASP A 89 -6.03 1.00 -2.93
CA ASP A 89 -5.10 2.09 -3.19
C ASP A 89 -3.75 1.78 -2.52
N PHE A 90 -3.82 1.53 -1.22
CA PHE A 90 -2.63 1.22 -0.45
C PHE A 90 -1.75 0.21 -1.18
N ILE A 91 -2.36 -0.92 -1.52
CA ILE A 91 -1.64 -1.97 -2.22
C ILE A 91 -0.79 -1.35 -3.33
N GLN A 92 -1.46 -0.65 -4.23
CA GLN A 92 -0.78 -0.01 -5.34
C GLN A 92 0.46 0.73 -4.85
N LEU A 93 0.28 1.48 -3.77
CA LEU A 93 1.37 2.25 -3.19
C LEU A 93 2.43 1.28 -2.65
N LEU A 94 1.95 0.29 -1.91
CA LEU A 94 2.83 -0.70 -1.32
C LEU A 94 3.62 -1.40 -2.44
N VAL A 95 2.88 -2.04 -3.33
CA VAL A 95 3.49 -2.74 -4.45
C VAL A 95 4.57 -1.86 -5.07
N ARG A 96 4.26 -0.57 -5.16
CA ARG A 96 5.19 0.38 -5.73
C ARG A 96 6.49 0.42 -4.91
N LYS A 97 6.32 0.45 -3.60
CA LYS A 97 7.47 0.48 -2.70
C LYS A 97 8.19 -0.87 -2.76
N LEU A 98 7.40 -1.91 -2.95
CA LEU A 98 7.95 -3.27 -3.03
C LEU A 98 8.78 -3.40 -4.30
N ARG A 99 8.13 -3.14 -5.42
CA ARG A 99 8.79 -3.23 -6.72
C ARG A 99 10.16 -2.54 -6.66
N GLY A 100 10.14 -1.30 -6.18
CA GLY A 100 11.36 -0.53 -6.07
C GLY A 100 12.38 -1.23 -5.17
N ASP A 101 12.05 -1.26 -3.88
CA ASP A 101 12.93 -1.90 -2.91
C ASP A 101 14.27 -1.17 -2.88
N ASP A 102 15.08 -1.53 -1.89
CA ASP A 102 16.39 -0.91 -1.74
C ASP A 102 16.22 0.56 -1.37
N GLU A 103 16.90 0.95 -0.30
CA GLU A 103 16.84 2.33 0.16
C GLU A 103 18.21 3.00 0.03
N GLU A 104 18.19 4.33 0.13
CA GLU A 104 19.41 5.10 0.01
C GLU A 104 19.89 5.55 1.40
N SER A 105 20.81 4.77 1.94
CA SER A 105 21.36 5.07 3.26
C SER A 105 21.76 6.55 3.33
N GLY A 106 21.35 7.19 4.41
CA GLY A 106 21.66 8.59 4.62
C GLY A 106 22.76 8.77 5.66
N PRO A 107 22.63 9.86 6.46
CA PRO A 107 23.60 10.15 7.49
C PRO A 107 23.43 9.22 8.70
N SER A 108 22.16 9.00 9.04
CA SER A 108 21.84 8.14 10.17
C SER A 108 22.78 8.43 11.34
N SER A 109 22.33 9.33 12.20
CA SER A 109 23.11 9.71 13.36
C SER A 109 23.41 8.48 14.22
N GLY A 110 22.34 7.82 14.64
CA GLY A 110 22.46 6.63 15.46
C GLY A 110 23.02 5.46 14.64
N GLY A 1 9.21 34.28 1.53
CA GLY A 1 7.79 34.01 1.41
C GLY A 1 7.50 33.09 0.22
N SER A 2 7.36 31.81 0.53
CA SER A 2 7.08 30.82 -0.50
C SER A 2 5.59 30.83 -0.84
N SER A 3 5.30 30.60 -2.12
CA SER A 3 3.93 30.58 -2.59
C SER A 3 3.56 29.16 -3.05
N GLY A 4 2.68 28.54 -2.28
CA GLY A 4 2.23 27.20 -2.59
C GLY A 4 3.30 26.16 -2.22
N SER A 5 2.85 24.92 -2.06
CA SER A 5 3.76 23.84 -1.72
C SER A 5 4.28 23.17 -2.98
N SER A 6 5.49 22.66 -2.89
CA SER A 6 6.11 21.98 -4.02
C SER A 6 5.57 20.56 -4.14
N GLY A 7 4.63 20.40 -5.06
CA GLY A 7 4.03 19.10 -5.29
C GLY A 7 4.07 18.71 -6.78
N PHE A 8 5.28 18.64 -7.29
CA PHE A 8 5.48 18.31 -8.70
C PHE A 8 6.07 16.89 -8.83
N PHE A 9 7.18 16.67 -8.14
CA PHE A 9 7.84 15.38 -8.18
C PHE A 9 7.39 14.50 -7.02
N LYS A 10 7.30 13.21 -7.30
CA LYS A 10 6.89 12.26 -6.28
C LYS A 10 5.44 12.56 -5.86
N GLY A 11 4.74 11.49 -5.51
CA GLY A 11 3.34 11.64 -5.09
C GLY A 11 2.64 10.27 -5.08
N ALA A 12 2.50 9.70 -6.26
CA ALA A 12 1.84 8.42 -6.41
C ALA A 12 0.36 8.57 -6.05
N ALA A 13 -0.45 8.71 -7.09
CA ALA A 13 -1.89 8.86 -6.89
C ALA A 13 -2.57 8.91 -8.26
N SER A 14 -2.45 7.82 -8.99
CA SER A 14 -3.06 7.73 -10.31
C SER A 14 -2.81 6.33 -10.91
N SER A 15 -3.79 5.88 -11.68
CA SER A 15 -3.68 4.57 -12.31
C SER A 15 -3.44 3.49 -11.25
N VAL A 16 -3.59 2.25 -11.67
CA VAL A 16 -3.38 1.12 -10.77
C VAL A 16 -2.43 0.11 -11.43
N LEU A 17 -1.45 -0.32 -10.65
CA LEU A 17 -0.47 -1.27 -11.14
C LEU A 17 -1.11 -2.66 -11.20
N GLU A 18 -0.39 -3.59 -11.82
CA GLU A 18 -0.87 -4.95 -11.94
C GLU A 18 -0.01 -5.89 -11.10
N LEU A 19 -0.67 -6.54 -10.14
CA LEU A 19 0.02 -7.48 -9.26
C LEU A 19 0.64 -8.60 -10.10
N THR A 20 1.24 -9.55 -9.39
CA THR A 20 1.87 -10.67 -10.06
C THR A 20 1.77 -11.93 -9.18
N GLU A 21 2.10 -13.06 -9.78
CA GLU A 21 2.06 -14.33 -9.07
C GLU A 21 2.71 -14.18 -7.69
N ALA A 22 3.78 -13.42 -7.65
CA ALA A 22 4.49 -13.19 -6.41
C ALA A 22 3.82 -12.05 -5.63
N GLU A 23 3.81 -10.88 -6.26
CA GLU A 23 3.20 -9.71 -5.64
C GLU A 23 1.86 -10.10 -5.00
N LEU A 24 1.03 -10.77 -5.78
CA LEU A 24 -0.27 -11.20 -5.31
C LEU A 24 -0.14 -11.76 -3.89
N VAL A 25 0.78 -12.69 -3.74
CA VAL A 25 1.01 -13.31 -2.45
C VAL A 25 1.32 -12.23 -1.41
N THR A 26 2.25 -11.35 -1.78
CA THR A 26 2.65 -10.27 -0.90
C THR A 26 1.44 -9.39 -0.57
N ALA A 27 0.65 -9.11 -1.60
CA ALA A 27 -0.54 -8.29 -1.43
C ALA A 27 -1.49 -8.96 -0.43
N GLU A 28 -1.47 -10.28 -0.45
CA GLU A 28 -2.32 -11.05 0.45
C GLU A 28 -1.76 -11.01 1.87
N ALA A 29 -0.44 -10.96 1.95
CA ALA A 29 0.24 -10.91 3.24
C ALA A 29 -0.15 -9.63 3.97
N VAL A 30 -0.34 -8.58 3.19
CA VAL A 30 -0.71 -7.29 3.76
C VAL A 30 -2.18 -7.32 4.18
N ARG A 31 -2.99 -7.91 3.31
CA ARG A 31 -4.42 -8.01 3.57
C ARG A 31 -4.66 -8.68 4.93
N SER A 32 -3.84 -9.68 5.22
CA SER A 32 -3.95 -10.41 6.47
C SER A 32 -3.74 -9.45 7.65
N VAL A 33 -2.90 -8.45 7.41
CA VAL A 33 -2.60 -7.47 8.44
C VAL A 33 -3.87 -6.70 8.79
N TRP A 34 -4.46 -6.08 7.77
CA TRP A 34 -5.68 -5.32 7.96
C TRP A 34 -6.66 -6.19 8.74
N GLN A 35 -6.86 -7.39 8.24
CA GLN A 35 -7.78 -8.33 8.87
C GLN A 35 -7.46 -8.44 10.36
N ARG A 36 -6.26 -8.91 10.65
CA ARG A 36 -5.83 -9.07 12.04
C ARG A 36 -6.06 -7.77 12.82
N ILE A 37 -5.60 -6.67 12.23
CA ILE A 37 -5.75 -5.37 12.86
C ILE A 37 -7.23 -5.07 13.05
N LEU A 38 -7.88 -4.75 11.94
CA LEU A 38 -9.30 -4.44 11.97
C LEU A 38 -10.08 -5.65 12.48
N PRO A 39 -10.65 -5.50 13.72
CA PRO A 39 -11.41 -6.57 14.33
C PRO A 39 -12.78 -6.71 13.68
N LYS A 40 -13.64 -5.73 13.97
CA LYS A 40 -14.98 -5.73 13.42
C LYS A 40 -14.94 -6.20 11.96
N VAL A 41 -13.94 -5.70 11.25
CA VAL A 41 -13.78 -6.05 9.85
C VAL A 41 -13.59 -7.57 9.74
N LEU A 42 -14.55 -8.20 9.08
CA LEU A 42 -14.51 -9.63 8.89
C LEU A 42 -13.76 -9.96 7.59
N GLU A 43 -14.00 -9.12 6.59
CA GLU A 43 -13.35 -9.30 5.31
C GLU A 43 -12.73 -7.99 4.84
N VAL A 44 -11.54 -8.11 4.27
CA VAL A 44 -10.83 -6.94 3.77
C VAL A 44 -10.65 -7.05 2.25
N GLU A 45 -11.21 -6.09 1.54
CA GLU A 45 -11.14 -6.07 0.10
C GLU A 45 -10.26 -4.90 -0.37
N ASP A 46 -10.26 -4.69 -1.68
CA ASP A 46 -9.48 -3.61 -2.26
C ASP A 46 -10.21 -2.29 -2.06
N SER A 47 -11.50 -2.40 -1.74
CA SER A 47 -12.32 -1.22 -1.51
C SER A 47 -12.45 -0.96 -0.02
N THR A 48 -11.88 -1.86 0.76
CA THR A 48 -11.93 -1.73 2.21
C THR A 48 -11.17 -0.49 2.67
N ASP A 49 -11.63 0.08 3.77
CA ASP A 49 -11.01 1.28 4.32
C ASP A 49 -10.27 0.92 5.60
N PHE A 50 -9.26 1.71 5.91
CA PHE A 50 -8.47 1.50 7.11
C PHE A 50 -9.08 2.21 8.31
N PHE A 51 -9.11 3.54 8.23
CA PHE A 51 -9.67 4.35 9.29
C PHE A 51 -11.15 4.03 9.50
N LYS A 52 -11.92 4.20 8.44
CA LYS A 52 -13.35 3.94 8.51
C LYS A 52 -13.59 2.62 9.25
N SER A 53 -12.94 1.58 8.75
CA SER A 53 -13.08 0.26 9.34
C SER A 53 -13.03 0.37 10.87
N GLY A 54 -11.86 0.72 11.37
CA GLY A 54 -11.67 0.86 12.80
C GLY A 54 -10.18 0.96 13.15
N ALA A 55 -9.46 1.71 12.33
CA ALA A 55 -8.04 1.89 12.54
C ALA A 55 -7.80 3.15 13.38
N ALA A 56 -6.96 3.01 14.39
CA ALA A 56 -6.65 4.13 15.26
C ALA A 56 -5.36 4.80 14.78
N SER A 57 -4.95 5.81 15.53
CA SER A 57 -3.73 6.54 15.20
C SER A 57 -2.51 5.65 15.41
N VAL A 58 -2.71 4.59 16.18
CA VAL A 58 -1.64 3.66 16.47
C VAL A 58 -1.58 2.60 15.36
N ASP A 59 -2.77 2.21 14.90
CA ASP A 59 -2.86 1.22 13.83
C ASP A 59 -2.01 1.66 12.64
N VAL A 60 -2.09 2.95 12.35
CA VAL A 60 -1.33 3.50 11.24
C VAL A 60 0.12 3.03 11.33
N VAL A 61 0.70 3.20 12.51
CA VAL A 61 2.07 2.80 12.74
C VAL A 61 2.16 1.27 12.71
N ARG A 62 1.12 0.64 13.21
CA ARG A 62 1.07 -0.81 13.26
C ARG A 62 1.13 -1.38 11.83
N LEU A 63 0.11 -1.05 11.05
CA LEU A 63 0.04 -1.52 9.68
C LEU A 63 1.37 -1.26 8.98
N VAL A 64 1.86 -0.03 9.13
CA VAL A 64 3.12 0.36 8.52
C VAL A 64 4.24 -0.52 9.09
N GLU A 65 4.20 -0.69 10.40
CA GLU A 65 5.21 -1.50 11.07
C GLU A 65 5.12 -2.95 10.60
N GLU A 66 3.89 -3.42 10.47
CA GLU A 66 3.66 -4.79 10.04
C GLU A 66 4.22 -5.00 8.63
N VAL A 67 3.73 -4.18 7.71
CA VAL A 67 4.17 -4.26 6.33
C VAL A 67 5.69 -4.08 6.26
N LYS A 68 6.22 -3.44 7.30
CA LYS A 68 7.65 -3.18 7.37
C LYS A 68 8.39 -4.52 7.45
N GLU A 69 7.83 -5.43 8.24
CA GLU A 69 8.43 -6.74 8.41
C GLU A 69 8.27 -7.56 7.14
N LEU A 70 7.26 -7.20 6.36
CA LEU A 70 6.98 -7.90 5.11
C LEU A 70 8.15 -7.69 4.14
N CYS A 71 8.53 -6.43 3.99
CA CYS A 71 9.63 -6.10 3.10
C CYS A 71 10.90 -5.98 3.93
N ASP A 72 10.73 -6.17 5.23
CA ASP A 72 11.86 -6.10 6.15
C ASP A 72 12.46 -4.69 6.10
N GLY A 73 11.70 -3.74 6.62
CA GLY A 73 12.14 -2.35 6.64
C GLY A 73 11.56 -1.58 5.46
N LEU A 74 10.29 -1.86 5.17
CA LEU A 74 9.61 -1.19 4.07
C LEU A 74 9.65 0.32 4.29
N GLU A 75 10.02 1.03 3.24
CA GLU A 75 10.09 2.48 3.30
C GLU A 75 8.68 3.09 3.30
N LEU A 76 7.92 2.73 4.33
CA LEU A 76 6.58 3.23 4.47
C LEU A 76 6.53 4.29 5.57
N GLU A 77 5.59 5.21 5.43
CA GLU A 77 5.43 6.28 6.40
C GLU A 77 3.95 6.54 6.67
N ASN A 78 3.68 7.00 7.89
CA ASN A 78 2.31 7.29 8.29
C ASN A 78 1.61 8.08 7.18
N GLU A 79 2.40 8.88 6.47
CA GLU A 79 1.87 9.68 5.39
C GLU A 79 1.22 8.78 4.33
N ASP A 80 1.97 7.78 3.91
CA ASP A 80 1.48 6.84 2.91
C ASP A 80 0.09 6.36 3.31
N VAL A 81 -0.04 6.00 4.58
CA VAL A 81 -1.32 5.53 5.09
C VAL A 81 -2.36 6.63 4.97
N TYR A 82 -1.95 7.84 5.33
CA TYR A 82 -2.84 8.98 5.25
C TYR A 82 -3.21 9.29 3.80
N MET A 83 -2.48 8.68 2.89
CA MET A 83 -2.72 8.88 1.47
C MET A 83 -3.63 7.78 0.91
N ALA A 84 -3.30 6.54 1.28
CA ALA A 84 -4.06 5.40 0.83
C ALA A 84 -4.76 4.75 2.02
N SER A 85 -5.93 5.29 2.35
CA SER A 85 -6.70 4.77 3.47
C SER A 85 -7.33 3.43 3.09
N THR A 86 -7.57 3.26 1.80
CA THR A 86 -8.15 2.03 1.31
C THR A 86 -7.05 1.04 0.89
N PHE A 87 -7.32 -0.23 1.17
CA PHE A 87 -6.36 -1.28 0.83
C PHE A 87 -6.02 -1.24 -0.66
N GLY A 88 -7.05 -1.40 -1.48
CA GLY A 88 -6.87 -1.39 -2.92
C GLY A 88 -5.79 -0.38 -3.33
N ASP A 89 -6.04 0.87 -3.01
CA ASP A 89 -5.10 1.93 -3.33
C ASP A 89 -3.75 1.64 -2.67
N PHE A 90 -3.79 1.52 -1.35
CA PHE A 90 -2.59 1.23 -0.59
C PHE A 90 -1.72 0.19 -1.30
N ILE A 91 -2.34 -0.94 -1.59
CA ILE A 91 -1.64 -2.03 -2.26
C ILE A 91 -0.79 -1.46 -3.40
N GLN A 92 -1.46 -0.72 -4.28
CA GLN A 92 -0.79 -0.11 -5.42
C GLN A 92 0.46 0.64 -4.95
N LEU A 93 0.28 1.44 -3.91
CA LEU A 93 1.38 2.22 -3.36
C LEU A 93 2.44 1.27 -2.80
N LEU A 94 1.96 0.28 -2.06
CA LEU A 94 2.85 -0.70 -1.45
C LEU A 94 3.65 -1.39 -2.56
N VAL A 95 2.92 -2.03 -3.46
CA VAL A 95 3.56 -2.73 -4.57
C VAL A 95 4.67 -1.87 -5.15
N ARG A 96 4.38 -0.58 -5.26
CA ARG A 96 5.36 0.37 -5.80
C ARG A 96 6.62 0.37 -4.94
N LYS A 97 6.40 0.50 -3.63
CA LYS A 97 7.51 0.53 -2.70
C LYS A 97 8.22 -0.82 -2.72
N LEU A 98 7.43 -1.88 -2.86
CA LEU A 98 7.97 -3.22 -2.91
C LEU A 98 8.83 -3.39 -4.15
N ARG A 99 8.22 -3.11 -5.30
CA ARG A 99 8.92 -3.23 -6.56
C ARG A 99 10.29 -2.57 -6.48
N GLY A 100 10.29 -1.32 -6.01
CA GLY A 100 11.52 -0.57 -5.88
C GLY A 100 11.55 0.61 -6.86
N ASP A 101 10.71 1.59 -6.58
CA ASP A 101 10.63 2.77 -7.43
C ASP A 101 10.23 2.36 -8.84
N ASP A 102 9.76 3.34 -9.60
CA ASP A 102 9.34 3.08 -10.97
C ASP A 102 10.49 3.39 -11.92
N GLU A 103 10.67 2.51 -12.89
CA GLU A 103 11.74 2.68 -13.87
C GLU A 103 11.47 3.92 -14.73
N GLU A 104 12.22 4.98 -14.42
CA GLU A 104 12.07 6.23 -15.15
C GLU A 104 13.06 7.27 -14.61
N SER A 105 13.35 8.25 -15.45
CA SER A 105 14.27 9.31 -15.08
C SER A 105 13.61 10.68 -15.27
N GLY A 106 13.79 11.53 -14.28
CA GLY A 106 13.21 12.87 -14.32
C GLY A 106 14.06 13.80 -15.20
N PRO A 107 13.38 14.84 -15.75
CA PRO A 107 14.05 15.80 -16.61
C PRO A 107 14.91 16.75 -15.78
N SER A 108 15.85 16.17 -15.04
CA SER A 108 16.74 16.96 -14.21
C SER A 108 15.94 17.81 -13.23
N SER A 109 16.65 18.49 -12.36
CA SER A 109 16.01 19.34 -11.36
C SER A 109 17.03 20.35 -10.81
N GLY A 110 18.06 19.81 -10.19
CA GLY A 110 19.10 20.65 -9.61
C GLY A 110 19.94 21.32 -10.71
N GLY A 1 6.13 -6.40 -19.95
CA GLY A 1 5.53 -5.22 -20.55
C GLY A 1 4.13 -4.98 -19.98
N SER A 2 3.72 -3.72 -20.00
CA SER A 2 2.42 -3.35 -19.49
C SER A 2 2.18 -1.85 -19.70
N SER A 3 1.14 -1.55 -20.47
CA SER A 3 0.81 -0.16 -20.76
C SER A 3 -0.48 -0.10 -21.59
N GLY A 4 -1.44 0.64 -21.08
CA GLY A 4 -2.72 0.79 -21.75
C GLY A 4 -3.87 0.35 -20.85
N SER A 5 -4.61 1.34 -20.37
CA SER A 5 -5.74 1.07 -19.50
C SER A 5 -7.04 1.54 -20.17
N SER A 6 -8.14 0.94 -19.74
CA SER A 6 -9.44 1.29 -20.28
C SER A 6 -9.66 2.79 -20.19
N GLY A 7 -9.87 3.25 -18.95
CA GLY A 7 -10.09 4.66 -18.71
C GLY A 7 -11.17 4.88 -17.65
N PHE A 8 -10.88 5.79 -16.73
CA PHE A 8 -11.82 6.09 -15.66
C PHE A 8 -13.03 6.86 -16.18
N PHE A 9 -14.18 6.57 -15.61
CA PHE A 9 -15.41 7.22 -16.01
C PHE A 9 -15.99 8.05 -14.87
N LYS A 10 -16.22 9.33 -15.15
CA LYS A 10 -16.77 10.23 -14.15
C LYS A 10 -16.12 9.94 -12.80
N GLY A 11 -16.81 10.36 -11.75
CA GLY A 11 -16.32 10.17 -10.39
C GLY A 11 -14.91 10.72 -10.24
N ALA A 12 -13.94 9.82 -10.22
CA ALA A 12 -12.55 10.21 -10.08
C ALA A 12 -11.65 9.06 -10.50
N ALA A 13 -10.46 9.41 -10.98
CA ALA A 13 -9.51 8.41 -11.43
C ALA A 13 -9.28 7.40 -10.31
N SER A 14 -8.69 6.27 -10.69
CA SER A 14 -8.41 5.22 -9.73
C SER A 14 -6.98 4.70 -9.94
N SER A 15 -6.74 4.17 -11.12
CA SER A 15 -5.43 3.63 -11.46
C SER A 15 -5.08 2.48 -10.50
N VAL A 16 -4.84 1.32 -11.09
CA VAL A 16 -4.49 0.14 -10.32
C VAL A 16 -3.25 -0.52 -10.92
N LEU A 17 -2.48 -1.18 -10.07
CA LEU A 17 -1.28 -1.85 -10.50
C LEU A 17 -1.55 -3.35 -10.63
N GLU A 18 -0.94 -3.96 -11.64
CA GLU A 18 -1.11 -5.38 -11.87
C GLU A 18 -0.12 -6.18 -11.04
N LEU A 19 -0.66 -6.95 -10.10
CA LEU A 19 0.17 -7.77 -9.23
C LEU A 19 0.82 -8.88 -10.06
N THR A 20 1.63 -9.68 -9.38
CA THR A 20 2.32 -10.78 -10.03
C THR A 20 2.14 -12.08 -9.23
N GLU A 21 3.05 -13.01 -9.47
CA GLU A 21 3.01 -14.28 -8.78
C GLU A 21 3.48 -14.12 -7.34
N ALA A 22 4.51 -13.31 -7.16
CA ALA A 22 5.06 -13.06 -5.84
C ALA A 22 4.25 -11.97 -5.16
N GLU A 23 4.19 -10.81 -5.80
CA GLU A 23 3.45 -9.68 -5.26
C GLU A 23 2.10 -10.15 -4.71
N LEU A 24 1.37 -10.87 -5.55
CA LEU A 24 0.07 -11.38 -5.17
C LEU A 24 0.14 -11.92 -3.74
N VAL A 25 1.09 -12.81 -3.53
CA VAL A 25 1.27 -13.41 -2.22
C VAL A 25 1.47 -12.31 -1.17
N THR A 26 2.33 -11.36 -1.51
CA THR A 26 2.61 -10.24 -0.62
C THR A 26 1.33 -9.44 -0.35
N ALA A 27 0.60 -9.17 -1.43
CA ALA A 27 -0.64 -8.42 -1.32
C ALA A 27 -1.56 -9.13 -0.33
N GLU A 28 -1.52 -10.46 -0.36
CA GLU A 28 -2.35 -11.25 0.52
C GLU A 28 -1.83 -11.18 1.96
N ALA A 29 -0.51 -11.15 2.07
CA ALA A 29 0.13 -11.08 3.38
C ALA A 29 -0.28 -9.77 4.07
N VAL A 30 -0.22 -8.70 3.31
CA VAL A 30 -0.57 -7.39 3.83
C VAL A 30 -2.05 -7.39 4.23
N ARG A 31 -2.87 -7.92 3.34
CA ARG A 31 -4.31 -8.00 3.59
C ARG A 31 -4.58 -8.62 4.95
N SER A 32 -3.80 -9.64 5.28
CA SER A 32 -3.95 -10.32 6.55
C SER A 32 -3.68 -9.35 7.70
N VAL A 33 -2.76 -8.43 7.45
CA VAL A 33 -2.40 -7.44 8.45
C VAL A 33 -3.62 -6.59 8.78
N TRP A 34 -4.29 -6.14 7.73
CA TRP A 34 -5.48 -5.31 7.90
C TRP A 34 -6.49 -6.11 8.72
N GLN A 35 -6.86 -7.26 8.19
CA GLN A 35 -7.81 -8.12 8.87
C GLN A 35 -7.41 -8.34 10.32
N ARG A 36 -6.20 -8.85 10.49
CA ARG A 36 -5.68 -9.12 11.81
C ARG A 36 -5.92 -7.91 12.73
N ILE A 37 -5.60 -6.74 12.20
CA ILE A 37 -5.77 -5.51 12.94
C ILE A 37 -7.26 -5.22 13.12
N LEU A 38 -7.90 -4.85 12.02
CA LEU A 38 -9.32 -4.56 12.05
C LEU A 38 -10.10 -5.80 12.48
N PRO A 39 -10.67 -5.72 13.71
CA PRO A 39 -11.43 -6.83 14.26
C PRO A 39 -12.80 -6.93 13.58
N LYS A 40 -13.67 -5.98 13.90
CA LYS A 40 -15.01 -5.96 13.33
C LYS A 40 -14.93 -6.35 11.85
N VAL A 41 -13.92 -5.81 11.18
CA VAL A 41 -13.73 -6.09 9.76
C VAL A 41 -13.63 -7.60 9.56
N LEU A 42 -14.63 -8.14 8.87
CA LEU A 42 -14.65 -9.57 8.60
C LEU A 42 -13.90 -9.85 7.31
N GLU A 43 -13.96 -8.89 6.39
CA GLU A 43 -13.28 -9.03 5.11
C GLU A 43 -12.63 -7.71 4.72
N VAL A 44 -11.50 -7.82 4.02
CA VAL A 44 -10.78 -6.65 3.58
C VAL A 44 -10.73 -6.62 2.04
N GLU A 45 -11.40 -5.63 1.48
CA GLU A 45 -11.45 -5.50 0.03
C GLU A 45 -10.65 -4.26 -0.40
N ASP A 46 -10.67 -4.01 -1.71
CA ASP A 46 -9.97 -2.87 -2.27
C ASP A 46 -10.80 -1.60 -2.06
N SER A 47 -11.93 -1.78 -1.40
CA SER A 47 -12.82 -0.66 -1.13
C SER A 47 -12.90 -0.40 0.37
N THR A 48 -12.24 -1.27 1.12
CA THR A 48 -12.21 -1.14 2.57
C THR A 48 -11.22 -0.06 3.00
N ASP A 49 -11.74 0.96 3.66
CA ASP A 49 -10.92 2.05 4.14
C ASP A 49 -10.36 1.71 5.51
N PHE A 50 -9.04 1.64 5.58
CA PHE A 50 -8.36 1.32 6.82
C PHE A 50 -9.02 2.04 8.00
N PHE A 51 -9.38 3.29 7.77
CA PHE A 51 -10.01 4.10 8.80
C PHE A 51 -11.47 3.70 8.98
N LYS A 52 -12.24 3.90 7.92
CA LYS A 52 -13.66 3.56 7.95
C LYS A 52 -13.86 2.26 8.72
N SER A 53 -12.86 1.39 8.61
CA SER A 53 -12.91 0.11 9.29
C SER A 53 -12.89 0.31 10.81
N GLY A 54 -11.78 0.86 11.28
CA GLY A 54 -11.63 1.12 12.71
C GLY A 54 -10.15 1.20 13.09
N ALA A 55 -9.39 1.87 12.24
CA ALA A 55 -7.96 2.03 12.48
C ALA A 55 -7.72 3.32 13.27
N ALA A 56 -7.00 3.18 14.38
CA ALA A 56 -6.69 4.31 15.22
C ALA A 56 -5.45 5.03 14.68
N SER A 57 -4.89 5.89 15.51
CA SER A 57 -3.70 6.64 15.12
C SER A 57 -2.45 5.80 15.35
N VAL A 58 -2.63 4.69 16.07
CA VAL A 58 -1.53 3.80 16.36
C VAL A 58 -1.48 2.70 15.29
N ASP A 59 -2.65 2.28 14.86
CA ASP A 59 -2.75 1.24 13.84
C ASP A 59 -2.00 1.68 12.60
N VAL A 60 -2.08 2.98 12.31
CA VAL A 60 -1.41 3.54 11.15
C VAL A 60 0.05 3.08 11.15
N VAL A 61 0.70 3.28 12.29
CA VAL A 61 2.10 2.89 12.42
C VAL A 61 2.21 1.37 12.42
N ARG A 62 1.25 0.74 13.08
CA ARG A 62 1.22 -0.71 13.17
C ARG A 62 1.27 -1.32 11.76
N LEU A 63 0.30 -0.94 10.96
CA LEU A 63 0.22 -1.44 9.59
C LEU A 63 1.54 -1.18 8.88
N VAL A 64 2.03 0.04 9.02
CA VAL A 64 3.29 0.42 8.40
C VAL A 64 4.42 -0.45 8.97
N GLU A 65 4.34 -0.70 10.26
CA GLU A 65 5.33 -1.50 10.94
C GLU A 65 5.24 -2.96 10.48
N GLU A 66 4.00 -3.43 10.38
CA GLU A 66 3.75 -4.80 9.95
C GLU A 66 4.30 -5.03 8.54
N VAL A 67 3.82 -4.21 7.61
CA VAL A 67 4.26 -4.31 6.23
C VAL A 67 5.78 -4.14 6.16
N LYS A 68 6.32 -3.50 7.19
CA LYS A 68 7.75 -3.27 7.25
C LYS A 68 8.46 -4.62 7.35
N GLU A 69 7.89 -5.50 8.15
CA GLU A 69 8.47 -6.83 8.33
C GLU A 69 8.25 -7.68 7.08
N LEU A 70 7.28 -7.27 6.28
CA LEU A 70 6.97 -7.98 5.06
C LEU A 70 8.11 -7.80 4.06
N CYS A 71 8.50 -6.54 3.89
CA CYS A 71 9.59 -6.23 2.97
C CYS A 71 10.88 -6.07 3.78
N ASP A 72 10.75 -6.25 5.08
CA ASP A 72 11.88 -6.13 5.98
C ASP A 72 12.44 -4.71 5.90
N GLY A 73 11.76 -3.80 6.58
CA GLY A 73 12.17 -2.42 6.60
C GLY A 73 11.62 -1.65 5.39
N LEU A 74 10.37 -1.97 5.06
CA LEU A 74 9.72 -1.32 3.94
C LEU A 74 9.73 0.19 4.13
N GLU A 75 10.11 0.89 3.06
CA GLU A 75 10.16 2.34 3.11
C GLU A 75 8.75 2.93 3.12
N LEU A 76 8.00 2.57 4.14
CA LEU A 76 6.63 3.06 4.28
C LEU A 76 6.58 4.09 5.41
N GLU A 77 5.71 5.07 5.22
CA GLU A 77 5.54 6.12 6.22
C GLU A 77 4.09 6.20 6.66
N ASN A 78 3.91 6.54 7.94
CA ASN A 78 2.58 6.65 8.50
C ASN A 78 1.67 7.35 7.50
N GLU A 79 2.22 8.35 6.84
CA GLU A 79 1.47 9.11 5.86
C GLU A 79 0.89 8.17 4.80
N ASP A 80 1.76 7.31 4.27
CA ASP A 80 1.35 6.36 3.25
C ASP A 80 -0.05 5.86 3.57
N VAL A 81 -0.32 5.72 4.86
CA VAL A 81 -1.62 5.23 5.32
C VAL A 81 -2.66 6.34 5.12
N TYR A 82 -2.38 7.49 5.73
CA TYR A 82 -3.29 8.62 5.63
C TYR A 82 -3.51 9.02 4.17
N MET A 83 -2.64 8.51 3.32
CA MET A 83 -2.73 8.80 1.89
C MET A 83 -3.60 7.77 1.17
N ALA A 84 -3.37 6.51 1.52
CA ALA A 84 -4.14 5.42 0.92
C ALA A 84 -4.87 4.65 2.02
N SER A 85 -5.91 5.27 2.55
CA SER A 85 -6.69 4.65 3.60
C SER A 85 -7.27 3.32 3.12
N THR A 86 -7.64 3.31 1.84
CA THR A 86 -8.21 2.11 1.24
C THR A 86 -7.10 1.12 0.86
N PHE A 87 -7.39 -0.15 1.08
CA PHE A 87 -6.43 -1.20 0.78
C PHE A 87 -6.02 -1.15 -0.70
N GLY A 88 -7.03 -1.19 -1.56
CA GLY A 88 -6.79 -1.15 -2.99
C GLY A 88 -5.71 -0.14 -3.34
N ASP A 89 -5.96 1.11 -2.97
CA ASP A 89 -5.02 2.17 -3.24
C ASP A 89 -3.70 1.88 -2.53
N PHE A 90 -3.81 1.59 -1.24
CA PHE A 90 -2.64 1.28 -0.43
C PHE A 90 -1.73 0.27 -1.14
N ILE A 91 -2.36 -0.80 -1.63
CA ILE A 91 -1.62 -1.84 -2.32
C ILE A 91 -0.81 -1.21 -3.45
N GLN A 92 -1.48 -0.40 -4.24
CA GLN A 92 -0.82 0.27 -5.36
C GLN A 92 0.45 0.97 -4.89
N LEU A 93 0.32 1.67 -3.77
CA LEU A 93 1.44 2.39 -3.20
C LEU A 93 2.49 1.39 -2.72
N LEU A 94 2.02 0.38 -1.99
CA LEU A 94 2.90 -0.64 -1.47
C LEU A 94 3.64 -1.31 -2.62
N VAL A 95 2.86 -1.90 -3.53
CA VAL A 95 3.44 -2.58 -4.68
C VAL A 95 4.50 -1.68 -5.31
N ARG A 96 4.22 -0.39 -5.33
CA ARG A 96 5.14 0.58 -5.89
C ARG A 96 6.46 0.58 -5.11
N LYS A 97 6.32 0.59 -3.79
CA LYS A 97 7.48 0.59 -2.92
C LYS A 97 8.19 -0.76 -3.02
N LEU A 98 7.38 -1.80 -3.19
CA LEU A 98 7.91 -3.15 -3.29
C LEU A 98 8.70 -3.28 -4.59
N ARG A 99 8.04 -2.95 -5.69
CA ARG A 99 8.66 -3.02 -6.99
C ARG A 99 10.02 -2.32 -6.98
N GLY A 100 10.01 -1.08 -6.47
CA GLY A 100 11.23 -0.31 -6.39
C GLY A 100 11.54 0.10 -4.95
N ASP A 101 12.38 -0.71 -4.31
CA ASP A 101 12.76 -0.44 -2.93
C ASP A 101 14.29 -0.38 -2.84
N ASP A 102 14.76 0.67 -2.19
CA ASP A 102 16.19 0.86 -2.01
C ASP A 102 16.44 1.92 -0.94
N GLU A 103 16.87 1.45 0.22
CA GLU A 103 17.14 2.33 1.33
C GLU A 103 17.85 3.60 0.84
N GLU A 104 17.21 4.73 1.07
CA GLU A 104 17.76 6.01 0.66
C GLU A 104 18.13 6.85 1.88
N SER A 105 17.11 7.19 2.67
CA SER A 105 17.32 7.97 3.87
C SER A 105 17.66 7.06 5.05
N GLY A 106 18.69 7.45 5.78
CA GLY A 106 19.12 6.68 6.93
C GLY A 106 20.52 6.10 6.72
N PRO A 107 20.97 5.27 7.70
CA PRO A 107 22.28 4.66 7.63
C PRO A 107 22.30 3.52 6.62
N SER A 108 23.48 3.25 6.08
CA SER A 108 23.64 2.20 5.10
C SER A 108 23.26 0.85 5.71
N SER A 109 22.80 -0.05 4.86
CA SER A 109 22.38 -1.37 5.30
C SER A 109 21.09 -1.27 6.11
N GLY A 110 21.20 -0.62 7.27
CA GLY A 110 20.06 -0.45 8.14
C GLY A 110 20.39 -0.89 9.57
N GLY A 1 3.75 -11.71 -31.14
CA GLY A 1 2.62 -12.46 -30.62
C GLY A 1 1.44 -12.41 -31.60
N SER A 2 0.25 -12.18 -31.03
CA SER A 2 -0.95 -12.10 -31.84
C SER A 2 -2.08 -11.48 -31.02
N SER A 3 -2.88 -10.66 -31.69
CA SER A 3 -4.00 -10.00 -31.03
C SER A 3 -3.49 -9.15 -29.88
N GLY A 4 -3.65 -7.83 -30.04
CA GLY A 4 -3.21 -6.91 -29.02
C GLY A 4 -1.73 -6.55 -29.18
N SER A 5 -1.32 -5.49 -28.50
CA SER A 5 0.06 -5.06 -28.57
C SER A 5 0.76 -5.32 -27.24
N SER A 6 2.09 -5.35 -27.29
CA SER A 6 2.88 -5.61 -26.10
C SER A 6 4.24 -4.92 -26.23
N GLY A 7 4.27 -3.65 -25.85
CA GLY A 7 5.50 -2.88 -25.91
C GLY A 7 5.21 -1.37 -25.85
N PHE A 8 5.71 -0.74 -24.80
CA PHE A 8 5.50 0.68 -24.62
C PHE A 8 6.65 1.48 -25.24
N PHE A 9 6.30 2.62 -25.80
CA PHE A 9 7.28 3.50 -26.43
C PHE A 9 7.86 4.49 -25.42
N LYS A 10 6.96 5.21 -24.77
CA LYS A 10 7.37 6.20 -23.78
C LYS A 10 6.24 6.39 -22.77
N GLY A 11 6.45 5.82 -21.59
CA GLY A 11 5.46 5.91 -20.52
C GLY A 11 5.54 7.28 -19.84
N ALA A 12 4.41 7.68 -19.26
CA ALA A 12 4.33 8.95 -18.58
C ALA A 12 3.34 8.83 -17.41
N ALA A 13 2.11 8.51 -17.74
CA ALA A 13 1.08 8.36 -16.73
C ALA A 13 1.12 6.94 -16.16
N SER A 14 0.34 6.73 -15.11
CA SER A 14 0.28 5.43 -14.47
C SER A 14 -1.11 5.18 -13.90
N SER A 15 -1.66 4.02 -14.24
CA SER A 15 -2.98 3.66 -13.78
C SER A 15 -2.94 2.30 -13.08
N VAL A 16 -2.99 2.35 -11.76
CA VAL A 16 -2.95 1.14 -10.96
C VAL A 16 -1.78 0.25 -11.43
N LEU A 17 -1.57 -0.82 -10.70
CA LEU A 17 -0.50 -1.74 -11.02
C LEU A 17 -1.03 -3.17 -11.01
N GLU A 18 -0.47 -3.99 -11.90
CA GLU A 18 -0.88 -5.38 -12.00
C GLU A 18 0.03 -6.28 -11.16
N LEU A 19 -0.57 -6.89 -10.15
CA LEU A 19 0.17 -7.77 -9.27
C LEU A 19 0.82 -8.88 -10.10
N THR A 20 1.50 -9.78 -9.39
CA THR A 20 2.17 -10.90 -10.05
C THR A 20 2.03 -12.16 -9.20
N GLU A 21 2.88 -13.14 -9.51
CA GLU A 21 2.86 -14.40 -8.78
C GLU A 21 3.32 -14.19 -7.35
N ALA A 22 4.34 -13.35 -7.20
CA ALA A 22 4.89 -13.06 -5.88
C ALA A 22 4.08 -11.93 -5.24
N GLU A 23 4.10 -10.78 -5.91
CA GLU A 23 3.38 -9.62 -5.41
C GLU A 23 2.05 -10.04 -4.81
N LEU A 24 1.31 -10.84 -5.56
CA LEU A 24 0.01 -11.32 -5.12
C LEU A 24 0.14 -11.87 -3.70
N VAL A 25 1.08 -12.79 -3.53
CA VAL A 25 1.30 -13.40 -2.23
C VAL A 25 1.51 -12.29 -1.19
N THR A 26 2.40 -11.37 -1.52
CA THR A 26 2.69 -10.26 -0.62
C THR A 26 1.42 -9.45 -0.35
N ALA A 27 0.72 -9.14 -1.43
CA ALA A 27 -0.51 -8.37 -1.31
C ALA A 27 -1.47 -9.08 -0.36
N GLU A 28 -1.43 -10.40 -0.40
CA GLU A 28 -2.28 -11.20 0.46
C GLU A 28 -1.77 -11.18 1.90
N ALA A 29 -0.45 -11.11 2.02
CA ALA A 29 0.18 -11.08 3.34
C ALA A 29 -0.25 -9.79 4.06
N VAL A 30 -0.23 -8.70 3.33
CA VAL A 30 -0.61 -7.41 3.89
C VAL A 30 -2.08 -7.45 4.29
N ARG A 31 -2.90 -7.95 3.37
CA ARG A 31 -4.32 -8.05 3.61
C ARG A 31 -4.59 -8.67 4.98
N SER A 32 -3.80 -9.68 5.30
CA SER A 32 -3.93 -10.37 6.57
C SER A 32 -3.70 -9.39 7.72
N VAL A 33 -2.79 -8.46 7.49
CA VAL A 33 -2.48 -7.46 8.49
C VAL A 33 -3.73 -6.67 8.84
N TRP A 34 -4.30 -6.05 7.82
CA TRP A 34 -5.51 -5.26 7.98
C TRP A 34 -6.50 -6.08 8.81
N GLN A 35 -6.82 -7.25 8.29
CA GLN A 35 -7.75 -8.14 8.96
C GLN A 35 -7.32 -8.37 10.41
N ARG A 36 -6.12 -8.91 10.55
CA ARG A 36 -5.57 -9.17 11.88
C ARG A 36 -5.79 -7.98 12.79
N ILE A 37 -5.55 -6.79 12.25
CA ILE A 37 -5.72 -5.57 13.00
C ILE A 37 -7.21 -5.30 13.22
N LEU A 38 -7.87 -4.94 12.13
CA LEU A 38 -9.30 -4.66 12.19
C LEU A 38 -10.05 -5.94 12.55
N PRO A 39 -10.65 -5.93 13.77
CA PRO A 39 -11.41 -7.09 14.24
C PRO A 39 -12.77 -7.17 13.55
N LYS A 40 -13.64 -6.25 13.90
CA LYS A 40 -14.96 -6.20 13.32
C LYS A 40 -14.88 -6.53 11.82
N VAL A 41 -13.87 -5.95 11.18
CA VAL A 41 -13.66 -6.17 9.76
C VAL A 41 -13.54 -7.67 9.50
N LEU A 42 -14.54 -8.20 8.81
CA LEU A 42 -14.55 -9.61 8.48
C LEU A 42 -13.85 -9.83 7.13
N GLU A 43 -14.03 -8.86 6.25
CA GLU A 43 -13.43 -8.93 4.93
C GLU A 43 -12.75 -7.60 4.58
N VAL A 44 -11.58 -7.71 3.98
CA VAL A 44 -10.82 -6.53 3.60
C VAL A 44 -10.73 -6.47 2.07
N GLU A 45 -11.45 -5.50 1.52
CA GLU A 45 -11.47 -5.31 0.08
C GLU A 45 -10.76 -4.01 -0.30
N ASP A 46 -10.71 -3.75 -1.60
CA ASP A 46 -10.06 -2.55 -2.10
C ASP A 46 -10.92 -1.34 -1.77
N SER A 47 -12.13 -1.62 -1.31
CA SER A 47 -13.06 -0.55 -0.95
C SER A 47 -13.01 -0.29 0.55
N THR A 48 -12.42 -1.24 1.27
CA THR A 48 -12.30 -1.12 2.71
C THR A 48 -11.30 -0.02 3.08
N ASP A 49 -11.79 0.95 3.82
CA ASP A 49 -10.95 2.06 4.25
C ASP A 49 -10.37 1.75 5.63
N PHE A 50 -9.04 1.73 5.68
CA PHE A 50 -8.34 1.45 6.92
C PHE A 50 -8.97 2.23 8.09
N PHE A 51 -9.51 3.39 7.75
CA PHE A 51 -10.13 4.24 8.76
C PHE A 51 -11.60 3.85 8.96
N LYS A 52 -12.39 4.05 7.92
CA LYS A 52 -13.80 3.72 7.98
C LYS A 52 -13.99 2.40 8.73
N SER A 53 -12.98 1.55 8.61
CA SER A 53 -13.02 0.25 9.26
C SER A 53 -13.06 0.43 10.78
N GLY A 54 -11.89 0.72 11.35
CA GLY A 54 -11.78 0.92 12.78
C GLY A 54 -10.31 0.98 13.21
N ALA A 55 -9.51 1.65 12.39
CA ALA A 55 -8.09 1.79 12.68
C ALA A 55 -7.86 3.10 13.42
N ALA A 56 -7.11 2.99 14.52
CA ALA A 56 -6.81 4.15 15.34
C ALA A 56 -5.58 4.86 14.76
N SER A 57 -4.98 5.71 15.59
CA SER A 57 -3.80 6.45 15.18
C SER A 57 -2.54 5.60 15.40
N VAL A 58 -2.73 4.48 16.10
CA VAL A 58 -1.64 3.57 16.37
C VAL A 58 -1.54 2.53 15.26
N ASP A 59 -2.71 2.08 14.82
CA ASP A 59 -2.77 1.08 13.77
C ASP A 59 -1.97 1.57 12.56
N VAL A 60 -2.02 2.88 12.35
CA VAL A 60 -1.32 3.49 11.24
C VAL A 60 0.16 3.07 11.29
N VAL A 61 0.75 3.23 12.46
CA VAL A 61 2.14 2.88 12.66
C VAL A 61 2.29 1.36 12.65
N ARG A 62 1.26 0.69 13.15
CA ARG A 62 1.26 -0.76 13.19
C ARG A 62 1.28 -1.34 11.78
N LEU A 63 0.25 -1.01 11.02
CA LEU A 63 0.13 -1.48 9.65
C LEU A 63 1.45 -1.23 8.92
N VAL A 64 1.96 -0.02 9.10
CA VAL A 64 3.21 0.37 8.46
C VAL A 64 4.34 -0.50 9.00
N GLU A 65 4.35 -0.66 10.33
CA GLU A 65 5.38 -1.45 10.98
C GLU A 65 5.27 -2.91 10.52
N GLU A 66 4.04 -3.39 10.42
CA GLU A 66 3.80 -4.75 10.01
C GLU A 66 4.32 -4.99 8.59
N VAL A 67 3.83 -4.17 7.67
CA VAL A 67 4.24 -4.27 6.28
C VAL A 67 5.76 -4.09 6.20
N LYS A 68 6.31 -3.45 7.21
CA LYS A 68 7.74 -3.20 7.26
C LYS A 68 8.48 -4.54 7.35
N GLU A 69 7.96 -5.42 8.19
CA GLU A 69 8.55 -6.73 8.36
C GLU A 69 8.36 -7.58 7.11
N LEU A 70 7.34 -7.22 6.35
CA LEU A 70 7.04 -7.94 5.12
C LEU A 70 8.17 -7.74 4.12
N CYS A 71 8.54 -6.48 3.93
CA CYS A 71 9.62 -6.14 3.02
C CYS A 71 10.91 -6.01 3.82
N ASP A 72 10.79 -6.21 5.12
CA ASP A 72 11.93 -6.13 6.01
C ASP A 72 12.52 -4.71 5.95
N GLY A 73 11.77 -3.78 6.52
CA GLY A 73 12.18 -2.39 6.54
C GLY A 73 11.61 -1.62 5.35
N LEU A 74 10.35 -1.91 5.06
CA LEU A 74 9.67 -1.26 3.95
C LEU A 74 9.72 0.26 4.15
N GLU A 75 9.90 0.96 3.04
CA GLU A 75 9.97 2.41 3.07
C GLU A 75 8.57 3.01 3.14
N LEU A 76 7.85 2.64 4.19
CA LEU A 76 6.50 3.13 4.38
C LEU A 76 6.49 4.18 5.49
N GLU A 77 5.58 5.13 5.35
CA GLU A 77 5.46 6.20 6.34
C GLU A 77 3.99 6.43 6.69
N ASN A 78 3.77 6.93 7.89
CA ASN A 78 2.43 7.20 8.36
C ASN A 78 1.64 7.92 7.26
N GLU A 79 2.38 8.70 6.48
CA GLU A 79 1.76 9.45 5.39
C GLU A 79 1.10 8.49 4.40
N ASP A 80 1.87 7.50 3.97
CA ASP A 80 1.37 6.51 3.02
C ASP A 80 -0.02 6.06 3.46
N VAL A 81 -0.13 5.69 4.73
CA VAL A 81 -1.39 5.23 5.28
C VAL A 81 -2.44 6.32 5.09
N TYR A 82 -2.04 7.55 5.37
CA TYR A 82 -2.93 8.69 5.23
C TYR A 82 -3.27 8.95 3.76
N MET A 83 -2.32 8.59 2.91
CA MET A 83 -2.51 8.78 1.47
C MET A 83 -3.46 7.73 0.89
N ALA A 84 -3.23 6.49 1.30
CA ALA A 84 -4.05 5.39 0.83
C ALA A 84 -4.72 4.70 2.02
N SER A 85 -5.88 5.22 2.38
CA SER A 85 -6.63 4.67 3.51
C SER A 85 -7.24 3.32 3.12
N THR A 86 -7.58 3.21 1.84
CA THR A 86 -8.17 1.98 1.33
C THR A 86 -7.08 1.00 0.88
N PHE A 87 -7.29 -0.27 1.21
CA PHE A 87 -6.34 -1.30 0.85
C PHE A 87 -5.94 -1.19 -0.63
N GLY A 88 -6.96 -1.06 -1.46
CA GLY A 88 -6.73 -0.95 -2.90
C GLY A 88 -5.65 0.09 -3.20
N ASP A 89 -5.95 1.33 -2.86
CA ASP A 89 -5.02 2.42 -3.10
C ASP A 89 -3.68 2.09 -2.43
N PHE A 90 -3.77 1.61 -1.20
CA PHE A 90 -2.58 1.25 -0.45
C PHE A 90 -1.73 0.24 -1.22
N ILE A 91 -2.34 -0.91 -1.49
CA ILE A 91 -1.65 -1.97 -2.21
C ILE A 91 -0.85 -1.36 -3.36
N GLN A 92 -1.55 -0.62 -4.20
CA GLN A 92 -0.91 0.03 -5.34
C GLN A 92 0.36 0.76 -4.89
N LEU A 93 0.24 1.46 -3.78
CA LEU A 93 1.37 2.20 -3.24
C LEU A 93 2.43 1.22 -2.75
N LEU A 94 1.97 0.21 -2.01
CA LEU A 94 2.86 -0.80 -1.48
C LEU A 94 3.60 -1.48 -2.63
N VAL A 95 2.82 -2.05 -3.53
CA VAL A 95 3.38 -2.75 -4.69
C VAL A 95 4.46 -1.87 -5.32
N ARG A 96 4.23 -0.57 -5.26
CA ARG A 96 5.17 0.39 -5.83
C ARG A 96 6.48 0.38 -5.03
N LYS A 97 6.32 0.43 -3.72
CA LYS A 97 7.48 0.43 -2.83
C LYS A 97 8.15 -0.93 -2.88
N LEU A 98 7.32 -1.96 -3.00
CA LEU A 98 7.83 -3.33 -3.06
C LEU A 98 8.62 -3.52 -4.35
N ARG A 99 8.02 -3.11 -5.45
CA ARG A 99 8.65 -3.22 -6.75
C ARG A 99 9.96 -2.42 -6.77
N GLY A 100 9.88 -1.21 -6.26
CA GLY A 100 11.04 -0.33 -6.21
C GLY A 100 10.68 1.09 -6.66
N ASP A 101 10.91 2.04 -5.76
CA ASP A 101 10.62 3.42 -6.04
C ASP A 101 11.31 4.31 -5.00
N ASP A 102 11.73 5.48 -5.45
CA ASP A 102 12.40 6.42 -4.58
C ASP A 102 11.48 7.62 -4.31
N GLU A 103 11.11 7.76 -3.05
CA GLU A 103 10.24 8.85 -2.65
C GLU A 103 11.04 10.14 -2.46
N GLU A 104 12.35 9.98 -2.48
CA GLU A 104 13.24 11.13 -2.32
C GLU A 104 13.00 11.80 -0.96
N SER A 105 14.08 12.33 -0.40
CA SER A 105 13.99 13.00 0.88
C SER A 105 13.52 12.02 1.96
N GLY A 106 14.09 12.17 3.15
CA GLY A 106 13.74 11.31 4.26
C GLY A 106 12.55 11.87 5.04
N PRO A 107 11.74 10.93 5.61
CA PRO A 107 10.57 11.33 6.38
C PRO A 107 10.97 11.87 7.75
N SER A 108 9.97 12.33 8.48
CA SER A 108 10.20 12.89 9.80
C SER A 108 11.11 14.12 9.70
N SER A 109 10.47 15.28 9.69
CA SER A 109 11.21 16.53 9.60
C SER A 109 11.80 16.89 10.97
N GLY A 110 13.10 17.11 10.97
CA GLY A 110 13.81 17.45 12.20
C GLY A 110 13.36 18.81 12.72
N GLY A 1 -14.35 16.69 8.11
CA GLY A 1 -13.98 16.28 6.77
C GLY A 1 -12.73 17.02 6.31
N SER A 2 -11.58 16.45 6.64
CA SER A 2 -10.31 17.05 6.26
C SER A 2 -9.53 16.09 5.37
N SER A 3 -9.21 16.57 4.17
CA SER A 3 -8.47 15.76 3.21
C SER A 3 -6.97 15.99 3.40
N GLY A 4 -6.22 14.90 3.30
CA GLY A 4 -4.78 14.96 3.45
C GLY A 4 -4.07 14.74 2.12
N SER A 5 -4.30 15.67 1.20
CA SER A 5 -3.70 15.58 -0.12
C SER A 5 -2.96 16.88 -0.44
N SER A 6 -2.10 16.81 -1.45
CA SER A 6 -1.34 17.96 -1.87
C SER A 6 -1.52 18.20 -3.37
N GLY A 7 -1.30 19.44 -3.78
CA GLY A 7 -1.43 19.81 -5.18
C GLY A 7 -0.12 19.61 -5.94
N PHE A 8 -0.01 20.32 -7.04
CA PHE A 8 1.20 20.22 -7.87
C PHE A 8 1.53 18.77 -8.19
N PHE A 9 1.12 18.35 -9.38
CA PHE A 9 1.39 16.99 -9.83
C PHE A 9 0.86 15.98 -8.80
N LYS A 10 0.85 14.72 -9.22
CA LYS A 10 0.38 13.65 -8.36
C LYS A 10 -0.98 14.03 -7.78
N GLY A 11 -1.99 14.01 -8.64
CA GLY A 11 -3.34 14.35 -8.23
C GLY A 11 -4.33 14.11 -9.37
N ALA A 12 -5.59 13.90 -8.99
CA ALA A 12 -6.64 13.67 -9.97
C ALA A 12 -6.30 12.41 -10.78
N ALA A 13 -7.14 11.40 -10.61
CA ALA A 13 -6.95 10.14 -11.31
C ALA A 13 -5.54 9.62 -11.03
N SER A 14 -5.30 8.39 -11.48
CA SER A 14 -4.00 7.76 -11.28
C SER A 14 -4.03 6.33 -11.82
N SER A 15 -2.88 5.90 -12.31
CA SER A 15 -2.75 4.55 -12.85
C SER A 15 -2.71 3.53 -11.72
N VAL A 16 -2.86 2.27 -12.10
CA VAL A 16 -2.84 1.19 -11.13
C VAL A 16 -1.91 0.08 -11.62
N LEU A 17 -1.14 -0.44 -10.67
CA LEU A 17 -0.19 -1.50 -10.99
C LEU A 17 -0.89 -2.86 -10.88
N GLU A 18 -0.47 -3.77 -11.73
CA GLU A 18 -1.04 -5.11 -11.74
C GLU A 18 -0.17 -6.07 -10.94
N LEU A 19 -0.78 -6.64 -9.91
CA LEU A 19 -0.06 -7.58 -9.06
C LEU A 19 0.59 -8.67 -9.92
N THR A 20 1.19 -9.63 -9.25
CA THR A 20 1.85 -10.73 -9.94
C THR A 20 1.76 -12.01 -9.11
N GLU A 21 2.47 -13.03 -9.58
CA GLU A 21 2.49 -14.31 -8.89
C GLU A 21 3.03 -14.14 -7.47
N ALA A 22 4.00 -13.25 -7.35
CA ALA A 22 4.62 -12.99 -6.05
C ALA A 22 3.87 -11.86 -5.35
N GLU A 23 3.83 -10.71 -6.01
CA GLU A 23 3.15 -9.56 -5.46
C GLU A 23 1.81 -9.97 -4.82
N LEU A 24 1.07 -10.78 -5.57
CA LEU A 24 -0.21 -11.26 -5.10
C LEU A 24 -0.07 -11.79 -3.68
N VAL A 25 0.82 -12.77 -3.54
CA VAL A 25 1.07 -13.39 -2.24
C VAL A 25 1.36 -12.29 -1.21
N THR A 26 2.25 -11.39 -1.60
CA THR A 26 2.62 -10.29 -0.73
C THR A 26 1.40 -9.45 -0.38
N ALA A 27 0.57 -9.20 -1.38
CA ALA A 27 -0.63 -8.43 -1.18
C ALA A 27 -1.53 -9.11 -0.15
N GLU A 28 -1.55 -10.43 -0.22
CA GLU A 28 -2.35 -11.21 0.70
C GLU A 28 -1.77 -11.13 2.12
N ALA A 29 -0.46 -11.03 2.17
CA ALA A 29 0.23 -10.93 3.45
C ALA A 29 -0.16 -9.63 4.15
N VAL A 30 -0.17 -8.56 3.36
CA VAL A 30 -0.53 -7.25 3.89
C VAL A 30 -2.00 -7.25 4.29
N ARG A 31 -2.81 -7.86 3.43
CA ARG A 31 -4.24 -7.94 3.68
C ARG A 31 -4.51 -8.63 5.02
N SER A 32 -3.68 -9.63 5.31
CA SER A 32 -3.82 -10.39 6.54
C SER A 32 -3.58 -9.47 7.74
N VAL A 33 -2.72 -8.49 7.54
CA VAL A 33 -2.38 -7.54 8.59
C VAL A 33 -3.62 -6.71 8.92
N TRP A 34 -4.29 -6.25 7.87
CA TRP A 34 -5.48 -5.44 8.05
C TRP A 34 -6.51 -6.26 8.85
N GLN A 35 -6.81 -7.43 8.31
CA GLN A 35 -7.76 -8.32 8.96
C GLN A 35 -7.46 -8.44 10.45
N ARG A 36 -6.24 -8.88 10.73
CA ARG A 36 -5.80 -9.03 12.12
C ARG A 36 -6.03 -7.74 12.90
N ILE A 37 -5.67 -6.63 12.25
CA ILE A 37 -5.83 -5.33 12.88
C ILE A 37 -7.32 -5.05 13.08
N LEU A 38 -7.99 -4.78 11.97
CA LEU A 38 -9.42 -4.49 12.03
C LEU A 38 -10.17 -5.74 12.49
N PRO A 39 -10.76 -5.64 13.71
CA PRO A 39 -11.52 -6.74 14.28
C PRO A 39 -12.88 -6.89 13.60
N LYS A 40 -13.74 -5.91 13.85
CA LYS A 40 -15.07 -5.92 13.27
C LYS A 40 -14.98 -6.37 11.82
N VAL A 41 -13.97 -5.85 11.13
CA VAL A 41 -13.77 -6.19 9.73
C VAL A 41 -13.58 -7.70 9.59
N LEU A 42 -14.50 -8.31 8.86
CA LEU A 42 -14.46 -9.75 8.65
C LEU A 42 -13.68 -10.04 7.36
N GLU A 43 -13.71 -9.07 6.46
CA GLU A 43 -13.01 -9.21 5.19
C GLU A 43 -12.40 -7.87 4.76
N VAL A 44 -11.27 -7.96 4.09
CA VAL A 44 -10.58 -6.77 3.63
C VAL A 44 -10.63 -6.72 2.10
N GLU A 45 -11.48 -5.84 1.60
CA GLU A 45 -11.63 -5.68 0.16
C GLU A 45 -10.86 -4.46 -0.32
N ASP A 46 -11.04 -4.15 -1.60
CA ASP A 46 -10.37 -3.01 -2.20
C ASP A 46 -11.10 -1.72 -1.80
N SER A 47 -12.34 -1.90 -1.38
CA SER A 47 -13.16 -0.77 -0.97
C SER A 47 -13.04 -0.57 0.54
N THR A 48 -12.39 -1.52 1.19
CA THR A 48 -12.20 -1.45 2.63
C THR A 48 -11.24 -0.33 2.99
N ASP A 49 -11.78 0.71 3.61
CA ASP A 49 -10.99 1.85 4.02
C ASP A 49 -10.36 1.57 5.39
N PHE A 50 -9.03 1.50 5.40
CA PHE A 50 -8.31 1.25 6.63
C PHE A 50 -8.86 2.10 7.78
N PHE A 51 -9.41 3.24 7.42
CA PHE A 51 -9.98 4.15 8.41
C PHE A 51 -11.43 3.80 8.70
N LYS A 52 -12.27 3.98 7.69
CA LYS A 52 -13.69 3.69 7.82
C LYS A 52 -13.86 2.42 8.66
N SER A 53 -12.98 1.46 8.42
CA SER A 53 -13.03 0.20 9.14
C SER A 53 -13.08 0.46 10.65
N GLY A 54 -11.95 0.91 11.18
CA GLY A 54 -11.86 1.19 12.60
C GLY A 54 -10.40 1.20 13.07
N ALA A 55 -9.55 1.79 12.25
CA ALA A 55 -8.14 1.87 12.56
C ALA A 55 -7.87 3.11 13.40
N ALA A 56 -7.04 2.94 14.41
CA ALA A 56 -6.69 4.04 15.30
C ALA A 56 -5.40 4.71 14.79
N SER A 57 -4.83 5.53 15.66
CA SER A 57 -3.60 6.24 15.32
C SER A 57 -2.41 5.29 15.46
N VAL A 58 -2.66 4.16 16.10
CA VAL A 58 -1.62 3.17 16.30
C VAL A 58 -1.64 2.17 15.13
N ASP A 59 -2.85 1.82 14.71
CA ASP A 59 -3.01 0.88 13.62
C ASP A 59 -2.20 1.37 12.42
N VAL A 60 -2.14 2.68 12.27
CA VAL A 60 -1.40 3.28 11.17
C VAL A 60 0.08 2.89 11.28
N VAL A 61 0.64 3.17 12.44
CA VAL A 61 2.04 2.86 12.68
C VAL A 61 2.21 1.34 12.77
N ARG A 62 1.23 0.70 13.38
CA ARG A 62 1.26 -0.75 13.53
C ARG A 62 1.20 -1.42 12.16
N LEU A 63 0.38 -0.85 11.29
CA LEU A 63 0.23 -1.40 9.95
C LEU A 63 1.52 -1.17 9.17
N VAL A 64 1.98 0.06 9.19
CA VAL A 64 3.21 0.42 8.48
C VAL A 64 4.38 -0.40 9.05
N GLU A 65 4.33 -0.60 10.36
CA GLU A 65 5.37 -1.35 11.03
C GLU A 65 5.31 -2.83 10.63
N GLU A 66 4.09 -3.31 10.46
CA GLU A 66 3.88 -4.69 10.07
C GLU A 66 4.43 -4.93 8.65
N VAL A 67 3.93 -4.14 7.72
CA VAL A 67 4.35 -4.26 6.34
C VAL A 67 5.87 -4.07 6.26
N LYS A 68 6.41 -3.41 7.28
CA LYS A 68 7.83 -3.16 7.33
C LYS A 68 8.58 -4.50 7.42
N GLU A 69 8.02 -5.39 8.22
CA GLU A 69 8.62 -6.70 8.40
C GLU A 69 8.43 -7.55 7.15
N LEU A 70 7.39 -7.21 6.38
CA LEU A 70 7.09 -7.93 5.16
C LEU A 70 8.25 -7.74 4.17
N CYS A 71 8.62 -6.49 3.98
CA CYS A 71 9.70 -6.16 3.06
C CYS A 71 10.99 -6.06 3.87
N ASP A 72 10.85 -6.20 5.18
CA ASP A 72 12.01 -6.13 6.07
C ASP A 72 12.64 -4.74 5.95
N GLY A 73 11.90 -3.75 6.41
CA GLY A 73 12.38 -2.38 6.36
C GLY A 73 11.74 -1.61 5.19
N LEU A 74 10.47 -1.88 4.98
CA LEU A 74 9.74 -1.23 3.90
C LEU A 74 9.79 0.29 4.10
N GLU A 75 9.98 0.99 3.00
CA GLU A 75 10.06 2.44 3.04
C GLU A 75 8.65 3.04 3.12
N LEU A 76 7.94 2.66 4.17
CA LEU A 76 6.58 3.15 4.37
C LEU A 76 6.58 4.17 5.50
N GLU A 77 5.56 5.02 5.49
CA GLU A 77 5.43 6.05 6.51
C GLU A 77 3.95 6.28 6.84
N ASN A 78 3.73 6.82 8.03
CA ASN A 78 2.37 7.11 8.47
C ASN A 78 1.64 7.91 7.40
N GLU A 79 2.41 8.73 6.69
CA GLU A 79 1.84 9.55 5.63
C GLU A 79 1.24 8.67 4.53
N ASP A 80 2.04 7.68 4.13
CA ASP A 80 1.60 6.77 3.08
C ASP A 80 0.18 6.30 3.38
N VAL A 81 -0.04 5.95 4.64
CA VAL A 81 -1.35 5.47 5.07
C VAL A 81 -2.37 6.60 4.91
N TYR A 82 -2.00 7.77 5.40
CA TYR A 82 -2.87 8.93 5.30
C TYR A 82 -3.18 9.27 3.85
N MET A 83 -2.39 8.68 2.96
CA MET A 83 -2.57 8.92 1.53
C MET A 83 -3.47 7.84 0.91
N ALA A 84 -3.20 6.60 1.29
CA ALA A 84 -3.98 5.49 0.77
C ALA A 84 -4.64 4.75 1.94
N SER A 85 -5.85 5.19 2.27
CA SER A 85 -6.59 4.59 3.36
C SER A 85 -7.15 3.24 2.93
N THR A 86 -7.64 3.20 1.70
CA THR A 86 -8.20 1.98 1.15
C THR A 86 -7.08 1.00 0.78
N PHE A 87 -7.38 -0.28 0.93
CA PHE A 87 -6.42 -1.32 0.61
C PHE A 87 -5.99 -1.25 -0.86
N GLY A 88 -6.99 -1.12 -1.72
CA GLY A 88 -6.73 -1.03 -3.15
C GLY A 88 -5.70 0.05 -3.45
N ASP A 89 -5.95 1.23 -2.91
CA ASP A 89 -5.04 2.35 -3.11
C ASP A 89 -3.70 2.05 -2.45
N PHE A 90 -3.78 1.55 -1.22
CA PHE A 90 -2.58 1.23 -0.47
C PHE A 90 -1.73 0.21 -1.22
N ILE A 91 -2.33 -0.94 -1.50
CA ILE A 91 -1.64 -2.00 -2.22
C ILE A 91 -0.82 -1.39 -3.36
N GLN A 92 -1.51 -0.63 -4.19
CA GLN A 92 -0.88 0.01 -5.34
C GLN A 92 0.38 0.75 -4.88
N LEU A 93 0.25 1.48 -3.78
CA LEU A 93 1.37 2.23 -3.24
C LEU A 93 2.44 1.26 -2.74
N LEU A 94 1.98 0.27 -1.99
CA LEU A 94 2.88 -0.74 -1.44
C LEU A 94 3.63 -1.42 -2.59
N VAL A 95 2.87 -2.05 -3.47
CA VAL A 95 3.45 -2.74 -4.60
C VAL A 95 4.52 -1.86 -5.24
N ARG A 96 4.26 -0.56 -5.22
CA ARG A 96 5.19 0.41 -5.79
C ARG A 96 6.49 0.42 -4.99
N LYS A 97 6.34 0.48 -3.67
CA LYS A 97 7.49 0.50 -2.79
C LYS A 97 8.20 -0.85 -2.84
N LEU A 98 7.40 -1.90 -2.99
CA LEU A 98 7.93 -3.25 -3.06
C LEU A 98 8.72 -3.41 -4.35
N ARG A 99 8.09 -3.04 -5.45
CA ARG A 99 8.72 -3.15 -6.76
C ARG A 99 10.04 -2.38 -6.77
N GLY A 100 9.98 -1.16 -6.26
CA GLY A 100 11.17 -0.31 -6.21
C GLY A 100 11.29 0.55 -7.46
N ASP A 101 11.47 1.84 -7.24
CA ASP A 101 11.61 2.79 -8.34
C ASP A 101 11.80 4.20 -7.78
N ASP A 102 12.59 4.27 -6.71
CA ASP A 102 12.87 5.54 -6.08
C ASP A 102 13.92 5.35 -4.99
N GLU A 103 14.44 6.46 -4.51
CA GLU A 103 15.47 6.43 -3.47
C GLU A 103 15.29 7.63 -2.53
N GLU A 104 14.28 7.54 -1.69
CA GLU A 104 13.99 8.60 -0.74
C GLU A 104 13.89 8.02 0.68
N SER A 105 13.71 8.93 1.64
CA SER A 105 13.59 8.53 3.03
C SER A 105 14.87 7.83 3.48
N GLY A 106 15.24 8.08 4.73
CA GLY A 106 16.44 7.49 5.30
C GLY A 106 16.58 7.86 6.78
N PRO A 107 17.19 9.05 7.01
CA PRO A 107 17.41 9.54 8.36
C PRO A 107 16.10 10.04 8.97
N SER A 108 15.83 9.57 10.19
CA SER A 108 14.62 9.97 10.88
C SER A 108 13.39 9.65 10.03
N SER A 109 12.23 10.00 10.56
CA SER A 109 10.98 9.75 9.87
C SER A 109 10.79 8.25 9.65
N GLY A 110 11.38 7.76 8.57
CA GLY A 110 11.30 6.35 8.24
C GLY A 110 12.66 5.78 7.87
N GLY A 1 11.86 19.16 -13.88
CA GLY A 1 13.11 18.77 -13.26
C GLY A 1 13.45 17.31 -13.57
N SER A 2 14.63 17.12 -14.13
CA SER A 2 15.08 15.78 -14.48
C SER A 2 15.95 15.21 -13.36
N SER A 3 15.42 14.20 -12.70
CA SER A 3 16.15 13.57 -11.61
C SER A 3 17.19 12.60 -12.16
N GLY A 4 16.70 11.63 -12.93
CA GLY A 4 17.58 10.64 -13.53
C GLY A 4 17.41 9.27 -12.86
N SER A 5 18.27 9.02 -11.89
CA SER A 5 18.23 7.77 -11.15
C SER A 5 17.31 7.90 -9.94
N SER A 6 16.17 7.23 -10.02
CA SER A 6 15.20 7.26 -8.94
C SER A 6 14.01 6.37 -9.28
N GLY A 7 13.36 6.69 -10.40
CA GLY A 7 12.21 5.91 -10.84
C GLY A 7 11.21 6.81 -11.56
N PHE A 8 9.98 6.33 -11.64
CA PHE A 8 8.92 7.08 -12.30
C PHE A 8 7.94 7.65 -11.28
N PHE A 9 7.47 8.85 -11.57
CA PHE A 9 6.52 9.52 -10.69
C PHE A 9 5.11 8.97 -10.87
N LYS A 10 4.63 9.03 -12.11
CA LYS A 10 3.31 8.53 -12.43
C LYS A 10 3.34 7.84 -13.79
N GLY A 11 3.64 8.63 -14.81
CA GLY A 11 3.70 8.11 -16.17
C GLY A 11 2.66 8.78 -17.07
N ALA A 12 1.41 8.40 -16.84
CA ALA A 12 0.30 8.95 -17.61
C ALA A 12 -1.02 8.45 -17.03
N ALA A 13 -1.89 9.41 -16.73
CA ALA A 13 -3.19 9.08 -16.16
C ALA A 13 -3.00 8.28 -14.88
N SER A 14 -4.09 8.17 -14.12
CA SER A 14 -4.05 7.44 -12.87
C SER A 14 -3.44 6.05 -13.09
N SER A 15 -4.08 5.30 -13.98
CA SER A 15 -3.60 3.96 -14.29
C SER A 15 -3.57 3.11 -13.01
N VAL A 16 -3.40 1.80 -13.21
CA VAL A 16 -3.34 0.88 -12.09
C VAL A 16 -2.21 -0.12 -12.33
N LEU A 17 -1.61 -0.55 -11.22
CA LEU A 17 -0.52 -1.51 -11.29
C LEU A 17 -1.08 -2.93 -11.19
N GLU A 18 -0.50 -3.82 -11.97
CA GLU A 18 -0.92 -5.21 -11.97
C GLU A 18 0.02 -6.05 -11.11
N LEU A 19 -0.57 -6.74 -10.15
CA LEU A 19 0.20 -7.59 -9.25
C LEU A 19 0.92 -8.66 -10.06
N THR A 20 1.61 -9.54 -9.36
CA THR A 20 2.35 -10.61 -10.01
C THR A 20 2.29 -11.88 -9.15
N GLU A 21 2.54 -13.01 -9.80
CA GLU A 21 2.52 -14.29 -9.12
C GLU A 21 3.20 -14.18 -7.76
N ALA A 22 4.13 -13.24 -7.67
CA ALA A 22 4.86 -13.01 -6.44
C ALA A 22 4.12 -11.96 -5.60
N GLU A 23 4.01 -10.78 -6.17
CA GLU A 23 3.33 -9.68 -5.48
C GLU A 23 1.96 -10.14 -4.97
N LEU A 24 1.22 -10.78 -5.85
CA LEU A 24 -0.10 -11.27 -5.50
C LEU A 24 -0.06 -11.87 -4.10
N VAL A 25 0.98 -12.65 -3.85
CA VAL A 25 1.16 -13.29 -2.55
C VAL A 25 1.43 -12.22 -1.49
N THR A 26 2.31 -11.30 -1.85
CA THR A 26 2.66 -10.22 -0.94
C THR A 26 1.44 -9.36 -0.62
N ALA A 27 0.67 -9.06 -1.65
CA ALA A 27 -0.53 -8.25 -1.50
C ALA A 27 -1.47 -8.96 -0.51
N GLU A 28 -1.46 -10.28 -0.56
CA GLU A 28 -2.30 -11.06 0.32
C GLU A 28 -1.77 -11.02 1.75
N ALA A 29 -0.44 -10.92 1.86
CA ALA A 29 0.20 -10.87 3.16
C ALA A 29 -0.22 -9.59 3.88
N VAL A 30 -0.20 -8.50 3.14
CA VAL A 30 -0.58 -7.21 3.70
C VAL A 30 -2.04 -7.28 4.18
N ARG A 31 -2.86 -7.92 3.37
CA ARG A 31 -4.27 -8.05 3.69
C ARG A 31 -4.44 -8.64 5.09
N SER A 32 -3.62 -9.64 5.38
CA SER A 32 -3.66 -10.29 6.68
C SER A 32 -3.42 -9.27 7.80
N VAL A 33 -2.57 -8.30 7.48
CA VAL A 33 -2.24 -7.27 8.44
C VAL A 33 -3.51 -6.48 8.79
N TRP A 34 -4.14 -5.93 7.76
CA TRP A 34 -5.35 -5.16 7.94
C TRP A 34 -6.34 -6.02 8.73
N GLN A 35 -6.60 -7.21 8.20
CA GLN A 35 -7.52 -8.13 8.85
C GLN A 35 -7.15 -8.31 10.32
N ARG A 36 -5.95 -8.82 10.54
CA ARG A 36 -5.46 -9.05 11.88
C ARG A 36 -5.70 -7.82 12.75
N ILE A 37 -5.59 -6.66 12.12
CA ILE A 37 -5.80 -5.40 12.82
C ILE A 37 -7.31 -5.16 12.99
N LEU A 38 -7.93 -4.75 11.90
CA LEU A 38 -9.37 -4.49 11.92
C LEU A 38 -10.09 -5.69 12.52
N PRO A 39 -10.54 -5.52 13.79
CA PRO A 39 -11.25 -6.58 14.48
C PRO A 39 -12.68 -6.71 13.96
N LYS A 40 -13.50 -5.73 14.33
CA LYS A 40 -14.89 -5.72 13.90
C LYS A 40 -14.98 -6.17 12.44
N VAL A 41 -13.95 -5.83 11.69
CA VAL A 41 -13.90 -6.19 10.29
C VAL A 41 -13.74 -7.71 10.17
N LEU A 42 -14.50 -8.29 9.24
CA LEU A 42 -14.45 -9.72 9.00
C LEU A 42 -13.52 -10.01 7.82
N GLU A 43 -13.71 -9.25 6.76
CA GLU A 43 -12.90 -9.41 5.57
C GLU A 43 -12.46 -8.04 5.04
N VAL A 44 -11.23 -8.02 4.52
CA VAL A 44 -10.67 -6.79 3.99
C VAL A 44 -10.74 -6.83 2.46
N GLU A 45 -11.48 -5.88 1.90
CA GLU A 45 -11.64 -5.80 0.46
C GLU A 45 -10.80 -4.64 -0.09
N ASP A 46 -10.93 -4.43 -1.40
CA ASP A 46 -10.19 -3.38 -2.06
C ASP A 46 -10.90 -2.04 -1.82
N SER A 47 -12.17 -2.14 -1.44
CA SER A 47 -12.95 -0.96 -1.17
C SER A 47 -12.95 -0.64 0.32
N THR A 48 -12.31 -1.52 1.08
CA THR A 48 -12.21 -1.35 2.52
C THR A 48 -11.27 -0.20 2.86
N ASP A 49 -11.74 0.66 3.75
CA ASP A 49 -10.95 1.81 4.17
C ASP A 49 -10.32 1.52 5.53
N PHE A 50 -9.00 1.59 5.56
CA PHE A 50 -8.26 1.33 6.79
C PHE A 50 -8.84 2.12 7.96
N PHE A 51 -9.30 3.32 7.64
CA PHE A 51 -9.88 4.19 8.65
C PHE A 51 -11.34 3.82 8.92
N LYS A 52 -12.17 4.05 7.91
CA LYS A 52 -13.58 3.74 8.02
C LYS A 52 -13.76 2.41 8.74
N SER A 53 -12.87 1.48 8.43
CA SER A 53 -12.92 0.17 9.04
C SER A 53 -12.94 0.29 10.57
N GLY A 54 -11.80 0.68 11.11
CA GLY A 54 -11.68 0.84 12.55
C GLY A 54 -10.21 0.96 12.97
N ALA A 55 -9.46 1.71 12.17
CA ALA A 55 -8.05 1.91 12.44
C ALA A 55 -7.87 3.16 13.30
N ALA A 56 -7.04 3.04 14.32
CA ALA A 56 -6.78 4.15 15.23
C ALA A 56 -5.49 4.85 14.80
N SER A 57 -5.13 5.86 15.58
CA SER A 57 -3.92 6.62 15.29
C SER A 57 -2.68 5.74 15.50
N VAL A 58 -2.89 4.64 16.21
CA VAL A 58 -1.80 3.71 16.48
C VAL A 58 -1.74 2.66 15.37
N ASP A 59 -2.92 2.27 14.91
CA ASP A 59 -3.02 1.27 13.85
C ASP A 59 -2.20 1.73 12.65
N VAL A 60 -2.26 3.03 12.39
CA VAL A 60 -1.53 3.61 11.27
C VAL A 60 -0.08 3.11 11.31
N VAL A 61 0.54 3.27 12.47
CA VAL A 61 1.91 2.85 12.66
C VAL A 61 1.98 1.32 12.61
N ARG A 62 1.02 0.69 13.26
CA ARG A 62 0.96 -0.76 13.29
C ARG A 62 0.98 -1.33 11.87
N LEU A 63 0.09 -0.80 11.05
CA LEU A 63 0.00 -1.24 9.67
C LEU A 63 1.37 -1.11 9.00
N VAL A 64 1.90 0.09 9.03
CA VAL A 64 3.20 0.36 8.44
C VAL A 64 4.24 -0.58 9.05
N GLU A 65 4.25 -0.60 10.38
CA GLU A 65 5.19 -1.45 11.10
C GLU A 65 5.05 -2.91 10.65
N GLU A 66 3.81 -3.36 10.63
CA GLU A 66 3.52 -4.73 10.22
C GLU A 66 4.17 -5.02 8.87
N VAL A 67 3.78 -4.24 7.88
CA VAL A 67 4.32 -4.41 6.53
C VAL A 67 5.84 -4.45 6.59
N LYS A 68 6.40 -3.52 7.36
CA LYS A 68 7.85 -3.45 7.51
C LYS A 68 8.41 -4.86 7.64
N GLU A 69 7.65 -5.72 8.31
CA GLU A 69 8.06 -7.09 8.50
C GLU A 69 7.88 -7.89 7.21
N LEU A 70 6.74 -7.68 6.57
CA LEU A 70 6.43 -8.37 5.34
C LEU A 70 7.62 -8.23 4.39
N CYS A 71 8.04 -7.00 4.18
CA CYS A 71 9.16 -6.73 3.30
C CYS A 71 10.45 -6.88 4.09
N ASP A 72 10.34 -6.67 5.39
CA ASP A 72 11.50 -6.78 6.28
C ASP A 72 12.53 -5.73 5.89
N GLY A 73 12.08 -4.48 5.86
CA GLY A 73 12.96 -3.38 5.52
C GLY A 73 12.36 -2.54 4.40
N LEU A 74 11.04 -2.39 4.45
CA LEU A 74 10.34 -1.61 3.44
C LEU A 74 10.26 -0.15 3.90
N GLU A 75 9.95 0.72 2.95
CA GLU A 75 9.83 2.14 3.24
C GLU A 75 8.37 2.58 3.19
N LEU A 76 7.88 2.99 4.34
CA LEU A 76 6.49 3.44 4.45
C LEU A 76 6.37 4.42 5.62
N GLU A 77 5.56 5.45 5.41
CA GLU A 77 5.35 6.45 6.43
C GLU A 77 3.85 6.62 6.70
N ASN A 78 3.54 7.09 7.90
CA ASN A 78 2.16 7.30 8.29
C ASN A 78 1.43 8.09 7.20
N GLU A 79 2.19 8.95 6.55
CA GLU A 79 1.64 9.77 5.47
C GLU A 79 1.04 8.87 4.39
N ASP A 80 1.78 7.85 4.03
CA ASP A 80 1.34 6.92 3.01
C ASP A 80 -0.02 6.36 3.38
N VAL A 81 -0.18 6.09 4.67
CA VAL A 81 -1.45 5.56 5.17
C VAL A 81 -2.53 6.62 5.06
N TYR A 82 -2.14 7.85 5.39
CA TYR A 82 -3.06 8.97 5.33
C TYR A 82 -3.45 9.29 3.88
N MET A 83 -2.65 8.77 2.96
CA MET A 83 -2.90 8.98 1.55
C MET A 83 -3.76 7.86 0.96
N ALA A 84 -3.36 6.63 1.27
CA ALA A 84 -4.08 5.47 0.78
C ALA A 84 -4.72 4.74 1.96
N SER A 85 -5.89 5.23 2.36
CA SER A 85 -6.61 4.64 3.47
C SER A 85 -7.22 3.30 3.05
N THR A 86 -7.57 3.22 1.77
CA THR A 86 -8.16 2.01 1.23
C THR A 86 -7.06 1.02 0.83
N PHE A 87 -7.34 -0.25 1.07
CA PHE A 87 -6.40 -1.30 0.73
C PHE A 87 -5.99 -1.22 -0.74
N GLY A 88 -6.97 -1.40 -1.61
CA GLY A 88 -6.72 -1.35 -3.03
C GLY A 88 -5.69 -0.27 -3.37
N ASP A 89 -5.99 0.94 -2.95
CA ASP A 89 -5.10 2.06 -3.21
C ASP A 89 -3.74 1.79 -2.56
N PHE A 90 -3.80 1.49 -1.27
CA PHE A 90 -2.58 1.20 -0.52
C PHE A 90 -1.69 0.21 -1.27
N ILE A 91 -2.26 -0.95 -1.53
CA ILE A 91 -1.52 -2.00 -2.25
C ILE A 91 -0.71 -1.36 -3.38
N GLN A 92 -1.41 -0.64 -4.23
CA GLN A 92 -0.78 0.02 -5.36
C GLN A 92 0.45 0.80 -4.89
N LEU A 93 0.26 1.56 -3.82
CA LEU A 93 1.35 2.35 -3.26
C LEU A 93 2.43 1.41 -2.72
N LEU A 94 1.98 0.42 -1.97
CA LEU A 94 2.90 -0.55 -1.40
C LEU A 94 3.69 -1.23 -2.51
N VAL A 95 2.96 -1.87 -3.42
CA VAL A 95 3.58 -2.55 -4.54
C VAL A 95 4.65 -1.64 -5.15
N ARG A 96 4.30 -0.37 -5.28
CA ARG A 96 5.21 0.61 -5.85
C ARG A 96 6.48 0.70 -5.01
N LYS A 97 6.30 0.67 -3.71
CA LYS A 97 7.42 0.75 -2.78
C LYS A 97 8.23 -0.54 -2.86
N LEU A 98 7.51 -1.64 -2.97
CA LEU A 98 8.15 -2.96 -3.05
C LEU A 98 8.98 -3.02 -4.33
N ARG A 99 8.30 -2.89 -5.46
CA ARG A 99 8.97 -2.93 -6.75
C ARG A 99 10.25 -2.10 -6.72
N GLY A 100 10.15 -0.94 -6.08
CA GLY A 100 11.29 -0.04 -5.98
C GLY A 100 12.20 -0.45 -4.81
N ASP A 101 12.57 0.55 -4.02
CA ASP A 101 13.43 0.31 -2.87
C ASP A 101 14.59 -0.60 -3.29
N ASP A 102 15.13 -0.31 -4.47
CA ASP A 102 16.23 -1.09 -5.00
C ASP A 102 17.13 -0.19 -5.82
N GLU A 103 18.17 0.33 -5.16
CA GLU A 103 19.11 1.21 -5.83
C GLU A 103 20.30 1.50 -4.91
N GLU A 104 21.31 2.14 -5.49
CA GLU A 104 22.51 2.48 -4.73
C GLU A 104 22.63 3.99 -4.59
N SER A 105 23.61 4.40 -3.79
CA SER A 105 23.84 5.82 -3.56
C SER A 105 25.28 6.05 -3.12
N GLY A 106 25.66 7.32 -3.06
CA GLY A 106 27.01 7.68 -2.66
C GLY A 106 26.99 8.83 -1.65
N PRO A 107 28.21 9.32 -1.31
CA PRO A 107 28.34 10.41 -0.36
C PRO A 107 27.95 11.74 -1.00
N SER A 108 27.41 12.63 -0.18
CA SER A 108 26.99 13.93 -0.65
C SER A 108 26.03 13.78 -1.83
N SER A 109 25.42 14.90 -2.20
CA SER A 109 24.49 14.90 -3.31
C SER A 109 25.18 14.43 -4.58
N GLY A 110 24.38 13.89 -5.49
CA GLY A 110 24.90 13.39 -6.75
C GLY A 110 25.04 14.52 -7.77
N GLY A 1 9.56 12.46 -19.14
CA GLY A 1 9.89 12.16 -17.76
C GLY A 1 11.40 11.90 -17.62
N SER A 2 11.76 10.63 -17.73
CA SER A 2 13.16 10.23 -17.61
C SER A 2 13.99 10.94 -18.68
N SER A 3 14.65 12.01 -18.26
CA SER A 3 15.49 12.78 -19.16
C SER A 3 14.69 13.16 -20.41
N GLY A 4 14.17 14.38 -20.39
CA GLY A 4 13.39 14.87 -21.52
C GLY A 4 12.16 15.62 -21.03
N SER A 5 12.38 16.85 -20.57
CA SER A 5 11.30 17.69 -20.08
C SER A 5 10.83 18.63 -21.18
N SER A 6 9.83 18.18 -21.92
CA SER A 6 9.28 18.97 -23.00
C SER A 6 8.26 19.97 -22.45
N GLY A 7 8.06 19.90 -21.15
CA GLY A 7 7.12 20.79 -20.49
C GLY A 7 5.90 20.02 -19.96
N PHE A 8 5.59 20.25 -18.70
CA PHE A 8 4.47 19.59 -18.06
C PHE A 8 3.16 19.99 -18.74
N PHE A 9 2.22 19.05 -18.74
CA PHE A 9 0.91 19.29 -19.34
C PHE A 9 -0.21 18.86 -18.40
N LYS A 10 -0.14 17.61 -17.98
CA LYS A 10 -1.14 17.07 -17.07
C LYS A 10 -0.56 15.84 -16.36
N GLY A 11 -0.28 14.82 -17.15
CA GLY A 11 0.28 13.59 -16.60
C GLY A 11 -0.66 12.41 -16.85
N ALA A 12 -1.23 11.90 -15.77
CA ALA A 12 -2.14 10.77 -15.85
C ALA A 12 -3.34 11.02 -14.94
N ALA A 13 -4.46 10.40 -15.30
CA ALA A 13 -5.68 10.56 -14.53
C ALA A 13 -5.99 9.24 -13.80
N SER A 14 -5.39 9.10 -12.62
CA SER A 14 -5.59 7.90 -11.83
C SER A 14 -5.06 6.68 -12.58
N SER A 15 -4.11 6.01 -11.94
CA SER A 15 -3.52 4.82 -12.53
C SER A 15 -3.44 3.69 -11.50
N VAL A 16 -3.53 2.46 -11.98
CA VAL A 16 -3.48 1.30 -11.11
C VAL A 16 -2.52 0.27 -11.72
N LEU A 17 -1.74 -0.34 -10.84
CA LEU A 17 -0.79 -1.36 -11.28
C LEU A 17 -1.45 -2.74 -11.21
N GLU A 18 -0.75 -3.72 -11.76
CA GLU A 18 -1.25 -5.08 -11.77
C GLU A 18 -0.31 -5.99 -11.00
N LEU A 19 -0.87 -6.68 -10.02
CA LEU A 19 -0.10 -7.60 -9.19
C LEU A 19 0.49 -8.70 -10.08
N THR A 20 1.22 -9.59 -9.44
CA THR A 20 1.84 -10.69 -10.16
C THR A 20 1.65 -12.01 -9.39
N GLU A 21 2.51 -12.97 -9.70
CA GLU A 21 2.45 -14.27 -9.05
C GLU A 21 2.96 -14.16 -7.61
N ALA A 22 4.00 -13.37 -7.44
CA ALA A 22 4.60 -13.18 -6.13
C ALA A 22 3.85 -12.06 -5.41
N GLU A 23 3.88 -10.88 -6.02
CA GLU A 23 3.21 -9.72 -5.45
C GLU A 23 1.88 -10.12 -4.83
N LEU A 24 1.07 -10.81 -5.63
CA LEU A 24 -0.24 -11.27 -5.17
C LEU A 24 -0.10 -11.86 -3.78
N VAL A 25 0.78 -12.84 -3.66
CA VAL A 25 1.02 -13.50 -2.38
C VAL A 25 1.27 -12.44 -1.31
N THR A 26 2.14 -11.50 -1.64
CA THR A 26 2.48 -10.44 -0.72
C THR A 26 1.24 -9.59 -0.40
N ALA A 27 0.50 -9.27 -1.45
CA ALA A 27 -0.71 -8.47 -1.29
C ALA A 27 -1.66 -9.18 -0.33
N GLU A 28 -1.55 -10.50 -0.28
CA GLU A 28 -2.38 -11.30 0.58
C GLU A 28 -1.85 -11.26 2.02
N ALA A 29 -0.54 -11.26 2.14
CA ALA A 29 0.10 -11.22 3.43
C ALA A 29 -0.28 -9.92 4.14
N VAL A 30 -0.23 -8.83 3.38
CA VAL A 30 -0.56 -7.53 3.92
C VAL A 30 -2.04 -7.51 4.31
N ARG A 31 -2.87 -8.01 3.42
CA ARG A 31 -4.30 -8.06 3.67
C ARG A 31 -4.58 -8.64 5.06
N SER A 32 -3.79 -9.64 5.42
CA SER A 32 -3.94 -10.29 6.70
C SER A 32 -3.66 -9.28 7.83
N VAL A 33 -2.77 -8.35 7.54
CA VAL A 33 -2.41 -7.34 8.51
C VAL A 33 -3.65 -6.50 8.85
N TRP A 34 -4.35 -6.10 7.80
CA TRP A 34 -5.55 -5.29 7.97
C TRP A 34 -6.56 -6.09 8.79
N GLN A 35 -6.88 -7.27 8.27
CA GLN A 35 -7.83 -8.14 8.94
C GLN A 35 -7.42 -8.34 10.40
N ARG A 36 -6.20 -8.80 10.58
CA ARG A 36 -5.68 -9.03 11.92
C ARG A 36 -5.83 -7.78 12.78
N ILE A 37 -5.67 -6.63 12.13
CA ILE A 37 -5.79 -5.36 12.81
C ILE A 37 -7.28 -5.07 13.09
N LEU A 38 -8.03 -4.90 12.00
CA LEU A 38 -9.45 -4.62 12.12
C LEU A 38 -10.19 -5.91 12.49
N PRO A 39 -10.76 -5.91 13.72
CA PRO A 39 -11.51 -7.06 14.19
C PRO A 39 -12.87 -7.16 13.51
N LYS A 40 -13.73 -6.22 13.85
CA LYS A 40 -15.07 -6.19 13.28
C LYS A 40 -15.00 -6.51 11.79
N VAL A 41 -13.97 -5.97 11.15
CA VAL A 41 -13.77 -6.20 9.72
C VAL A 41 -13.60 -7.69 9.48
N LEU A 42 -14.53 -8.24 8.69
CA LEU A 42 -14.49 -9.65 8.37
C LEU A 42 -13.71 -9.86 7.07
N GLU A 43 -13.68 -8.81 6.26
CA GLU A 43 -12.98 -8.86 4.99
C GLU A 43 -12.31 -7.51 4.70
N VAL A 44 -11.20 -7.57 4.00
CA VAL A 44 -10.46 -6.37 3.65
C VAL A 44 -10.32 -6.29 2.13
N GLU A 45 -11.38 -5.81 1.49
CA GLU A 45 -11.38 -5.68 0.05
C GLU A 45 -10.45 -4.54 -0.39
N ASP A 46 -10.42 -4.32 -1.69
CA ASP A 46 -9.59 -3.26 -2.25
C ASP A 46 -10.28 -1.91 -2.05
N SER A 47 -11.52 -1.98 -1.58
CA SER A 47 -12.30 -0.78 -1.34
C SER A 47 -12.43 -0.52 0.16
N THR A 48 -11.99 -1.50 0.94
CA THR A 48 -12.04 -1.39 2.39
C THR A 48 -11.10 -0.29 2.87
N ASP A 49 -11.70 0.68 3.57
CA ASP A 49 -10.93 1.80 4.09
C ASP A 49 -10.30 1.40 5.42
N PHE A 50 -9.00 1.64 5.53
CA PHE A 50 -8.27 1.32 6.74
C PHE A 50 -8.74 2.18 7.92
N PHE A 51 -9.38 3.29 7.57
CA PHE A 51 -9.88 4.21 8.58
C PHE A 51 -11.33 3.89 8.95
N LYS A 52 -12.20 4.08 7.96
CA LYS A 52 -13.62 3.83 8.16
C LYS A 52 -13.78 2.55 9.00
N SER A 53 -13.02 1.54 8.63
CA SER A 53 -13.07 0.28 9.33
C SER A 53 -13.13 0.50 10.84
N GLY A 54 -11.96 0.77 11.42
CA GLY A 54 -11.87 1.01 12.85
C GLY A 54 -10.41 1.03 13.30
N ALA A 55 -9.57 1.65 12.48
CA ALA A 55 -8.15 1.75 12.78
C ALA A 55 -7.91 3.02 13.60
N ALA A 56 -6.96 2.91 14.53
CA ALA A 56 -6.61 4.03 15.38
C ALA A 56 -5.31 4.66 14.88
N SER A 57 -4.76 5.53 15.71
CA SER A 57 -3.52 6.21 15.37
C SER A 57 -2.34 5.23 15.47
N VAL A 58 -2.56 4.17 16.22
CA VAL A 58 -1.53 3.16 16.41
C VAL A 58 -1.58 2.17 15.23
N ASP A 59 -2.79 1.91 14.77
CA ASP A 59 -2.97 0.99 13.66
C ASP A 59 -2.16 1.48 12.46
N VAL A 60 -2.07 2.80 12.34
CA VAL A 60 -1.33 3.39 11.25
C VAL A 60 0.15 2.99 11.34
N VAL A 61 0.73 3.28 12.49
CA VAL A 61 2.13 2.94 12.73
C VAL A 61 2.27 1.42 12.80
N ARG A 62 1.28 0.79 13.41
CA ARG A 62 1.30 -0.65 13.55
C ARG A 62 1.24 -1.32 12.17
N LEU A 63 0.40 -0.76 11.31
CA LEU A 63 0.24 -1.29 9.97
C LEU A 63 1.56 -1.12 9.20
N VAL A 64 2.00 0.12 9.12
CA VAL A 64 3.23 0.43 8.42
C VAL A 64 4.37 -0.40 9.01
N GLU A 65 4.35 -0.54 10.32
CA GLU A 65 5.37 -1.31 11.01
C GLU A 65 5.30 -2.79 10.58
N GLU A 66 4.08 -3.27 10.46
CA GLU A 66 3.87 -4.65 10.06
C GLU A 66 4.38 -4.88 8.63
N VAL A 67 3.88 -4.08 7.72
CA VAL A 67 4.28 -4.18 6.32
C VAL A 67 5.79 -3.97 6.22
N LYS A 68 6.34 -3.31 7.23
CA LYS A 68 7.77 -3.04 7.27
C LYS A 68 8.53 -4.36 7.35
N GLU A 69 8.02 -5.25 8.20
CA GLU A 69 8.63 -6.54 8.38
C GLU A 69 8.45 -7.40 7.13
N LEU A 70 7.42 -7.08 6.37
CA LEU A 70 7.13 -7.81 5.15
C LEU A 70 8.26 -7.60 4.15
N CYS A 71 8.60 -6.33 3.96
CA CYS A 71 9.66 -5.98 3.03
C CYS A 71 10.97 -5.85 3.82
N ASP A 72 10.85 -6.05 5.12
CA ASP A 72 12.01 -5.97 6.00
C ASP A 72 12.59 -4.55 5.93
N GLY A 73 11.82 -3.60 6.45
CA GLY A 73 12.24 -2.21 6.45
C GLY A 73 11.61 -1.45 5.28
N LEU A 74 10.35 -1.75 5.03
CA LEU A 74 9.62 -1.10 3.95
C LEU A 74 9.65 0.41 4.16
N GLU A 75 9.85 1.14 3.07
CA GLU A 75 9.90 2.58 3.13
C GLU A 75 8.48 3.16 3.15
N LEU A 76 7.73 2.77 4.18
CA LEU A 76 6.37 3.23 4.32
C LEU A 76 6.28 4.14 5.55
N GLU A 77 5.63 5.28 5.35
CA GLU A 77 5.47 6.24 6.43
C GLU A 77 3.98 6.47 6.72
N ASN A 78 3.71 6.88 7.95
CA ASN A 78 2.35 7.14 8.36
C ASN A 78 1.63 7.94 7.28
N GLU A 79 2.40 8.80 6.62
CA GLU A 79 1.85 9.63 5.56
C GLU A 79 1.26 8.76 4.45
N ASP A 80 2.05 7.78 4.03
CA ASP A 80 1.61 6.87 2.98
C ASP A 80 0.21 6.36 3.30
N VAL A 81 0.02 5.98 4.56
CA VAL A 81 -1.27 5.48 4.99
C VAL A 81 -2.32 6.59 4.87
N TYR A 82 -1.95 7.77 5.33
CA TYR A 82 -2.84 8.91 5.27
C TYR A 82 -3.20 9.25 3.82
N MET A 83 -2.45 8.66 2.91
CA MET A 83 -2.69 8.89 1.49
C MET A 83 -3.59 7.80 0.89
N ALA A 84 -3.28 6.56 1.27
CA ALA A 84 -4.05 5.43 0.78
C ALA A 84 -4.72 4.73 1.97
N SER A 85 -5.95 5.16 2.25
CA SER A 85 -6.71 4.59 3.35
C SER A 85 -7.32 3.25 2.92
N THR A 86 -7.74 3.20 1.67
CA THR A 86 -8.34 2.00 1.13
C THR A 86 -7.25 1.01 0.69
N PHE A 87 -7.44 -0.24 1.10
CA PHE A 87 -6.48 -1.29 0.77
C PHE A 87 -6.06 -1.19 -0.71
N GLY A 88 -7.05 -1.31 -1.58
CA GLY A 88 -6.80 -1.23 -3.00
C GLY A 88 -5.75 -0.17 -3.33
N ASP A 89 -6.03 1.05 -2.88
CA ASP A 89 -5.13 2.16 -3.11
C ASP A 89 -3.77 1.86 -2.44
N PHE A 90 -3.85 1.50 -1.17
CA PHE A 90 -2.65 1.18 -0.41
C PHE A 90 -1.79 0.16 -1.16
N ILE A 91 -2.37 -1.01 -1.38
CA ILE A 91 -1.66 -2.07 -2.08
C ILE A 91 -0.86 -1.47 -3.23
N GLN A 92 -1.55 -0.73 -4.08
CA GLN A 92 -0.91 -0.10 -5.22
C GLN A 92 0.37 0.62 -4.78
N LEU A 93 0.22 1.43 -3.74
CA LEU A 93 1.35 2.18 -3.21
C LEU A 93 2.42 1.20 -2.71
N LEU A 94 1.97 0.23 -1.94
CA LEU A 94 2.87 -0.78 -1.40
C LEU A 94 3.64 -1.44 -2.55
N VAL A 95 2.88 -2.03 -3.47
CA VAL A 95 3.47 -2.70 -4.60
C VAL A 95 4.58 -1.82 -5.20
N ARG A 96 4.21 -0.55 -5.43
CA ARG A 96 5.15 0.39 -5.99
C ARG A 96 6.46 0.38 -5.19
N LYS A 97 6.32 0.36 -3.88
CA LYS A 97 7.46 0.35 -2.99
C LYS A 97 8.14 -1.02 -3.06
N LEU A 98 7.33 -2.06 -2.88
CA LEU A 98 7.84 -3.42 -2.92
C LEU A 98 8.64 -3.62 -4.21
N ARG A 99 8.08 -3.13 -5.31
CA ARG A 99 8.74 -3.25 -6.59
C ARG A 99 10.10 -2.57 -6.57
N GLY A 100 10.11 -1.34 -6.05
CA GLY A 100 11.33 -0.58 -5.95
C GLY A 100 11.63 -0.18 -4.51
N ASP A 101 12.50 -0.96 -3.88
CA ASP A 101 12.88 -0.72 -2.51
C ASP A 101 14.03 -1.66 -2.12
N ASP A 102 14.89 -1.92 -3.09
CA ASP A 102 16.03 -2.79 -2.87
C ASP A 102 16.92 -2.79 -4.11
N GLU A 103 18.17 -3.19 -3.91
CA GLU A 103 19.12 -3.23 -5.00
C GLU A 103 19.34 -4.68 -5.46
N GLU A 104 19.63 -4.82 -6.74
CA GLU A 104 19.86 -6.13 -7.31
C GLU A 104 18.59 -6.98 -7.24
N SER A 105 17.74 -6.81 -8.24
CA SER A 105 16.48 -7.55 -8.29
C SER A 105 16.37 -8.29 -9.63
N GLY A 106 16.67 -9.58 -9.59
CA GLY A 106 16.60 -10.40 -10.78
C GLY A 106 17.91 -10.33 -11.57
N PRO A 107 17.88 -10.93 -12.79
CA PRO A 107 19.05 -10.94 -13.65
C PRO A 107 19.28 -9.57 -14.28
N SER A 108 18.24 -9.09 -14.96
CA SER A 108 18.32 -7.80 -15.62
C SER A 108 19.45 -7.80 -16.66
N SER A 109 19.47 -6.74 -17.46
CA SER A 109 20.49 -6.61 -18.48
C SER A 109 20.48 -5.19 -19.06
N GLY A 110 21.60 -4.50 -18.89
CA GLY A 110 21.71 -3.14 -19.38
C GLY A 110 23.12 -2.91 -19.97
N GLY A 1 7.94 19.00 -39.08
CA GLY A 1 8.45 19.65 -37.89
C GLY A 1 8.63 18.64 -36.76
N SER A 2 9.53 18.96 -35.84
CA SER A 2 9.81 18.11 -34.71
C SER A 2 9.82 18.93 -33.42
N SER A 3 8.67 18.94 -32.75
CA SER A 3 8.53 19.68 -31.52
C SER A 3 7.33 19.16 -30.72
N GLY A 4 6.17 19.24 -31.36
CA GLY A 4 4.95 18.78 -30.73
C GLY A 4 4.26 17.71 -31.58
N SER A 5 3.46 16.89 -30.90
CA SER A 5 2.75 15.82 -31.59
C SER A 5 1.64 15.27 -30.68
N SER A 6 2.05 14.81 -29.51
CA SER A 6 1.10 14.26 -28.55
C SER A 6 0.11 13.35 -29.26
N GLY A 7 0.57 12.15 -29.58
CA GLY A 7 -0.27 11.19 -30.27
C GLY A 7 0.47 10.56 -31.46
N PHE A 8 1.09 9.43 -31.21
CA PHE A 8 1.83 8.73 -32.24
C PHE A 8 2.21 7.32 -31.79
N PHE A 9 2.55 6.49 -32.77
CA PHE A 9 2.94 5.12 -32.48
C PHE A 9 1.85 4.40 -31.68
N LYS A 10 2.00 3.09 -31.59
CA LYS A 10 1.05 2.27 -30.85
C LYS A 10 0.86 2.85 -29.44
N GLY A 11 -0.34 2.66 -28.91
CA GLY A 11 -0.66 3.16 -27.59
C GLY A 11 0.10 2.38 -26.51
N ALA A 12 0.55 3.10 -25.50
CA ALA A 12 1.28 2.48 -24.41
C ALA A 12 0.81 3.07 -23.08
N ALA A 13 -0.38 2.64 -22.67
CA ALA A 13 -0.96 3.12 -21.43
C ALA A 13 -1.24 1.93 -20.51
N SER A 14 -1.64 2.24 -19.29
CA SER A 14 -1.95 1.21 -18.32
C SER A 14 -2.70 1.82 -17.12
N SER A 15 -3.74 1.12 -16.71
CA SER A 15 -4.55 1.57 -15.58
C SER A 15 -4.24 0.74 -14.34
N VAL A 16 -4.15 1.42 -13.21
CA VAL A 16 -3.87 0.76 -11.95
C VAL A 16 -2.64 -0.14 -12.12
N LEU A 17 -2.18 -0.69 -11.00
CA LEU A 17 -1.04 -1.56 -11.02
C LEU A 17 -1.49 -3.02 -11.02
N GLU A 18 -0.94 -3.79 -11.95
CA GLU A 18 -1.28 -5.19 -12.07
C GLU A 18 -0.31 -6.05 -11.25
N LEU A 19 -0.88 -6.79 -10.31
CA LEU A 19 -0.07 -7.66 -9.46
C LEU A 19 0.44 -8.84 -10.29
N THR A 20 1.25 -9.66 -9.64
CA THR A 20 1.83 -10.82 -10.30
C THR A 20 1.64 -12.07 -9.44
N GLU A 21 2.33 -13.13 -9.83
CA GLU A 21 2.26 -14.39 -9.10
C GLU A 21 2.85 -14.23 -7.70
N ALA A 22 3.92 -13.44 -7.63
CA ALA A 22 4.58 -13.20 -6.36
C ALA A 22 3.83 -12.10 -5.59
N GLU A 23 3.85 -10.91 -6.15
CA GLU A 23 3.18 -9.78 -5.54
C GLU A 23 1.85 -10.22 -4.92
N LEU A 24 1.04 -10.87 -5.75
CA LEU A 24 -0.25 -11.35 -5.30
C LEU A 24 -0.12 -11.92 -3.89
N VAL A 25 0.87 -12.79 -3.73
CA VAL A 25 1.11 -13.41 -2.44
C VAL A 25 1.38 -12.33 -1.39
N THR A 26 2.22 -11.39 -1.78
CA THR A 26 2.57 -10.29 -0.89
C THR A 26 1.34 -9.44 -0.58
N ALA A 27 0.59 -9.15 -1.63
CA ALA A 27 -0.61 -8.34 -1.49
C ALA A 27 -1.58 -9.03 -0.51
N GLU A 28 -1.52 -10.35 -0.51
CA GLU A 28 -2.37 -11.14 0.36
C GLU A 28 -1.83 -11.12 1.79
N ALA A 29 -0.51 -11.07 1.89
CA ALA A 29 0.15 -11.05 3.19
C ALA A 29 -0.26 -9.77 3.93
N VAL A 30 -0.28 -8.67 3.18
CA VAL A 30 -0.64 -7.39 3.76
C VAL A 30 -2.10 -7.43 4.22
N ARG A 31 -2.95 -7.97 3.35
CA ARG A 31 -4.36 -8.08 3.66
C ARG A 31 -4.56 -8.68 5.06
N SER A 32 -3.78 -9.72 5.33
CA SER A 32 -3.85 -10.40 6.62
C SER A 32 -3.64 -9.39 7.75
N VAL A 33 -2.76 -8.44 7.49
CA VAL A 33 -2.45 -7.41 8.47
C VAL A 33 -3.72 -6.60 8.77
N TRP A 34 -4.33 -6.10 7.71
CA TRP A 34 -5.54 -5.31 7.84
C TRP A 34 -6.55 -6.13 8.66
N GLN A 35 -6.80 -7.34 8.18
CA GLN A 35 -7.73 -8.23 8.85
C GLN A 35 -7.33 -8.41 10.32
N ARG A 36 -6.10 -8.88 10.51
CA ARG A 36 -5.59 -9.10 11.85
C ARG A 36 -5.84 -7.88 12.73
N ILE A 37 -5.52 -6.72 12.19
CA ILE A 37 -5.72 -5.47 12.90
C ILE A 37 -7.22 -5.22 13.10
N LEU A 38 -7.87 -4.88 12.00
CA LEU A 38 -9.29 -4.61 12.02
C LEU A 38 -10.03 -5.85 12.55
N PRO A 39 -10.57 -5.71 13.78
CA PRO A 39 -11.30 -6.81 14.41
C PRO A 39 -12.68 -6.97 13.78
N LYS A 40 -13.56 -6.02 14.10
CA LYS A 40 -14.91 -6.05 13.57
C LYS A 40 -14.88 -6.51 12.12
N VAL A 41 -13.92 -5.99 11.38
CA VAL A 41 -13.77 -6.33 9.98
C VAL A 41 -13.61 -7.85 9.86
N LEU A 42 -14.68 -8.48 9.39
CA LEU A 42 -14.69 -9.92 9.22
C LEU A 42 -13.98 -10.27 7.90
N GLU A 43 -13.99 -9.32 6.98
CA GLU A 43 -13.36 -9.51 5.69
C GLU A 43 -12.88 -8.17 5.13
N VAL A 44 -11.73 -8.22 4.48
CA VAL A 44 -11.16 -7.02 3.90
C VAL A 44 -11.32 -7.06 2.38
N GLU A 45 -11.22 -5.90 1.76
CA GLU A 45 -11.35 -5.79 0.32
C GLU A 45 -10.56 -4.59 -0.21
N ASP A 46 -10.72 -4.34 -1.49
CA ASP A 46 -10.02 -3.22 -2.13
C ASP A 46 -10.79 -1.93 -1.86
N SER A 47 -12.06 -2.09 -1.49
CA SER A 47 -12.90 -0.95 -1.21
C SER A 47 -12.88 -0.64 0.29
N THR A 48 -12.21 -1.51 1.03
CA THR A 48 -12.10 -1.35 2.47
C THR A 48 -11.18 -0.17 2.81
N ASP A 49 -11.67 0.69 3.68
CA ASP A 49 -10.90 1.85 4.09
C ASP A 49 -10.28 1.60 5.47
N PHE A 50 -8.96 1.53 5.49
CA PHE A 50 -8.25 1.28 6.73
C PHE A 50 -8.87 2.07 7.89
N PHE A 51 -9.32 3.28 7.56
CA PHE A 51 -9.93 4.14 8.56
C PHE A 51 -11.39 3.76 8.79
N LYS A 52 -12.20 3.98 7.76
CA LYS A 52 -13.61 3.66 7.84
C LYS A 52 -13.80 2.32 8.54
N SER A 53 -12.83 1.44 8.33
CA SER A 53 -12.86 0.12 8.93
C SER A 53 -12.87 0.24 10.46
N GLY A 54 -11.71 0.59 11.00
CA GLY A 54 -11.57 0.75 12.43
C GLY A 54 -10.11 0.90 12.83
N ALA A 55 -9.38 1.67 12.02
CA ALA A 55 -7.97 1.90 12.28
C ALA A 55 -7.80 3.18 13.11
N ALA A 56 -6.97 3.08 14.13
CA ALA A 56 -6.71 4.21 15.01
C ALA A 56 -5.41 4.90 14.57
N SER A 57 -4.96 5.81 15.42
CA SER A 57 -3.74 6.55 15.15
C SER A 57 -2.53 5.64 15.35
N VAL A 58 -2.75 4.57 16.10
CA VAL A 58 -1.68 3.61 16.38
C VAL A 58 -1.66 2.56 15.27
N ASP A 59 -2.84 2.19 14.81
CA ASP A 59 -2.96 1.20 13.76
C ASP A 59 -2.12 1.62 12.55
N VAL A 60 -2.15 2.92 12.28
CA VAL A 60 -1.41 3.47 11.16
C VAL A 60 0.05 3.01 11.26
N VAL A 61 0.64 3.25 12.42
CA VAL A 61 2.02 2.87 12.65
C VAL A 61 2.14 1.34 12.62
N ARG A 62 1.12 0.69 13.15
CA ARG A 62 1.09 -0.76 13.19
C ARG A 62 1.17 -1.33 11.77
N LEU A 63 0.12 -1.05 11.00
CA LEU A 63 0.06 -1.52 9.63
C LEU A 63 1.39 -1.25 8.93
N VAL A 64 1.89 -0.04 9.14
CA VAL A 64 3.15 0.38 8.55
C VAL A 64 4.29 -0.49 9.11
N GLU A 65 4.26 -0.65 10.43
CA GLU A 65 5.27 -1.44 11.10
C GLU A 65 5.20 -2.90 10.64
N GLU A 66 3.97 -3.38 10.51
CA GLU A 66 3.75 -4.75 10.07
C GLU A 66 4.27 -4.94 8.65
N VAL A 67 3.77 -4.12 7.75
CA VAL A 67 4.18 -4.19 6.35
C VAL A 67 5.69 -3.99 6.26
N LYS A 68 6.25 -3.41 7.31
CA LYS A 68 7.68 -3.17 7.35
C LYS A 68 8.42 -4.50 7.39
N GLU A 69 7.93 -5.39 8.25
CA GLU A 69 8.54 -6.69 8.40
C GLU A 69 8.34 -7.52 7.13
N LEU A 70 7.33 -7.13 6.36
CA LEU A 70 7.02 -7.82 5.13
C LEU A 70 8.16 -7.61 4.13
N CYS A 71 8.55 -6.36 3.98
CA CYS A 71 9.64 -6.01 3.07
C CYS A 71 10.92 -5.85 3.88
N ASP A 72 10.80 -6.12 5.18
CA ASP A 72 11.93 -6.01 6.07
C ASP A 72 12.44 -4.57 6.10
N GLY A 73 11.68 -3.73 6.80
CA GLY A 73 12.03 -2.33 6.91
C GLY A 73 11.52 -1.54 5.70
N LEU A 74 10.30 -1.85 5.30
CA LEU A 74 9.68 -1.19 4.17
C LEU A 74 9.74 0.33 4.38
N GLU A 75 9.97 1.04 3.29
CA GLU A 75 10.05 2.48 3.34
C GLU A 75 8.65 3.10 3.39
N LEU A 76 7.91 2.73 4.43
CA LEU A 76 6.56 3.22 4.61
C LEU A 76 6.56 4.31 5.69
N GLU A 77 5.48 5.08 5.70
CA GLU A 77 5.34 6.15 6.68
C GLU A 77 3.85 6.44 6.94
N ASN A 78 3.61 7.13 8.05
CA ASN A 78 2.25 7.48 8.42
C ASN A 78 1.59 8.24 7.27
N GLU A 79 2.39 9.06 6.62
CA GLU A 79 1.89 9.85 5.50
C GLU A 79 1.40 8.94 4.38
N ASP A 80 2.17 7.89 4.13
CA ASP A 80 1.83 6.94 3.09
C ASP A 80 0.44 6.36 3.38
N VAL A 81 0.19 6.12 4.66
CA VAL A 81 -1.09 5.57 5.08
C VAL A 81 -2.18 6.63 4.93
N TYR A 82 -1.90 7.79 5.51
CA TYR A 82 -2.85 8.90 5.45
C TYR A 82 -3.20 9.24 4.00
N MET A 83 -2.36 8.75 3.09
CA MET A 83 -2.58 9.01 1.67
C MET A 83 -3.46 7.91 1.06
N ALA A 84 -3.16 6.68 1.42
CA ALA A 84 -3.91 5.55 0.91
C ALA A 84 -4.60 4.82 2.07
N SER A 85 -5.82 5.25 2.35
CA SER A 85 -6.59 4.66 3.44
C SER A 85 -7.20 3.34 2.98
N THR A 86 -7.53 3.29 1.71
CA THR A 86 -8.12 2.08 1.13
C THR A 86 -7.03 1.09 0.74
N PHE A 87 -7.32 -0.18 0.97
CA PHE A 87 -6.38 -1.24 0.64
C PHE A 87 -5.88 -1.10 -0.79
N GLY A 88 -6.81 -1.16 -1.72
CA GLY A 88 -6.47 -1.05 -3.13
C GLY A 88 -5.42 0.03 -3.36
N ASP A 89 -5.77 1.25 -2.97
CA ASP A 89 -4.86 2.38 -3.13
C ASP A 89 -3.53 2.04 -2.44
N PHE A 90 -3.63 1.70 -1.15
CA PHE A 90 -2.45 1.37 -0.38
C PHE A 90 -1.59 0.34 -1.11
N ILE A 91 -2.22 -0.78 -1.45
CA ILE A 91 -1.52 -1.85 -2.14
C ILE A 91 -0.68 -1.25 -3.27
N GLN A 92 -1.33 -0.44 -4.09
CA GLN A 92 -0.65 0.19 -5.21
C GLN A 92 0.66 0.85 -4.73
N LEU A 93 0.53 1.62 -3.66
CA LEU A 93 1.68 2.31 -3.09
C LEU A 93 2.69 1.28 -2.60
N LEU A 94 2.19 0.30 -1.86
CA LEU A 94 3.03 -0.76 -1.33
C LEU A 94 3.76 -1.45 -2.48
N VAL A 95 2.98 -2.02 -3.38
CA VAL A 95 3.53 -2.71 -4.52
C VAL A 95 4.64 -1.87 -5.14
N ARG A 96 4.33 -0.60 -5.35
CA ARG A 96 5.30 0.32 -5.93
C ARG A 96 6.60 0.31 -5.12
N LYS A 97 6.44 0.39 -3.81
CA LYS A 97 7.58 0.39 -2.92
C LYS A 97 8.25 -0.98 -2.94
N LEU A 98 7.41 -2.01 -2.89
CA LEU A 98 7.91 -3.38 -2.92
C LEU A 98 8.73 -3.60 -4.19
N ARG A 99 8.17 -3.15 -5.30
CA ARG A 99 8.84 -3.29 -6.58
C ARG A 99 10.19 -2.57 -6.57
N GLY A 100 10.16 -1.34 -6.08
CA GLY A 100 11.36 -0.54 -5.99
C GLY A 100 11.04 0.91 -5.59
N ASP A 101 11.51 1.83 -6.42
CA ASP A 101 11.27 3.24 -6.16
C ASP A 101 11.55 3.54 -4.68
N ASP A 102 12.62 2.95 -4.19
CA ASP A 102 13.01 3.13 -2.80
C ASP A 102 14.51 2.84 -2.64
N GLU A 103 15.32 3.71 -3.24
CA GLU A 103 16.76 3.54 -3.18
C GLU A 103 17.35 4.45 -2.10
N GLU A 104 16.53 5.39 -1.64
CA GLU A 104 16.95 6.32 -0.61
C GLU A 104 17.98 7.30 -1.18
N SER A 105 19.14 6.76 -1.53
CA SER A 105 20.21 7.58 -2.08
C SER A 105 19.70 8.36 -3.29
N GLY A 106 19.21 7.61 -4.27
CA GLY A 106 18.69 8.22 -5.48
C GLY A 106 18.75 7.25 -6.66
N PRO A 107 18.64 7.81 -7.89
CA PRO A 107 18.68 7.00 -9.10
C PRO A 107 20.11 6.55 -9.40
N SER A 108 20.99 7.52 -9.53
CA SER A 108 22.39 7.23 -9.83
C SER A 108 22.48 6.23 -10.98
N SER A 109 22.48 6.77 -12.19
CA SER A 109 22.57 5.94 -13.38
C SER A 109 21.32 5.07 -13.50
N GLY A 110 20.84 4.95 -14.73
CA GLY A 110 19.65 4.16 -15.00
C GLY A 110 18.46 5.05 -15.35
N GLY A 1 14.07 10.07 -24.78
CA GLY A 1 13.61 11.28 -25.43
C GLY A 1 13.74 12.48 -24.48
N SER A 2 14.85 13.18 -24.61
CA SER A 2 15.11 14.34 -23.78
C SER A 2 14.79 15.63 -24.56
N SER A 3 14.76 16.73 -23.83
CA SER A 3 14.49 18.02 -24.45
C SER A 3 13.06 18.03 -25.00
N GLY A 4 12.32 19.06 -24.63
CA GLY A 4 10.94 19.20 -25.10
C GLY A 4 10.41 20.60 -24.83
N SER A 5 9.28 20.65 -24.15
CA SER A 5 8.66 21.93 -23.82
C SER A 5 7.82 21.79 -22.55
N SER A 6 7.59 22.93 -21.90
CA SER A 6 6.82 22.95 -20.68
C SER A 6 5.36 23.30 -20.99
N GLY A 7 4.57 22.25 -21.22
CA GLY A 7 3.17 22.43 -21.53
C GLY A 7 2.30 21.50 -20.67
N PHE A 8 1.99 20.34 -21.24
CA PHE A 8 1.18 19.36 -20.55
C PHE A 8 1.11 18.05 -21.33
N PHE A 9 1.28 16.95 -20.60
CA PHE A 9 1.25 15.63 -21.22
C PHE A 9 -0.14 14.99 -21.07
N LYS A 10 -0.34 13.91 -21.80
CA LYS A 10 -1.60 13.19 -21.75
C LYS A 10 -1.81 12.63 -20.35
N GLY A 11 -3.04 12.74 -19.87
CA GLY A 11 -3.38 12.25 -18.55
C GLY A 11 -4.43 11.13 -18.64
N ALA A 12 -3.95 9.95 -19.03
CA ALA A 12 -4.84 8.80 -19.16
C ALA A 12 -4.00 7.57 -19.50
N ALA A 13 -4.66 6.43 -19.47
CA ALA A 13 -4.00 5.17 -19.78
C ALA A 13 -2.86 4.94 -18.77
N SER A 14 -2.46 3.68 -18.66
CA SER A 14 -1.38 3.32 -17.75
C SER A 14 -1.70 3.84 -16.35
N SER A 15 -2.42 3.02 -15.60
CA SER A 15 -2.80 3.38 -14.24
C SER A 15 -2.80 2.14 -13.35
N VAL A 16 -2.46 2.35 -12.09
CA VAL A 16 -2.41 1.26 -11.13
C VAL A 16 -1.40 0.21 -11.60
N LEU A 17 -0.79 -0.46 -10.64
CA LEU A 17 0.19 -1.47 -10.94
C LEU A 17 -0.48 -2.86 -10.87
N GLU A 18 -0.12 -3.70 -11.84
CA GLU A 18 -0.68 -5.04 -11.89
C GLU A 18 0.18 -6.01 -11.08
N LEU A 19 -0.45 -6.62 -10.09
CA LEU A 19 0.24 -7.57 -9.23
C LEU A 19 0.87 -8.67 -10.08
N THR A 20 1.60 -9.54 -9.41
CA THR A 20 2.26 -10.64 -10.10
C THR A 20 2.05 -11.95 -9.33
N GLU A 21 2.93 -12.90 -9.60
CA GLU A 21 2.86 -14.19 -8.93
C GLU A 21 3.34 -14.07 -7.48
N ALA A 22 4.39 -13.28 -7.30
CA ALA A 22 4.95 -13.07 -5.98
C ALA A 22 4.14 -12.01 -5.24
N GLU A 23 4.09 -10.83 -5.84
CA GLU A 23 3.36 -9.72 -5.25
C GLU A 23 2.01 -10.21 -4.72
N LEU A 24 1.26 -10.86 -5.59
CA LEU A 24 -0.05 -11.38 -5.22
C LEU A 24 0.03 -11.95 -3.80
N VAL A 25 0.99 -12.85 -3.60
CA VAL A 25 1.17 -13.47 -2.31
C VAL A 25 1.39 -12.39 -1.25
N THR A 26 2.27 -11.46 -1.57
CA THR A 26 2.58 -10.37 -0.66
C THR A 26 1.34 -9.55 -0.37
N ALA A 27 0.62 -9.24 -1.44
CA ALA A 27 -0.59 -8.46 -1.32
C ALA A 27 -1.56 -9.14 -0.36
N GLU A 28 -1.55 -10.47 -0.41
CA GLU A 28 -2.41 -11.27 0.45
C GLU A 28 -1.91 -11.22 1.89
N ALA A 29 -0.59 -11.22 2.02
CA ALA A 29 0.04 -11.18 3.33
C ALA A 29 -0.37 -9.88 4.05
N VAL A 30 -0.28 -8.78 3.30
CA VAL A 30 -0.63 -7.48 3.85
C VAL A 30 -2.09 -7.49 4.27
N ARG A 31 -2.92 -8.06 3.40
CA ARG A 31 -4.35 -8.14 3.67
C ARG A 31 -4.60 -8.72 5.07
N SER A 32 -3.81 -9.74 5.39
CA SER A 32 -3.93 -10.40 6.68
C SER A 32 -3.70 -9.39 7.81
N VAL A 33 -2.80 -8.45 7.54
CA VAL A 33 -2.48 -7.43 8.52
C VAL A 33 -3.74 -6.64 8.85
N TRP A 34 -4.41 -6.18 7.81
CA TRP A 34 -5.62 -5.41 7.98
C TRP A 34 -6.62 -6.26 8.76
N GLN A 35 -6.94 -7.42 8.20
CA GLN A 35 -7.87 -8.33 8.84
C GLN A 35 -7.49 -8.53 10.32
N ARG A 36 -6.28 -9.02 10.52
CA ARG A 36 -5.78 -9.26 11.86
C ARG A 36 -6.02 -8.04 12.74
N ILE A 37 -5.56 -6.89 12.24
CA ILE A 37 -5.71 -5.65 12.96
C ILE A 37 -7.20 -5.34 13.14
N LEU A 38 -7.82 -4.95 12.03
CA LEU A 38 -9.23 -4.62 12.05
C LEU A 38 -10.03 -5.83 12.55
N PRO A 39 -10.59 -5.68 13.78
CA PRO A 39 -11.37 -6.76 14.38
C PRO A 39 -12.75 -6.85 13.72
N LYS A 40 -13.59 -5.88 14.06
CA LYS A 40 -14.94 -5.85 13.51
C LYS A 40 -14.90 -6.26 12.03
N VAL A 41 -13.88 -5.76 11.34
CA VAL A 41 -13.72 -6.07 9.93
C VAL A 41 -13.59 -7.59 9.75
N LEU A 42 -14.56 -8.16 9.07
CA LEU A 42 -14.57 -9.59 8.83
C LEU A 42 -13.94 -9.87 7.46
N GLU A 43 -14.08 -8.90 6.56
CA GLU A 43 -13.54 -9.03 5.23
C GLU A 43 -12.88 -7.72 4.79
N VAL A 44 -11.73 -7.86 4.14
CA VAL A 44 -11.00 -6.69 3.66
C VAL A 44 -10.99 -6.69 2.13
N GLU A 45 -11.67 -5.71 1.57
CA GLU A 45 -11.75 -5.58 0.13
C GLU A 45 -11.00 -4.33 -0.33
N ASP A 46 -11.14 -4.04 -1.62
CA ASP A 46 -10.48 -2.89 -2.20
C ASP A 46 -11.25 -1.62 -1.81
N SER A 47 -12.49 -1.83 -1.40
CA SER A 47 -13.34 -0.72 -1.00
C SER A 47 -13.23 -0.51 0.52
N THR A 48 -12.55 -1.42 1.17
CA THR A 48 -12.36 -1.35 2.60
C THR A 48 -11.36 -0.25 2.96
N ASP A 49 -11.81 0.67 3.79
CA ASP A 49 -10.96 1.77 4.23
C ASP A 49 -10.33 1.43 5.57
N PHE A 50 -9.01 1.46 5.60
CA PHE A 50 -8.27 1.16 6.82
C PHE A 50 -8.75 2.03 7.98
N PHE A 51 -9.20 3.23 7.63
CA PHE A 51 -9.69 4.16 8.64
C PHE A 51 -11.15 3.87 8.99
N LYS A 52 -12.01 4.01 7.99
CA LYS A 52 -13.43 3.76 8.19
C LYS A 52 -13.61 2.47 8.99
N SER A 53 -12.77 1.50 8.68
CA SER A 53 -12.83 0.21 9.36
C SER A 53 -12.82 0.43 10.88
N GLY A 54 -12.00 1.39 11.30
CA GLY A 54 -11.89 1.70 12.72
C GLY A 54 -10.43 1.61 13.18
N ALA A 55 -9.54 2.10 12.33
CA ALA A 55 -8.12 2.09 12.65
C ALA A 55 -7.73 3.43 13.26
N ALA A 56 -7.02 3.35 14.38
CA ALA A 56 -6.58 4.54 15.08
C ALA A 56 -5.19 4.94 14.56
N SER A 57 -4.81 6.17 14.88
CA SER A 57 -3.51 6.68 14.47
C SER A 57 -2.41 5.71 14.90
N VAL A 58 -2.76 4.83 15.83
CA VAL A 58 -1.82 3.85 16.33
C VAL A 58 -1.61 2.75 15.28
N ASP A 59 -2.71 2.10 14.95
CA ASP A 59 -2.68 1.03 13.96
C ASP A 59 -1.87 1.49 12.75
N VAL A 60 -1.99 2.77 12.45
CA VAL A 60 -1.27 3.35 11.32
C VAL A 60 0.19 2.94 11.38
N VAL A 61 0.76 3.06 12.57
CA VAL A 61 2.16 2.71 12.78
C VAL A 61 2.30 1.18 12.75
N ARG A 62 1.30 0.52 13.33
CA ARG A 62 1.31 -0.93 13.38
C ARG A 62 1.35 -1.52 11.97
N LEU A 63 0.36 -1.12 11.17
CA LEU A 63 0.28 -1.59 9.80
C LEU A 63 1.61 -1.32 9.08
N VAL A 64 2.01 -0.06 9.11
CA VAL A 64 3.25 0.35 8.47
C VAL A 64 4.40 -0.49 9.03
N GLU A 65 4.34 -0.73 10.33
CA GLU A 65 5.38 -1.52 11.00
C GLU A 65 5.29 -2.97 10.54
N GLU A 66 4.06 -3.45 10.40
CA GLU A 66 3.83 -4.83 9.98
C GLU A 66 4.36 -5.04 8.56
N VAL A 67 3.85 -4.23 7.65
CA VAL A 67 4.26 -4.31 6.25
C VAL A 67 5.77 -4.14 6.15
N LYS A 68 6.32 -3.51 7.19
CA LYS A 68 7.76 -3.27 7.22
C LYS A 68 8.50 -4.61 7.30
N GLU A 69 7.95 -5.50 8.11
CA GLU A 69 8.54 -6.82 8.27
C GLU A 69 8.34 -7.66 7.01
N LEU A 70 7.33 -7.28 6.24
CA LEU A 70 7.01 -7.98 5.01
C LEU A 70 8.15 -7.79 4.02
N CYS A 71 8.53 -6.53 3.83
CA CYS A 71 9.61 -6.20 2.92
C CYS A 71 10.91 -6.08 3.72
N ASP A 72 10.79 -6.27 5.03
CA ASP A 72 11.94 -6.18 5.91
C ASP A 72 12.52 -4.78 5.83
N GLY A 73 11.78 -3.82 6.38
CA GLY A 73 12.21 -2.44 6.39
C GLY A 73 11.60 -1.66 5.23
N LEU A 74 10.33 -1.96 4.97
CA LEU A 74 9.62 -1.30 3.88
C LEU A 74 9.64 0.21 4.11
N GLU A 75 10.02 0.92 3.06
CA GLU A 75 10.09 2.37 3.12
C GLU A 75 8.69 2.98 3.18
N LEU A 76 7.95 2.58 4.21
CA LEU A 76 6.59 3.07 4.38
C LEU A 76 6.58 4.13 5.48
N GLU A 77 5.54 4.96 5.45
CA GLU A 77 5.41 6.02 6.44
C GLU A 77 3.92 6.28 6.73
N ASN A 78 3.67 6.77 7.93
CA ASN A 78 2.31 7.06 8.35
C ASN A 78 1.60 7.84 7.24
N GLU A 79 2.38 8.61 6.51
CA GLU A 79 1.85 9.41 5.42
C GLU A 79 1.25 8.50 4.35
N ASP A 80 1.91 7.37 4.13
CA ASP A 80 1.45 6.41 3.13
C ASP A 80 0.00 6.02 3.44
N VAL A 81 -0.23 5.69 4.70
CA VAL A 81 -1.56 5.29 5.13
C VAL A 81 -2.53 6.45 4.92
N TYR A 82 -2.09 7.63 5.34
CA TYR A 82 -2.91 8.82 5.20
C TYR A 82 -3.22 9.11 3.73
N MET A 83 -2.39 8.54 2.87
CA MET A 83 -2.56 8.72 1.43
C MET A 83 -3.51 7.68 0.85
N ALA A 84 -3.26 6.43 1.24
CA ALA A 84 -4.07 5.32 0.77
C ALA A 84 -4.74 4.64 1.96
N SER A 85 -5.94 5.11 2.29
CA SER A 85 -6.69 4.55 3.41
C SER A 85 -7.29 3.21 3.01
N THR A 86 -7.66 3.11 1.73
CA THR A 86 -8.26 1.89 1.22
C THR A 86 -7.16 0.91 0.79
N PHE A 87 -7.44 -0.37 0.99
CA PHE A 87 -6.50 -1.41 0.62
C PHE A 87 -6.07 -1.27 -0.84
N GLY A 88 -7.04 -1.41 -1.72
CA GLY A 88 -6.79 -1.31 -3.15
C GLY A 88 -5.77 -0.20 -3.44
N ASP A 89 -6.07 0.98 -2.92
CA ASP A 89 -5.20 2.13 -3.12
C ASP A 89 -3.85 1.86 -2.44
N PHE A 90 -3.93 1.40 -1.20
CA PHE A 90 -2.73 1.11 -0.43
C PHE A 90 -1.82 0.13 -1.19
N ILE A 91 -2.41 -1.01 -1.56
CA ILE A 91 -1.67 -2.02 -2.28
C ILE A 91 -0.84 -1.36 -3.38
N GLN A 92 -1.54 -0.66 -4.26
CA GLN A 92 -0.89 0.02 -5.37
C GLN A 92 0.35 0.78 -4.86
N LEU A 93 0.16 1.48 -3.76
CA LEU A 93 1.24 2.25 -3.16
C LEU A 93 2.33 1.29 -2.66
N LEU A 94 1.88 0.26 -1.96
CA LEU A 94 2.79 -0.73 -1.41
C LEU A 94 3.59 -1.37 -2.56
N VAL A 95 2.86 -1.97 -3.49
CA VAL A 95 3.48 -2.61 -4.64
C VAL A 95 4.57 -1.69 -5.21
N ARG A 96 4.26 -0.40 -5.21
CA ARG A 96 5.19 0.59 -5.72
C ARG A 96 6.47 0.58 -4.88
N LYS A 97 6.29 0.65 -3.58
CA LYS A 97 7.41 0.66 -2.66
C LYS A 97 8.17 -0.67 -2.77
N LEU A 98 7.39 -1.73 -2.92
CA LEU A 98 7.96 -3.07 -3.04
C LEU A 98 8.85 -3.13 -4.29
N ARG A 99 8.25 -2.77 -5.42
CA ARG A 99 8.97 -2.79 -6.68
C ARG A 99 10.21 -1.89 -6.59
N GLY A 100 10.01 -0.71 -6.05
CA GLY A 100 11.08 0.25 -5.90
C GLY A 100 10.57 1.69 -5.93
N ASP A 101 10.97 2.45 -4.94
CA ASP A 101 10.55 3.84 -4.84
C ASP A 101 11.42 4.56 -3.81
N ASP A 102 11.36 5.88 -3.85
CA ASP A 102 12.14 6.71 -2.93
C ASP A 102 13.63 6.55 -3.26
N GLU A 103 14.24 7.66 -3.63
CA GLU A 103 15.66 7.66 -3.97
C GLU A 103 16.51 7.86 -2.71
N GLU A 104 17.79 7.56 -2.84
CA GLU A 104 18.70 7.71 -1.72
C GLU A 104 18.54 9.08 -1.06
N SER A 105 19.02 9.18 0.16
CA SER A 105 18.93 10.43 0.91
C SER A 105 20.03 11.39 0.44
N GLY A 106 19.77 12.67 0.64
CA GLY A 106 20.72 13.69 0.26
C GLY A 106 20.49 14.99 1.03
N PRO A 107 20.73 16.14 0.34
CA PRO A 107 20.54 17.44 0.95
C PRO A 107 19.04 17.78 1.06
N SER A 108 18.30 17.39 0.04
CA SER A 108 16.88 17.64 0.00
C SER A 108 16.60 19.12 0.32
N SER A 109 16.63 19.93 -0.72
CA SER A 109 16.39 21.36 -0.58
C SER A 109 16.48 22.05 -1.94
N GLY A 110 15.32 22.30 -2.51
CA GLY A 110 15.25 22.96 -3.81
C GLY A 110 15.43 24.47 -3.67
N GLY A 1 -8.27 -16.89 -25.30
CA GLY A 1 -8.87 -15.78 -26.02
C GLY A 1 -10.29 -16.12 -26.47
N SER A 2 -11.06 -15.08 -26.73
CA SER A 2 -12.44 -15.24 -27.17
C SER A 2 -12.93 -13.97 -27.86
N SER A 3 -12.89 -12.88 -27.11
CA SER A 3 -13.32 -11.59 -27.64
C SER A 3 -12.43 -11.18 -28.82
N GLY A 4 -12.87 -10.13 -29.50
CA GLY A 4 -12.13 -9.63 -30.64
C GLY A 4 -12.77 -8.36 -31.20
N SER A 5 -13.66 -8.56 -32.16
CA SER A 5 -14.36 -7.44 -32.77
C SER A 5 -15.84 -7.79 -32.97
N SER A 6 -16.68 -7.07 -32.23
CA SER A 6 -18.11 -7.29 -32.30
C SER A 6 -18.84 -6.33 -31.36
N GLY A 7 -18.50 -6.44 -30.08
CA GLY A 7 -19.11 -5.60 -29.07
C GLY A 7 -18.08 -5.15 -28.04
N PHE A 8 -17.64 -3.90 -28.19
CA PHE A 8 -16.66 -3.34 -27.28
C PHE A 8 -17.29 -2.30 -26.36
N PHE A 9 -17.07 -2.47 -25.07
CA PHE A 9 -17.62 -1.55 -24.09
C PHE A 9 -16.49 -0.90 -23.28
N LYS A 10 -15.68 -1.74 -22.66
CA LYS A 10 -14.57 -1.26 -21.86
C LYS A 10 -13.29 -1.29 -22.70
N GLY A 11 -12.31 -0.51 -22.24
CA GLY A 11 -11.04 -0.43 -22.93
C GLY A 11 -10.05 0.44 -22.16
N ALA A 12 -9.91 1.68 -22.63
CA ALA A 12 -9.01 2.62 -21.99
C ALA A 12 -7.58 2.06 -22.04
N ALA A 13 -6.63 2.92 -21.70
CA ALA A 13 -5.24 2.52 -21.69
C ALA A 13 -4.90 1.85 -20.36
N SER A 14 -3.79 1.13 -20.36
CA SER A 14 -3.35 0.44 -19.16
C SER A 14 -3.54 1.33 -17.94
N SER A 15 -4.13 0.76 -16.90
CA SER A 15 -4.38 1.49 -15.68
C SER A 15 -4.02 0.62 -14.46
N VAL A 16 -3.94 1.27 -13.32
CA VAL A 16 -3.60 0.57 -12.09
C VAL A 16 -2.36 -0.28 -12.31
N LEU A 17 -1.86 -0.86 -11.23
CA LEU A 17 -0.68 -1.71 -11.29
C LEU A 17 -1.10 -3.16 -11.24
N GLU A 18 -0.46 -3.96 -12.09
CA GLU A 18 -0.76 -5.38 -12.16
C GLU A 18 0.14 -6.16 -11.19
N LEU A 19 -0.51 -6.81 -10.23
CA LEU A 19 0.21 -7.59 -9.24
C LEU A 19 1.06 -8.65 -9.94
N THR A 20 1.74 -9.45 -9.15
CA THR A 20 2.59 -10.51 -9.68
C THR A 20 2.62 -11.70 -8.73
N GLU A 21 3.08 -12.83 -9.26
CA GLU A 21 3.17 -14.04 -8.47
C GLU A 21 3.84 -13.75 -7.13
N ALA A 22 4.61 -12.67 -7.11
CA ALA A 22 5.32 -12.28 -5.90
C ALA A 22 4.41 -11.37 -5.06
N GLU A 23 4.10 -10.21 -5.62
CA GLU A 23 3.26 -9.25 -4.94
C GLU A 23 1.95 -9.92 -4.50
N LEU A 24 1.36 -10.66 -5.43
CA LEU A 24 0.11 -11.35 -5.15
C LEU A 24 0.18 -11.98 -3.75
N VAL A 25 1.33 -12.55 -3.45
CA VAL A 25 1.53 -13.18 -2.16
C VAL A 25 1.58 -12.11 -1.07
N THR A 26 2.32 -11.05 -1.36
CA THR A 26 2.46 -9.95 -0.42
C THR A 26 1.10 -9.29 -0.18
N ALA A 27 0.41 -9.00 -1.27
CA ALA A 27 -0.89 -8.36 -1.19
C ALA A 27 -1.79 -9.18 -0.26
N GLU A 28 -1.59 -10.50 -0.31
CA GLU A 28 -2.38 -11.40 0.52
C GLU A 28 -1.87 -11.37 1.97
N ALA A 29 -0.56 -11.31 2.10
CA ALA A 29 0.06 -11.27 3.41
C ALA A 29 -0.32 -9.96 4.11
N VAL A 30 -0.28 -8.88 3.35
CA VAL A 30 -0.61 -7.57 3.88
C VAL A 30 -2.10 -7.54 4.25
N ARG A 31 -2.89 -8.14 3.39
CA ARG A 31 -4.33 -8.20 3.61
C ARG A 31 -4.64 -8.79 4.99
N SER A 32 -3.83 -9.76 5.38
CA SER A 32 -4.01 -10.42 6.66
C SER A 32 -3.72 -9.43 7.79
N VAL A 33 -2.84 -8.49 7.50
CA VAL A 33 -2.47 -7.48 8.48
C VAL A 33 -3.71 -6.63 8.83
N TRP A 34 -4.41 -6.22 7.78
CA TRP A 34 -5.60 -5.41 7.95
C TRP A 34 -6.62 -6.23 8.74
N GLN A 35 -6.93 -7.41 8.21
CA GLN A 35 -7.88 -8.29 8.86
C GLN A 35 -7.48 -8.53 10.32
N ARG A 36 -6.28 -9.07 10.49
CA ARG A 36 -5.77 -9.36 11.82
C ARG A 36 -5.93 -8.14 12.72
N ILE A 37 -5.60 -6.97 12.16
CA ILE A 37 -5.72 -5.73 12.90
C ILE A 37 -7.19 -5.39 13.12
N LEU A 38 -7.84 -5.01 12.03
CA LEU A 38 -9.25 -4.67 12.10
C LEU A 38 -10.06 -5.89 12.56
N PRO A 39 -10.60 -5.78 13.81
CA PRO A 39 -11.39 -6.86 14.37
C PRO A 39 -12.78 -6.92 13.74
N LYS A 40 -13.59 -5.93 14.08
CA LYS A 40 -14.94 -5.86 13.55
C LYS A 40 -14.93 -6.28 12.07
N VAL A 41 -13.93 -5.78 11.36
CA VAL A 41 -13.80 -6.10 9.94
C VAL A 41 -13.77 -7.62 9.77
N LEU A 42 -14.81 -8.12 9.13
CA LEU A 42 -14.93 -9.55 8.88
C LEU A 42 -14.17 -9.90 7.60
N GLU A 43 -14.14 -8.95 6.69
CA GLU A 43 -13.45 -9.14 5.43
C GLU A 43 -12.83 -7.83 4.94
N VAL A 44 -11.74 -7.96 4.20
CA VAL A 44 -11.06 -6.80 3.66
C VAL A 44 -11.14 -6.80 2.14
N GLU A 45 -11.61 -5.68 1.60
CA GLU A 45 -11.74 -5.55 0.16
C GLU A 45 -10.99 -4.31 -0.33
N ASP A 46 -11.17 -4.01 -1.61
CA ASP A 46 -10.52 -2.86 -2.21
C ASP A 46 -11.26 -1.58 -1.81
N SER A 47 -12.51 -1.77 -1.40
CA SER A 47 -13.33 -0.64 -0.99
C SER A 47 -13.16 -0.40 0.52
N THR A 48 -12.55 -1.37 1.18
CA THR A 48 -12.32 -1.26 2.61
C THR A 48 -11.35 -0.13 2.91
N ASP A 49 -11.76 0.74 3.82
CA ASP A 49 -10.94 1.88 4.21
C ASP A 49 -10.33 1.61 5.59
N PHE A 50 -9.01 1.61 5.62
CA PHE A 50 -8.29 1.37 6.86
C PHE A 50 -8.89 2.18 8.00
N PHE A 51 -9.45 3.33 7.65
CA PHE A 51 -10.06 4.21 8.63
C PHE A 51 -11.51 3.81 8.89
N LYS A 52 -12.32 3.92 7.83
CA LYS A 52 -13.72 3.58 7.93
C LYS A 52 -13.88 2.31 8.77
N SER A 53 -12.89 1.44 8.67
CA SER A 53 -12.91 0.19 9.41
C SER A 53 -12.92 0.48 10.91
N GLY A 54 -12.02 1.35 11.33
CA GLY A 54 -11.91 1.73 12.72
C GLY A 54 -10.47 1.62 13.22
N ALA A 55 -9.56 2.07 12.37
CA ALA A 55 -8.14 2.04 12.70
C ALA A 55 -7.72 3.39 13.29
N ALA A 56 -7.03 3.31 14.42
CA ALA A 56 -6.58 4.52 15.10
C ALA A 56 -5.19 4.89 14.56
N SER A 57 -4.79 6.12 14.86
CA SER A 57 -3.50 6.61 14.41
C SER A 57 -2.41 5.65 14.85
N VAL A 58 -2.75 4.79 15.80
CA VAL A 58 -1.80 3.82 16.31
C VAL A 58 -1.60 2.71 15.27
N ASP A 59 -2.70 2.05 14.94
CA ASP A 59 -2.66 0.98 13.96
C ASP A 59 -1.90 1.45 12.72
N VAL A 60 -2.05 2.73 12.44
CA VAL A 60 -1.38 3.32 11.28
C VAL A 60 0.10 2.94 11.30
N VAL A 61 0.69 3.03 12.48
CA VAL A 61 2.10 2.70 12.64
C VAL A 61 2.25 1.17 12.62
N ARG A 62 1.28 0.49 13.19
CA ARG A 62 1.29 -0.96 13.23
C ARG A 62 1.32 -1.53 11.82
N LEU A 63 0.29 -1.18 11.06
CA LEU A 63 0.19 -1.66 9.69
C LEU A 63 1.49 -1.38 8.95
N VAL A 64 1.94 -0.14 9.06
CA VAL A 64 3.18 0.28 8.41
C VAL A 64 4.34 -0.57 8.94
N GLU A 65 4.33 -0.77 10.24
CA GLU A 65 5.37 -1.56 10.88
C GLU A 65 5.28 -3.02 10.43
N GLU A 66 4.05 -3.50 10.34
CA GLU A 66 3.82 -4.88 9.92
C GLU A 66 4.33 -5.09 8.50
N VAL A 67 3.82 -4.28 7.58
CA VAL A 67 4.21 -4.36 6.19
C VAL A 67 5.73 -4.18 6.08
N LYS A 68 6.29 -3.54 7.09
CA LYS A 68 7.72 -3.30 7.12
C LYS A 68 8.47 -4.64 7.21
N GLU A 69 7.95 -5.50 8.08
CA GLU A 69 8.55 -6.81 8.27
C GLU A 69 8.34 -7.67 7.02
N LEU A 70 7.35 -7.29 6.24
CA LEU A 70 7.03 -8.02 5.03
C LEU A 70 8.15 -7.83 4.01
N CYS A 71 8.53 -6.57 3.84
CA CYS A 71 9.59 -6.23 2.91
C CYS A 71 10.90 -6.06 3.69
N ASP A 72 10.80 -6.30 4.99
CA ASP A 72 11.96 -6.18 5.87
C ASP A 72 12.48 -4.74 5.82
N GLY A 73 11.73 -3.85 6.46
CA GLY A 73 12.10 -2.45 6.49
C GLY A 73 11.54 -1.70 5.28
N LEU A 74 10.31 -2.01 4.94
CA LEU A 74 9.66 -1.39 3.81
C LEU A 74 9.71 0.14 3.97
N GLU A 75 9.88 0.82 2.85
CA GLU A 75 9.95 2.27 2.86
C GLU A 75 8.55 2.87 2.96
N LEU A 76 7.88 2.54 4.06
CA LEU A 76 6.53 3.04 4.29
C LEU A 76 6.57 4.09 5.41
N GLU A 77 5.52 4.89 5.45
CA GLU A 77 5.42 5.93 6.46
C GLU A 77 3.94 6.19 6.81
N ASN A 78 3.74 6.64 8.03
CA ASN A 78 2.39 6.93 8.51
C ASN A 78 1.65 7.77 7.45
N GLU A 79 2.42 8.59 6.75
CA GLU A 79 1.86 9.44 5.72
C GLU A 79 1.24 8.59 4.61
N ASP A 80 1.96 7.54 4.23
CA ASP A 80 1.51 6.65 3.18
C ASP A 80 0.09 6.16 3.53
N VAL A 81 -0.08 5.77 4.78
CA VAL A 81 -1.37 5.30 5.24
C VAL A 81 -2.42 6.41 5.11
N TYR A 82 -2.00 7.61 5.48
CA TYR A 82 -2.88 8.76 5.41
C TYR A 82 -3.21 9.11 3.95
N MET A 83 -2.40 8.58 3.05
CA MET A 83 -2.59 8.82 1.63
C MET A 83 -3.48 7.75 1.01
N ALA A 84 -3.18 6.50 1.38
CA ALA A 84 -3.95 5.37 0.87
C ALA A 84 -4.67 4.68 2.03
N SER A 85 -5.85 5.18 2.34
CA SER A 85 -6.64 4.62 3.42
C SER A 85 -7.23 3.28 2.99
N THR A 86 -7.64 3.23 1.74
CA THR A 86 -8.22 2.01 1.19
C THR A 86 -7.13 1.03 0.76
N PHE A 87 -7.40 -0.25 0.96
CA PHE A 87 -6.45 -1.28 0.59
C PHE A 87 -6.03 -1.15 -0.86
N GLY A 88 -7.01 -1.21 -1.74
CA GLY A 88 -6.75 -1.10 -3.18
C GLY A 88 -5.69 -0.04 -3.45
N ASP A 89 -5.95 1.17 -2.97
CA ASP A 89 -5.03 2.27 -3.16
C ASP A 89 -3.71 1.95 -2.47
N PHE A 90 -3.82 1.53 -1.22
CA PHE A 90 -2.64 1.19 -0.43
C PHE A 90 -1.76 0.18 -1.17
N ILE A 91 -2.36 -0.96 -1.48
CA ILE A 91 -1.64 -2.02 -2.19
C ILE A 91 -0.82 -1.40 -3.31
N GLN A 92 -1.50 -0.60 -4.13
CA GLN A 92 -0.83 0.06 -5.25
C GLN A 92 0.45 0.74 -4.78
N LEU A 93 0.33 1.50 -3.70
CA LEU A 93 1.47 2.20 -3.13
C LEU A 93 2.51 1.19 -2.68
N LEU A 94 2.04 0.20 -1.92
CA LEU A 94 2.93 -0.84 -1.41
C LEU A 94 3.68 -1.48 -2.58
N VAL A 95 2.92 -2.03 -3.51
CA VAL A 95 3.51 -2.67 -4.67
C VAL A 95 4.60 -1.77 -5.25
N ARG A 96 4.25 -0.51 -5.46
CA ARG A 96 5.19 0.45 -6.00
C ARG A 96 6.48 0.45 -5.19
N LYS A 97 6.31 0.56 -3.88
CA LYS A 97 7.46 0.57 -2.98
C LYS A 97 8.20 -0.76 -3.08
N LEU A 98 7.42 -1.83 -3.10
CA LEU A 98 7.99 -3.17 -3.20
C LEU A 98 8.89 -3.24 -4.43
N ARG A 99 8.30 -2.97 -5.58
CA ARG A 99 9.04 -3.00 -6.83
C ARG A 99 10.32 -2.17 -6.71
N GLY A 100 10.15 -0.96 -6.20
CA GLY A 100 11.29 -0.07 -6.03
C GLY A 100 11.29 1.03 -7.10
N ASP A 101 10.39 1.98 -6.92
CA ASP A 101 10.27 3.09 -7.86
C ASP A 101 9.97 2.53 -9.26
N ASP A 102 9.59 3.44 -10.14
CA ASP A 102 9.27 3.06 -11.51
C ASP A 102 9.95 4.02 -12.48
N GLU A 103 11.05 3.54 -13.06
CA GLU A 103 11.80 4.35 -14.00
C GLU A 103 11.55 3.86 -15.43
N GLU A 104 11.92 4.70 -16.39
CA GLU A 104 11.75 4.38 -17.79
C GLU A 104 13.09 4.43 -18.52
N SER A 105 13.91 3.42 -18.26
CA SER A 105 15.22 3.34 -18.88
C SER A 105 16.08 4.54 -18.46
N GLY A 106 16.94 4.29 -17.48
CA GLY A 106 17.81 5.34 -16.99
C GLY A 106 18.57 4.87 -15.74
N PRO A 107 18.91 5.85 -14.87
CA PRO A 107 19.63 5.55 -13.64
C PRO A 107 18.71 4.91 -12.61
N SER A 108 19.33 4.43 -11.53
CA SER A 108 18.58 3.79 -10.47
C SER A 108 19.27 4.04 -9.12
N SER A 109 18.51 3.87 -8.06
CA SER A 109 19.04 4.06 -6.71
C SER A 109 18.01 3.58 -5.68
N GLY A 110 18.41 2.55 -4.94
CA GLY A 110 17.54 1.99 -3.92
C GLY A 110 17.52 0.45 -3.99
N GLY A 1 -3.37 36.54 -9.39
CA GLY A 1 -4.12 35.36 -8.98
C GLY A 1 -3.76 34.94 -7.55
N SER A 2 -3.97 33.66 -7.28
CA SER A 2 -3.67 33.12 -5.96
C SER A 2 -3.63 31.59 -6.02
N SER A 3 -2.83 31.02 -5.13
CA SER A 3 -2.70 29.58 -5.06
C SER A 3 -2.17 29.04 -6.40
N GLY A 4 -1.61 27.84 -6.33
CA GLY A 4 -1.06 27.22 -7.53
C GLY A 4 -0.09 26.09 -7.15
N SER A 5 0.46 25.47 -8.18
CA SER A 5 1.40 24.38 -7.97
C SER A 5 0.77 23.29 -7.10
N SER A 6 0.09 22.36 -7.76
CA SER A 6 -0.56 21.27 -7.07
C SER A 6 -0.41 19.97 -7.86
N GLY A 7 -0.82 20.04 -9.12
CA GLY A 7 -0.74 18.87 -9.99
C GLY A 7 -1.51 19.12 -11.30
N PHE A 8 -2.50 18.26 -11.52
CA PHE A 8 -3.32 18.37 -12.72
C PHE A 8 -4.81 18.21 -12.39
N PHE A 9 -5.59 19.17 -12.86
CA PHE A 9 -7.02 19.15 -12.62
C PHE A 9 -7.70 18.07 -13.45
N LYS A 10 -8.92 17.73 -13.04
CA LYS A 10 -9.67 16.71 -13.75
C LYS A 10 -8.99 15.35 -13.57
N GLY A 11 -9.75 14.41 -13.03
CA GLY A 11 -9.23 13.07 -12.81
C GLY A 11 -9.04 12.79 -11.31
N ALA A 12 -8.95 11.51 -10.99
CA ALA A 12 -8.77 11.10 -9.61
C ALA A 12 -8.24 9.67 -9.57
N ALA A 13 -6.91 9.56 -9.59
CA ALA A 13 -6.27 8.26 -9.56
C ALA A 13 -6.74 7.44 -10.75
N SER A 14 -5.82 7.23 -11.69
CA SER A 14 -6.13 6.46 -12.88
C SER A 14 -5.08 5.35 -13.07
N SER A 15 -5.54 4.23 -13.62
CA SER A 15 -4.67 3.10 -13.86
C SER A 15 -4.26 2.48 -12.53
N VAL A 16 -4.24 1.15 -12.51
CA VAL A 16 -3.86 0.42 -11.32
C VAL A 16 -2.74 -0.57 -11.66
N LEU A 17 -1.76 -0.62 -10.78
CA LEU A 17 -0.62 -1.51 -10.97
C LEU A 17 -1.11 -2.95 -10.93
N GLU A 18 -0.58 -3.74 -11.86
CA GLU A 18 -0.95 -5.15 -11.94
C GLU A 18 -0.03 -5.99 -11.05
N LEU A 19 -0.67 -6.70 -10.12
CA LEU A 19 0.07 -7.55 -9.19
C LEU A 19 0.72 -8.70 -9.97
N THR A 20 1.35 -9.59 -9.22
CA THR A 20 2.02 -10.73 -9.83
C THR A 20 1.92 -11.95 -8.90
N GLU A 21 2.22 -13.10 -9.47
CA GLU A 21 2.16 -14.35 -8.72
C GLU A 21 2.78 -14.15 -7.33
N ALA A 22 3.84 -13.35 -7.29
CA ALA A 22 4.52 -13.08 -6.05
C ALA A 22 3.84 -11.90 -5.34
N GLU A 23 3.86 -10.75 -6.00
CA GLU A 23 3.24 -9.57 -5.45
C GLU A 23 1.89 -9.90 -4.83
N LEU A 24 1.09 -10.64 -5.60
CA LEU A 24 -0.23 -11.04 -5.14
C LEU A 24 -0.11 -11.59 -3.71
N VAL A 25 0.80 -12.52 -3.53
CA VAL A 25 1.02 -13.13 -2.24
C VAL A 25 1.27 -12.04 -1.20
N THR A 26 2.21 -11.17 -1.54
CA THR A 26 2.57 -10.07 -0.64
C THR A 26 1.34 -9.21 -0.35
N ALA A 27 0.61 -8.91 -1.41
CA ALA A 27 -0.59 -8.08 -1.28
C ALA A 27 -1.55 -8.75 -0.30
N GLU A 28 -1.61 -10.07 -0.38
CA GLU A 28 -2.49 -10.84 0.48
C GLU A 28 -1.96 -10.83 1.91
N ALA A 29 -0.63 -10.79 2.02
CA ALA A 29 0.01 -10.78 3.32
C ALA A 29 -0.35 -9.47 4.05
N VAL A 30 -0.52 -8.43 3.26
CA VAL A 30 -0.85 -7.12 3.81
C VAL A 30 -2.31 -7.13 4.26
N ARG A 31 -3.16 -7.76 3.45
CA ARG A 31 -4.57 -7.84 3.76
C ARG A 31 -4.77 -8.41 5.17
N SER A 32 -3.96 -9.40 5.49
CA SER A 32 -4.04 -10.04 6.80
C SER A 32 -3.76 -9.01 7.90
N VAL A 33 -2.74 -8.21 7.66
CA VAL A 33 -2.36 -7.18 8.63
C VAL A 33 -3.56 -6.28 8.91
N TRP A 34 -4.37 -6.10 7.87
CA TRP A 34 -5.56 -5.27 8.00
C TRP A 34 -6.61 -6.05 8.80
N GLN A 35 -6.73 -7.33 8.46
CA GLN A 35 -7.69 -8.18 9.13
C GLN A 35 -7.32 -8.34 10.61
N ARG A 36 -6.10 -8.83 10.83
CA ARG A 36 -5.62 -9.03 12.18
C ARG A 36 -5.71 -7.73 12.98
N ILE A 37 -5.69 -6.63 12.26
CA ILE A 37 -5.78 -5.32 12.88
C ILE A 37 -7.25 -4.94 13.05
N LEU A 38 -8.04 -5.29 12.04
CA LEU A 38 -9.46 -4.99 12.06
C LEU A 38 -10.24 -6.26 12.37
N PRO A 39 -10.73 -6.35 13.63
CA PRO A 39 -11.50 -7.51 14.06
C PRO A 39 -12.91 -7.49 13.47
N LYS A 40 -13.68 -6.50 13.90
CA LYS A 40 -15.05 -6.35 13.43
C LYS A 40 -15.10 -6.66 11.93
N VAL A 41 -14.00 -6.38 11.26
CA VAL A 41 -13.90 -6.62 9.84
C VAL A 41 -13.77 -8.13 9.59
N LEU A 42 -14.86 -8.71 9.08
CA LEU A 42 -14.88 -10.14 8.80
C LEU A 42 -14.05 -10.41 7.53
N GLU A 43 -14.12 -9.47 6.60
CA GLU A 43 -13.40 -9.60 5.35
C GLU A 43 -12.89 -8.23 4.89
N VAL A 44 -11.74 -8.26 4.24
CA VAL A 44 -11.13 -7.03 3.74
C VAL A 44 -11.19 -7.03 2.22
N GLU A 45 -11.26 -5.83 1.65
CA GLU A 45 -11.31 -5.67 0.21
C GLU A 45 -10.52 -4.43 -0.22
N ASP A 46 -10.57 -4.18 -1.51
CA ASP A 46 -9.86 -3.03 -2.07
C ASP A 46 -10.75 -1.78 -1.94
N SER A 47 -11.91 -1.98 -1.34
CA SER A 47 -12.85 -0.89 -1.17
C SER A 47 -12.88 -0.47 0.30
N THR A 48 -12.40 -1.36 1.16
CA THR A 48 -12.37 -1.09 2.59
C THR A 48 -11.35 0.00 2.90
N ASP A 49 -11.76 0.94 3.73
CA ASP A 49 -10.90 2.04 4.12
C ASP A 49 -10.32 1.76 5.51
N PHE A 50 -9.00 1.71 5.56
CA PHE A 50 -8.30 1.46 6.82
C PHE A 50 -9.01 2.15 7.98
N PHE A 51 -9.34 3.42 7.76
CA PHE A 51 -10.03 4.21 8.78
C PHE A 51 -11.48 3.75 8.96
N LYS A 52 -12.24 3.89 7.88
CA LYS A 52 -13.63 3.49 7.89
C LYS A 52 -13.78 2.18 8.67
N SER A 53 -12.86 1.27 8.40
CA SER A 53 -12.87 -0.03 9.08
C SER A 53 -12.88 0.17 10.59
N GLY A 54 -11.79 0.76 11.08
CA GLY A 54 -11.65 1.01 12.50
C GLY A 54 -10.17 1.08 12.91
N ALA A 55 -9.40 1.75 12.08
CA ALA A 55 -7.97 1.89 12.32
C ALA A 55 -7.72 3.19 13.10
N ALA A 56 -7.12 3.03 14.27
CA ALA A 56 -6.83 4.18 15.10
C ALA A 56 -5.55 4.87 14.60
N SER A 57 -5.02 5.75 15.43
CA SER A 57 -3.82 6.48 15.08
C SER A 57 -2.59 5.61 15.33
N VAL A 58 -2.82 4.49 16.01
CA VAL A 58 -1.73 3.57 16.32
C VAL A 58 -1.64 2.51 15.23
N ASP A 59 -2.80 2.12 14.73
CA ASP A 59 -2.86 1.11 13.67
C ASP A 59 -2.02 1.57 12.49
N VAL A 60 -2.10 2.87 12.22
CA VAL A 60 -1.35 3.45 11.11
C VAL A 60 0.11 3.01 11.20
N VAL A 61 0.69 3.22 12.38
CA VAL A 61 2.07 2.85 12.60
C VAL A 61 2.19 1.32 12.58
N ARG A 62 1.19 0.67 13.15
CA ARG A 62 1.17 -0.78 13.20
C ARG A 62 1.28 -1.37 11.79
N LEU A 63 0.29 -1.04 10.98
CA LEU A 63 0.26 -1.53 9.60
C LEU A 63 1.59 -1.20 8.91
N VAL A 64 2.03 0.04 9.11
CA VAL A 64 3.27 0.49 8.52
C VAL A 64 4.43 -0.34 9.08
N GLU A 65 4.30 -0.70 10.36
CA GLU A 65 5.31 -1.49 11.01
C GLU A 65 5.24 -2.95 10.56
N GLU A 66 4.02 -3.46 10.53
CA GLU A 66 3.80 -4.83 10.11
C GLU A 66 4.41 -5.07 8.73
N VAL A 67 3.93 -4.29 7.77
CA VAL A 67 4.41 -4.40 6.40
C VAL A 67 5.94 -4.30 6.39
N LYS A 68 6.45 -3.47 7.29
CA LYS A 68 7.89 -3.27 7.40
C LYS A 68 8.58 -4.64 7.48
N GLU A 69 7.90 -5.57 8.14
CA GLU A 69 8.44 -6.91 8.30
C GLU A 69 8.25 -7.72 7.01
N LEU A 70 7.16 -7.40 6.30
CA LEU A 70 6.85 -8.08 5.06
C LEU A 70 8.04 -7.94 4.10
N CYS A 71 8.55 -6.72 4.03
CA CYS A 71 9.69 -6.44 3.16
C CYS A 71 10.95 -6.41 4.01
N ASP A 72 10.75 -6.37 5.32
CA ASP A 72 11.86 -6.33 6.25
C ASP A 72 12.70 -5.08 6.01
N GLY A 73 12.05 -3.93 6.17
CA GLY A 73 12.72 -2.66 5.98
C GLY A 73 12.06 -1.86 4.85
N LEU A 74 10.75 -2.04 4.74
CA LEU A 74 9.99 -1.35 3.71
C LEU A 74 10.09 0.17 3.93
N GLU A 75 10.00 0.90 2.83
CA GLU A 75 10.09 2.35 2.89
C GLU A 75 8.68 2.96 2.93
N LEU A 76 8.00 2.75 4.04
CA LEU A 76 6.66 3.26 4.22
C LEU A 76 6.67 4.37 5.27
N GLU A 77 5.64 5.20 5.24
CA GLU A 77 5.51 6.29 6.19
C GLU A 77 4.05 6.51 6.57
N ASN A 78 3.85 6.91 7.81
CA ASN A 78 2.51 7.17 8.31
C ASN A 78 1.73 8.01 7.29
N GLU A 79 2.47 8.88 6.61
CA GLU A 79 1.87 9.74 5.61
C GLU A 79 1.28 8.90 4.48
N ASP A 80 1.99 7.85 4.13
CA ASP A 80 1.54 6.97 3.06
C ASP A 80 0.15 6.44 3.39
N VAL A 81 -0.03 6.05 4.65
CA VAL A 81 -1.31 5.54 5.10
C VAL A 81 -2.37 6.63 4.96
N TYR A 82 -1.99 7.83 5.35
CA TYR A 82 -2.89 8.97 5.27
C TYR A 82 -3.25 9.28 3.82
N MET A 83 -2.47 8.72 2.92
CA MET A 83 -2.70 8.93 1.49
C MET A 83 -3.57 7.82 0.90
N ALA A 84 -3.23 6.59 1.26
CA ALA A 84 -3.96 5.43 0.77
C ALA A 84 -4.67 4.75 1.96
N SER A 85 -5.83 5.29 2.29
CA SER A 85 -6.61 4.74 3.39
C SER A 85 -7.24 3.41 2.98
N THR A 86 -7.56 3.32 1.69
CA THR A 86 -8.17 2.12 1.15
C THR A 86 -7.10 1.09 0.79
N PHE A 87 -7.30 -0.13 1.26
CA PHE A 87 -6.36 -1.20 0.99
C PHE A 87 -5.97 -1.23 -0.49
N GLY A 88 -6.98 -1.31 -1.34
CA GLY A 88 -6.76 -1.34 -2.78
C GLY A 88 -5.67 -0.34 -3.18
N ASP A 89 -5.96 0.93 -2.92
CA ASP A 89 -5.03 1.99 -3.24
C ASP A 89 -3.68 1.70 -2.59
N PHE A 90 -3.70 1.56 -1.28
CA PHE A 90 -2.50 1.28 -0.53
C PHE A 90 -1.63 0.25 -1.25
N ILE A 91 -2.23 -0.91 -1.51
CA ILE A 91 -1.52 -1.97 -2.20
C ILE A 91 -0.70 -1.38 -3.35
N GLN A 92 -1.41 -0.71 -4.24
CA GLN A 92 -0.77 -0.08 -5.39
C GLN A 92 0.48 0.68 -4.96
N LEU A 93 0.30 1.49 -3.93
CA LEU A 93 1.40 2.29 -3.40
C LEU A 93 2.48 1.35 -2.83
N LEU A 94 2.02 0.39 -2.05
CA LEU A 94 2.92 -0.57 -1.43
C LEU A 94 3.71 -1.29 -2.53
N VAL A 95 2.98 -1.91 -3.44
CA VAL A 95 3.59 -2.63 -4.53
C VAL A 95 4.71 -1.79 -5.14
N ARG A 96 4.42 -0.50 -5.27
CA ARG A 96 5.38 0.43 -5.83
C ARG A 96 6.66 0.45 -4.98
N LYS A 97 6.47 0.61 -3.68
CA LYS A 97 7.59 0.64 -2.76
C LYS A 97 8.31 -0.70 -2.78
N LEU A 98 7.52 -1.76 -2.72
CA LEU A 98 8.07 -3.11 -2.74
C LEU A 98 8.90 -3.30 -4.01
N ARG A 99 8.26 -3.06 -5.14
CA ARG A 99 8.93 -3.20 -6.42
C ARG A 99 10.26 -2.47 -6.40
N GLY A 100 10.23 -1.22 -5.97
CA GLY A 100 11.43 -0.42 -5.89
C GLY A 100 11.25 0.92 -6.63
N ASP A 101 11.36 1.99 -5.86
CA ASP A 101 11.21 3.32 -6.43
C ASP A 101 11.52 4.37 -5.36
N ASP A 102 11.69 5.60 -5.81
CA ASP A 102 12.00 6.69 -4.90
C ASP A 102 13.34 6.41 -4.20
N GLU A 103 14.08 7.48 -3.97
CA GLU A 103 15.36 7.36 -3.31
C GLU A 103 15.26 6.45 -2.08
N GLU A 104 16.42 6.03 -1.60
CA GLU A 104 16.47 5.16 -0.43
C GLU A 104 16.72 5.98 0.83
N SER A 105 15.99 5.64 1.89
CA SER A 105 16.13 6.34 3.15
C SER A 105 16.28 5.33 4.29
N GLY A 106 17.21 5.62 5.18
CA GLY A 106 17.46 4.76 6.32
C GLY A 106 16.21 4.61 7.19
N PRO A 107 15.76 3.34 7.33
CA PRO A 107 14.57 3.05 8.13
C PRO A 107 14.89 3.14 9.62
N SER A 108 13.87 2.91 10.43
CA SER A 108 14.03 2.95 11.87
C SER A 108 13.91 1.54 12.46
N SER A 109 15.02 1.09 13.05
CA SER A 109 15.06 -0.24 13.65
C SER A 109 13.95 -0.37 14.70
N GLY A 110 13.72 -1.61 15.11
CA GLY A 110 12.70 -1.88 16.11
C GLY A 110 13.32 -2.06 17.50
N GLY A 1 -22.15 27.38 -4.70
CA GLY A 1 -22.90 28.51 -5.23
C GLY A 1 -22.76 28.60 -6.75
N SER A 2 -21.64 29.18 -7.17
CA SER A 2 -21.36 29.34 -8.59
C SER A 2 -20.75 28.05 -9.15
N SER A 3 -20.71 27.98 -10.48
CA SER A 3 -20.15 26.81 -11.15
C SER A 3 -18.66 27.01 -11.40
N GLY A 4 -17.86 26.11 -10.85
CA GLY A 4 -16.42 26.19 -11.02
C GLY A 4 -16.03 25.92 -12.47
N SER A 5 -14.84 26.40 -12.83
CA SER A 5 -14.33 26.21 -14.17
C SER A 5 -12.86 25.79 -14.12
N SER A 6 -12.48 24.95 -15.08
CA SER A 6 -11.12 24.47 -15.17
C SER A 6 -10.80 23.62 -13.93
N GLY A 7 -10.94 22.32 -14.09
CA GLY A 7 -10.67 21.40 -12.99
C GLY A 7 -11.48 20.11 -13.16
N PHE A 8 -11.21 19.17 -12.26
CA PHE A 8 -11.92 17.90 -12.29
C PHE A 8 -13.13 17.93 -11.36
N PHE A 9 -14.07 17.03 -11.64
CA PHE A 9 -15.29 16.95 -10.85
C PHE A 9 -15.12 15.95 -9.70
N LYS A 10 -14.70 14.74 -10.06
CA LYS A 10 -14.50 13.69 -9.07
C LYS A 10 -13.71 12.55 -9.72
N GLY A 11 -13.07 11.76 -8.86
CA GLY A 11 -12.29 10.63 -9.32
C GLY A 11 -10.94 11.08 -9.87
N ALA A 12 -9.97 10.17 -9.80
CA ALA A 12 -8.64 10.47 -10.28
C ALA A 12 -8.16 9.33 -11.20
N ALA A 13 -7.28 9.69 -12.11
CA ALA A 13 -6.74 8.71 -13.04
C ALA A 13 -5.21 8.71 -12.97
N SER A 14 -4.68 7.64 -12.43
CA SER A 14 -3.23 7.50 -12.29
C SER A 14 -2.80 6.06 -12.58
N SER A 15 -1.54 5.92 -12.93
CA SER A 15 -1.00 4.60 -13.24
C SER A 15 -1.25 3.64 -12.08
N VAL A 16 -1.56 2.41 -12.43
CA VAL A 16 -1.82 1.38 -11.44
C VAL A 16 -0.97 0.14 -11.73
N LEU A 17 -0.52 -0.49 -10.67
CA LEU A 17 0.31 -1.69 -10.80
C LEU A 17 -0.58 -2.93 -10.67
N GLU A 18 -0.36 -3.88 -11.57
CA GLU A 18 -1.13 -5.12 -11.56
C GLU A 18 -0.39 -6.18 -10.75
N LEU A 19 -1.04 -6.64 -9.69
CA LEU A 19 -0.47 -7.65 -8.83
C LEU A 19 -0.12 -8.88 -9.68
N THR A 20 0.61 -9.80 -9.05
CA THR A 20 1.03 -11.01 -9.73
C THR A 20 1.24 -12.14 -8.72
N GLU A 21 1.30 -13.36 -9.24
CA GLU A 21 1.50 -14.52 -8.40
C GLU A 21 2.42 -14.18 -7.23
N ALA A 22 3.50 -13.50 -7.54
CA ALA A 22 4.45 -13.10 -6.52
C ALA A 22 3.83 -12.02 -5.62
N GLU A 23 3.62 -10.85 -6.21
CA GLU A 23 3.03 -9.75 -5.48
C GLU A 23 1.84 -10.23 -4.65
N LEU A 24 0.94 -10.94 -5.33
CA LEU A 24 -0.24 -11.45 -4.67
C LEU A 24 0.14 -11.97 -3.28
N VAL A 25 1.11 -12.88 -3.27
CA VAL A 25 1.57 -13.45 -2.01
C VAL A 25 1.79 -12.33 -0.99
N THR A 26 2.39 -11.25 -1.45
CA THR A 26 2.66 -10.12 -0.60
C THR A 26 1.37 -9.31 -0.36
N ALA A 27 0.62 -9.13 -1.44
CA ALA A 27 -0.62 -8.39 -1.36
C ALA A 27 -1.58 -9.11 -0.42
N GLU A 28 -1.34 -10.40 -0.25
CA GLU A 28 -2.18 -11.22 0.62
C GLU A 28 -1.70 -11.11 2.06
N ALA A 29 -0.39 -11.06 2.22
CA ALA A 29 0.21 -10.97 3.55
C ALA A 29 -0.23 -9.66 4.20
N VAL A 30 -0.28 -8.62 3.38
CA VAL A 30 -0.67 -7.31 3.86
C VAL A 30 -2.15 -7.33 4.26
N ARG A 31 -2.95 -7.96 3.40
CA ARG A 31 -4.37 -8.07 3.66
C ARG A 31 -4.63 -8.67 5.04
N SER A 32 -3.80 -9.64 5.39
CA SER A 32 -3.92 -10.31 6.68
C SER A 32 -3.64 -9.32 7.81
N VAL A 33 -2.76 -8.37 7.51
CA VAL A 33 -2.39 -7.36 8.49
C VAL A 33 -3.63 -6.53 8.85
N TRP A 34 -4.35 -6.12 7.80
CA TRP A 34 -5.55 -5.33 8.00
C TRP A 34 -6.56 -6.17 8.78
N GLN A 35 -6.83 -7.35 8.24
CA GLN A 35 -7.77 -8.26 8.88
C GLN A 35 -7.39 -8.49 10.34
N ARG A 36 -6.16 -8.96 10.54
CA ARG A 36 -5.66 -9.22 11.87
C ARG A 36 -5.90 -8.00 12.78
N ILE A 37 -5.59 -6.84 12.23
CA ILE A 37 -5.76 -5.60 12.97
C ILE A 37 -7.26 -5.32 13.17
N LEU A 38 -7.92 -4.96 12.08
CA LEU A 38 -9.34 -4.67 12.11
C LEU A 38 -10.10 -5.95 12.46
N PRO A 39 -10.71 -5.96 13.67
CA PRO A 39 -11.47 -7.10 14.13
C PRO A 39 -12.82 -7.19 13.42
N LYS A 40 -13.69 -6.25 13.75
CA LYS A 40 -15.01 -6.21 13.15
C LYS A 40 -14.91 -6.56 11.67
N VAL A 41 -13.89 -5.99 11.03
CA VAL A 41 -13.67 -6.23 9.62
C VAL A 41 -13.51 -7.73 9.38
N LEU A 42 -14.47 -8.29 8.64
CA LEU A 42 -14.44 -9.71 8.34
C LEU A 42 -13.72 -9.93 7.01
N GLU A 43 -13.87 -8.96 6.12
CA GLU A 43 -13.23 -9.03 4.82
C GLU A 43 -12.61 -7.68 4.45
N VAL A 44 -11.43 -7.76 3.85
CA VAL A 44 -10.72 -6.56 3.45
C VAL A 44 -10.64 -6.50 1.92
N GLU A 45 -11.44 -5.61 1.35
CA GLU A 45 -11.48 -5.45 -0.09
C GLU A 45 -10.62 -4.24 -0.52
N ASP A 46 -10.72 -3.90 -1.79
CA ASP A 46 -9.97 -2.79 -2.33
C ASP A 46 -10.70 -1.48 -1.99
N SER A 47 -11.94 -1.63 -1.53
CA SER A 47 -12.75 -0.48 -1.17
C SER A 47 -12.76 -0.31 0.34
N THR A 48 -12.10 -1.24 1.02
CA THR A 48 -12.03 -1.21 2.48
C THR A 48 -11.07 -0.11 2.94
N ASP A 49 -11.63 0.87 3.63
CA ASP A 49 -10.84 1.98 4.13
C ASP A 49 -10.25 1.61 5.48
N PHE A 50 -8.92 1.71 5.56
CA PHE A 50 -8.21 1.38 6.79
C PHE A 50 -8.80 2.15 7.98
N PHE A 51 -9.46 3.25 7.66
CA PHE A 51 -10.08 4.09 8.68
C PHE A 51 -11.53 3.68 8.92
N LYS A 52 -12.34 3.88 7.90
CA LYS A 52 -13.75 3.54 7.98
C LYS A 52 -13.91 2.22 8.75
N SER A 53 -12.93 1.35 8.57
CA SER A 53 -12.95 0.06 9.23
C SER A 53 -13.00 0.25 10.74
N GLY A 54 -11.88 0.71 11.29
CA GLY A 54 -11.78 0.94 12.72
C GLY A 54 -10.32 0.97 13.17
N ALA A 55 -9.49 1.62 12.37
CA ALA A 55 -8.07 1.73 12.67
C ALA A 55 -7.82 3.04 13.42
N ALA A 56 -7.10 2.92 14.52
CA ALA A 56 -6.77 4.08 15.33
C ALA A 56 -5.51 4.74 14.78
N SER A 57 -4.91 5.59 15.61
CA SER A 57 -3.71 6.29 15.21
C SER A 57 -2.48 5.39 15.41
N VAL A 58 -2.69 4.33 16.18
CA VAL A 58 -1.62 3.39 16.46
C VAL A 58 -1.55 2.35 15.33
N ASP A 59 -2.72 2.00 14.84
CA ASP A 59 -2.81 1.02 13.77
C ASP A 59 -1.99 1.50 12.57
N VAL A 60 -1.98 2.81 12.38
CA VAL A 60 -1.23 3.41 11.29
C VAL A 60 0.22 2.95 11.35
N VAL A 61 0.81 3.09 12.53
CA VAL A 61 2.19 2.68 12.73
C VAL A 61 2.28 1.15 12.69
N ARG A 62 1.25 0.52 13.21
CA ARG A 62 1.19 -0.94 13.24
C ARG A 62 1.20 -1.49 11.81
N LEU A 63 0.21 -1.06 11.04
CA LEU A 63 0.09 -1.51 9.67
C LEU A 63 1.41 -1.26 8.93
N VAL A 64 1.89 -0.03 9.07
CA VAL A 64 3.14 0.36 8.43
C VAL A 64 4.28 -0.51 8.97
N GLU A 65 4.31 -0.62 10.30
CA GLU A 65 5.34 -1.42 10.95
C GLU A 65 5.25 -2.88 10.49
N GLU A 66 4.02 -3.36 10.38
CA GLU A 66 3.80 -4.73 9.95
C GLU A 66 4.37 -4.95 8.54
N VAL A 67 3.89 -4.14 7.61
CA VAL A 67 4.34 -4.24 6.23
C VAL A 67 5.85 -4.02 6.17
N LYS A 68 6.36 -3.36 7.21
CA LYS A 68 7.79 -3.08 7.29
C LYS A 68 8.56 -4.40 7.38
N GLU A 69 8.02 -5.31 8.17
CA GLU A 69 8.65 -6.60 8.35
C GLU A 69 8.51 -7.44 7.07
N LEU A 70 7.48 -7.12 6.30
CA LEU A 70 7.22 -7.83 5.06
C LEU A 70 8.40 -7.62 4.11
N CYS A 71 8.77 -6.36 3.93
CA CYS A 71 9.87 -6.01 3.06
C CYS A 71 11.13 -5.88 3.91
N ASP A 72 10.95 -6.03 5.21
CA ASP A 72 12.06 -5.92 6.15
C ASP A 72 12.65 -4.51 6.07
N GLY A 73 11.86 -3.54 6.51
CA GLY A 73 12.29 -2.17 6.50
C GLY A 73 11.69 -1.42 5.30
N LEU A 74 10.44 -1.72 5.02
CA LEU A 74 9.73 -1.09 3.92
C LEU A 74 9.75 0.43 4.13
N GLU A 75 9.97 1.14 3.02
CA GLU A 75 10.01 2.60 3.07
C GLU A 75 8.59 3.15 3.12
N LEU A 76 7.90 2.83 4.21
CA LEU A 76 6.54 3.29 4.40
C LEU A 76 6.50 4.33 5.53
N GLU A 77 5.56 5.26 5.40
CA GLU A 77 5.43 6.32 6.40
C GLU A 77 3.95 6.54 6.72
N ASN A 78 3.70 7.03 7.93
CA ASN A 78 2.35 7.29 8.37
C ASN A 78 1.60 8.06 7.28
N GLU A 79 2.35 8.86 6.54
CA GLU A 79 1.77 9.64 5.45
C GLU A 79 1.11 8.72 4.43
N ASP A 80 1.86 7.71 4.01
CA ASP A 80 1.36 6.75 3.04
C ASP A 80 -0.03 6.28 3.46
N VAL A 81 -0.11 5.84 4.71
CA VAL A 81 -1.38 5.36 5.25
C VAL A 81 -2.44 6.45 5.10
N TYR A 82 -2.05 7.67 5.42
CA TYR A 82 -2.95 8.80 5.32
C TYR A 82 -3.30 9.10 3.87
N MET A 83 -2.40 8.70 2.98
CA MET A 83 -2.60 8.91 1.56
C MET A 83 -3.46 7.80 0.95
N ALA A 84 -3.17 6.58 1.35
CA ALA A 84 -3.91 5.43 0.85
C ALA A 84 -4.60 4.73 2.03
N SER A 85 -5.76 5.24 2.38
CA SER A 85 -6.53 4.67 3.48
C SER A 85 -7.13 3.33 3.06
N THR A 86 -7.51 3.26 1.79
CA THR A 86 -8.10 2.04 1.25
C THR A 86 -7.01 1.06 0.85
N PHE A 87 -7.30 -0.22 1.05
CA PHE A 87 -6.36 -1.27 0.73
C PHE A 87 -5.96 -1.21 -0.76
N GLY A 88 -6.98 -1.24 -1.61
CA GLY A 88 -6.75 -1.18 -3.04
C GLY A 88 -5.69 -0.15 -3.39
N ASP A 89 -5.96 1.09 -2.99
CA ASP A 89 -5.03 2.18 -3.25
C ASP A 89 -3.69 1.87 -2.59
N PHE A 90 -3.75 1.54 -1.31
CA PHE A 90 -2.55 1.22 -0.56
C PHE A 90 -1.70 0.19 -1.29
N ILE A 91 -2.30 -0.97 -1.53
CA ILE A 91 -1.61 -2.04 -2.23
C ILE A 91 -0.78 -1.45 -3.36
N GLN A 92 -1.46 -0.72 -4.24
CA GLN A 92 -0.79 -0.11 -5.38
C GLN A 92 0.48 0.62 -4.92
N LEU A 93 0.32 1.42 -3.89
CA LEU A 93 1.44 2.17 -3.34
C LEU A 93 2.50 1.20 -2.82
N LEU A 94 2.03 0.21 -2.08
CA LEU A 94 2.92 -0.79 -1.51
C LEU A 94 3.68 -1.49 -2.64
N VAL A 95 2.91 -2.10 -3.53
CA VAL A 95 3.50 -2.81 -4.66
C VAL A 95 4.60 -1.94 -5.27
N ARG A 96 4.32 -0.65 -5.38
CA ARG A 96 5.27 0.28 -5.94
C ARG A 96 6.54 0.32 -5.10
N LYS A 97 6.35 0.54 -3.81
CA LYS A 97 7.47 0.60 -2.88
C LYS A 97 8.22 -0.73 -2.90
N LEU A 98 7.44 -1.81 -2.86
CA LEU A 98 8.00 -3.15 -2.87
C LEU A 98 8.83 -3.34 -4.14
N ARG A 99 8.18 -3.10 -5.27
CA ARG A 99 8.84 -3.23 -6.56
C ARG A 99 10.12 -2.40 -6.59
N GLY A 100 10.00 -1.16 -6.16
CA GLY A 100 11.14 -0.25 -6.12
C GLY A 100 10.73 1.16 -6.57
N ASP A 101 10.60 2.03 -5.59
CA ASP A 101 10.22 3.41 -5.85
C ASP A 101 11.24 4.04 -6.81
N ASP A 102 10.84 5.17 -7.39
CA ASP A 102 11.70 5.87 -8.32
C ASP A 102 11.90 7.31 -7.83
N GLU A 103 13.10 7.81 -8.08
CA GLU A 103 13.43 9.17 -7.67
C GLU A 103 12.78 10.18 -8.63
N GLU A 104 12.43 11.33 -8.06
CA GLU A 104 11.80 12.38 -8.84
C GLU A 104 12.42 13.74 -8.50
N SER A 105 12.27 14.67 -9.43
CA SER A 105 12.81 16.00 -9.24
C SER A 105 12.45 16.52 -7.84
N GLY A 106 13.42 17.13 -7.19
CA GLY A 106 13.23 17.66 -5.86
C GLY A 106 12.94 19.17 -5.91
N PRO A 107 13.17 19.83 -4.75
CA PRO A 107 12.94 21.26 -4.65
C PRO A 107 14.04 22.05 -5.37
N SER A 108 13.61 23.04 -6.15
CA SER A 108 14.54 23.87 -6.89
C SER A 108 13.79 24.98 -7.62
N SER A 109 12.84 24.56 -8.46
CA SER A 109 12.05 25.49 -9.23
C SER A 109 12.94 26.26 -10.21
N GLY A 110 12.58 26.17 -11.48
CA GLY A 110 13.33 26.84 -12.52
C GLY A 110 13.41 25.99 -13.79
N GLY A 1 -17.28 5.19 -11.90
CA GLY A 1 -16.91 4.64 -13.19
C GLY A 1 -16.21 3.28 -13.04
N SER A 2 -15.81 2.73 -14.17
CA SER A 2 -15.14 1.44 -14.18
C SER A 2 -14.75 1.06 -15.61
N SER A 3 -15.75 0.99 -16.46
CA SER A 3 -15.53 0.64 -17.85
C SER A 3 -16.09 1.72 -18.77
N GLY A 4 -15.26 2.72 -19.03
CA GLY A 4 -15.66 3.83 -19.88
C GLY A 4 -15.51 5.16 -19.15
N SER A 5 -14.43 5.86 -19.47
CA SER A 5 -14.17 7.15 -18.85
C SER A 5 -13.32 8.01 -19.79
N SER A 6 -13.99 8.64 -20.74
CA SER A 6 -13.32 9.49 -21.71
C SER A 6 -12.92 10.82 -21.05
N GLY A 7 -12.07 11.56 -21.74
CA GLY A 7 -11.60 12.84 -21.24
C GLY A 7 -10.07 12.94 -21.33
N PHE A 8 -9.63 13.86 -22.17
CA PHE A 8 -8.21 14.08 -22.37
C PHE A 8 -7.51 12.77 -22.78
N PHE A 9 -6.26 12.91 -23.16
CA PHE A 9 -5.46 11.76 -23.56
C PHE A 9 -4.66 11.20 -22.39
N LYS A 10 -5.15 10.08 -21.86
CA LYS A 10 -4.49 9.45 -20.74
C LYS A 10 -4.45 7.93 -20.98
N GLY A 11 -5.63 7.34 -21.02
CA GLY A 11 -5.74 5.91 -21.24
C GLY A 11 -6.58 5.25 -20.14
N ALA A 12 -5.89 4.67 -19.17
CA ALA A 12 -6.55 4.01 -18.06
C ALA A 12 -5.79 4.29 -16.77
N ALA A 13 -6.42 5.06 -15.90
CA ALA A 13 -5.81 5.40 -14.63
C ALA A 13 -4.46 6.07 -14.87
N SER A 14 -3.84 6.51 -13.79
CA SER A 14 -2.55 7.18 -13.89
C SER A 14 -1.43 6.22 -13.46
N SER A 15 -1.18 5.25 -14.32
CA SER A 15 -0.14 4.26 -14.05
C SER A 15 -0.53 3.43 -12.83
N VAL A 16 -0.85 2.18 -13.08
CA VAL A 16 -1.24 1.27 -12.01
C VAL A 16 -0.42 -0.01 -12.11
N LEU A 17 0.02 -0.49 -10.95
CA LEU A 17 0.81 -1.70 -10.90
C LEU A 17 -0.11 -2.92 -10.78
N GLU A 18 0.10 -3.87 -11.67
CA GLU A 18 -0.71 -5.08 -11.68
C GLU A 18 -0.04 -6.17 -10.85
N LEU A 19 -0.72 -6.55 -9.78
CA LEU A 19 -0.20 -7.58 -8.89
C LEU A 19 0.16 -8.82 -9.71
N THR A 20 0.90 -9.72 -9.07
CA THR A 20 1.32 -10.94 -9.73
C THR A 20 1.50 -12.06 -8.70
N GLU A 21 1.50 -13.29 -9.20
CA GLU A 21 1.67 -14.45 -8.34
C GLU A 21 2.59 -14.12 -7.17
N ALA A 22 3.67 -13.41 -7.49
CA ALA A 22 4.63 -13.01 -6.48
C ALA A 22 4.00 -11.96 -5.57
N GLU A 23 3.78 -10.79 -6.14
CA GLU A 23 3.19 -9.69 -5.40
C GLU A 23 1.95 -10.17 -4.62
N LEU A 24 1.07 -10.86 -5.33
CA LEU A 24 -0.13 -11.39 -4.73
C LEU A 24 0.19 -11.92 -3.33
N VAL A 25 1.17 -12.81 -3.29
CA VAL A 25 1.59 -13.40 -2.03
C VAL A 25 1.78 -12.30 -0.98
N THR A 26 2.42 -11.22 -1.41
CA THR A 26 2.66 -10.09 -0.53
C THR A 26 1.38 -9.28 -0.32
N ALA A 27 0.66 -9.11 -1.42
CA ALA A 27 -0.60 -8.35 -1.38
C ALA A 27 -1.59 -9.09 -0.48
N GLU A 28 -1.34 -10.38 -0.31
CA GLU A 28 -2.22 -11.20 0.52
C GLU A 28 -1.77 -11.16 1.98
N ALA A 29 -0.45 -11.12 2.15
CA ALA A 29 0.12 -11.08 3.48
C ALA A 29 -0.27 -9.76 4.16
N VAL A 30 -0.30 -8.70 3.36
CA VAL A 30 -0.65 -7.38 3.87
C VAL A 30 -2.13 -7.39 4.27
N ARG A 31 -2.94 -8.03 3.45
CA ARG A 31 -4.36 -8.11 3.72
C ARG A 31 -4.62 -8.70 5.10
N SER A 32 -3.86 -9.74 5.43
CA SER A 32 -3.99 -10.39 6.71
C SER A 32 -3.72 -9.39 7.83
N VAL A 33 -2.79 -8.49 7.58
CA VAL A 33 -2.42 -7.47 8.55
C VAL A 33 -3.66 -6.63 8.87
N TRP A 34 -4.32 -6.16 7.83
CA TRP A 34 -5.50 -5.34 7.99
C TRP A 34 -6.51 -6.13 8.82
N GLN A 35 -6.89 -7.29 8.30
CA GLN A 35 -7.84 -8.14 8.98
C GLN A 35 -7.38 -8.40 10.42
N ARG A 36 -6.19 -8.95 10.55
CA ARG A 36 -5.62 -9.24 11.85
C ARG A 36 -5.82 -8.06 12.80
N ILE A 37 -5.63 -6.87 12.24
CA ILE A 37 -5.78 -5.65 13.02
C ILE A 37 -7.27 -5.35 13.21
N LEU A 38 -7.91 -4.98 12.11
CA LEU A 38 -9.32 -4.68 12.14
C LEU A 38 -10.11 -5.91 12.60
N PRO A 39 -10.69 -5.81 13.83
CA PRO A 39 -11.46 -6.89 14.39
C PRO A 39 -12.82 -7.00 13.72
N LYS A 40 -13.68 -6.03 14.02
CA LYS A 40 -15.01 -6.00 13.45
C LYS A 40 -14.95 -6.40 11.98
N VAL A 41 -13.93 -5.89 11.30
CA VAL A 41 -13.75 -6.19 9.89
C VAL A 41 -13.59 -7.71 9.71
N LEU A 42 -14.55 -8.30 9.02
CA LEU A 42 -14.53 -9.73 8.77
C LEU A 42 -13.89 -9.99 7.41
N GLU A 43 -14.02 -9.01 6.52
CA GLU A 43 -13.46 -9.13 5.19
C GLU A 43 -12.86 -7.79 4.74
N VAL A 44 -11.72 -7.89 4.09
CA VAL A 44 -11.04 -6.70 3.61
C VAL A 44 -11.06 -6.68 2.07
N GLU A 45 -11.76 -5.71 1.53
CA GLU A 45 -11.88 -5.57 0.09
C GLU A 45 -10.97 -4.44 -0.41
N ASP A 46 -11.03 -4.20 -1.71
CA ASP A 46 -10.23 -3.16 -2.32
C ASP A 46 -10.87 -1.80 -2.04
N SER A 47 -12.14 -1.84 -1.68
CA SER A 47 -12.88 -0.61 -1.39
C SER A 47 -12.92 -0.40 0.12
N THR A 48 -12.32 -1.32 0.85
CA THR A 48 -12.28 -1.23 2.30
C THR A 48 -11.25 -0.19 2.75
N ASP A 49 -11.74 0.79 3.48
CA ASP A 49 -10.88 1.85 3.97
C ASP A 49 -10.31 1.45 5.33
N PHE A 50 -8.99 1.50 5.42
CA PHE A 50 -8.30 1.15 6.64
C PHE A 50 -8.83 1.96 7.82
N PHE A 51 -9.17 3.21 7.53
CA PHE A 51 -9.69 4.10 8.57
C PHE A 51 -11.16 3.78 8.87
N LYS A 52 -11.98 3.85 7.84
CA LYS A 52 -13.40 3.58 7.99
C LYS A 52 -13.57 2.35 8.89
N SER A 53 -12.80 1.32 8.60
CA SER A 53 -12.87 0.10 9.37
C SER A 53 -12.92 0.41 10.86
N GLY A 54 -11.75 0.70 11.41
CA GLY A 54 -11.64 1.03 12.82
C GLY A 54 -10.17 1.09 13.28
N ALA A 55 -9.36 1.66 12.41
CA ALA A 55 -7.94 1.79 12.70
C ALA A 55 -7.69 3.09 13.46
N ALA A 56 -6.97 2.96 14.57
CA ALA A 56 -6.65 4.11 15.40
C ALA A 56 -5.38 4.79 14.87
N SER A 57 -4.80 5.63 15.71
CA SER A 57 -3.60 6.34 15.35
C SER A 57 -2.37 5.44 15.53
N VAL A 58 -2.60 4.34 16.25
CA VAL A 58 -1.53 3.39 16.51
C VAL A 58 -1.47 2.37 15.37
N ASP A 59 -2.65 1.93 14.95
CA ASP A 59 -2.75 0.95 13.87
C ASP A 59 -1.92 1.43 12.68
N VAL A 60 -2.06 2.72 12.39
CA VAL A 60 -1.34 3.31 11.27
C VAL A 60 0.12 2.87 11.33
N VAL A 61 0.72 3.07 12.49
CA VAL A 61 2.12 2.69 12.69
C VAL A 61 2.24 1.18 12.62
N ARG A 62 1.25 0.50 13.19
CA ARG A 62 1.26 -0.95 13.20
C ARG A 62 1.27 -1.50 11.77
N LEU A 63 0.19 -1.20 11.04
CA LEU A 63 0.07 -1.64 9.67
C LEU A 63 1.38 -1.35 8.92
N VAL A 64 1.86 -0.13 9.11
CA VAL A 64 3.09 0.29 8.46
C VAL A 64 4.25 -0.58 8.97
N GLU A 65 4.33 -0.70 10.29
CA GLU A 65 5.37 -1.49 10.91
C GLU A 65 5.32 -2.94 10.42
N GLU A 66 4.10 -3.47 10.40
CA GLU A 66 3.89 -4.84 9.96
C GLU A 66 4.36 -5.00 8.51
N VAL A 67 3.80 -4.17 7.64
CA VAL A 67 4.16 -4.20 6.23
C VAL A 67 5.67 -4.01 6.09
N LYS A 68 6.25 -3.38 7.09
CA LYS A 68 7.68 -3.13 7.08
C LYS A 68 8.43 -4.46 7.15
N GLU A 69 7.95 -5.32 8.04
CA GLU A 69 8.56 -6.62 8.22
C GLU A 69 8.31 -7.51 7.01
N LEU A 70 7.33 -7.09 6.21
CA LEU A 70 6.97 -7.84 5.01
C LEU A 70 8.06 -7.62 3.95
N CYS A 71 8.45 -6.36 3.78
CA CYS A 71 9.47 -6.03 2.80
C CYS A 71 10.79 -5.82 3.55
N ASP A 72 10.76 -6.12 4.83
CA ASP A 72 11.94 -5.98 5.66
C ASP A 72 12.38 -4.50 5.68
N GLY A 73 11.69 -3.72 6.50
CA GLY A 73 11.98 -2.31 6.62
C GLY A 73 11.50 -1.55 5.38
N LEU A 74 10.29 -1.86 4.96
CA LEU A 74 9.69 -1.22 3.80
C LEU A 74 9.79 0.30 3.97
N GLU A 75 9.67 0.99 2.85
CA GLU A 75 9.74 2.45 2.85
C GLU A 75 8.34 3.04 2.96
N LEU A 76 7.68 2.74 4.07
CA LEU A 76 6.34 3.23 4.32
C LEU A 76 6.39 4.28 5.43
N GLU A 77 5.34 5.09 5.48
CA GLU A 77 5.25 6.14 6.48
C GLU A 77 3.78 6.43 6.81
N ASN A 78 3.57 6.95 8.01
CA ASN A 78 2.23 7.27 8.46
C ASN A 78 1.53 8.13 7.39
N GLU A 79 2.34 8.91 6.69
CA GLU A 79 1.81 9.78 5.65
C GLU A 79 1.25 8.95 4.50
N ASP A 80 2.00 7.92 4.14
CA ASP A 80 1.57 7.03 3.06
C ASP A 80 0.17 6.50 3.35
N VAL A 81 0.00 6.04 4.58
CA VAL A 81 -1.29 5.51 5.00
C VAL A 81 -2.35 6.60 4.87
N TYR A 82 -2.00 7.79 5.31
CA TYR A 82 -2.91 8.92 5.25
C TYR A 82 -3.27 9.26 3.80
N MET A 83 -2.50 8.68 2.89
CA MET A 83 -2.72 8.91 1.47
C MET A 83 -3.58 7.80 0.87
N ALA A 84 -3.24 6.57 1.22
CA ALA A 84 -3.98 5.42 0.72
C ALA A 84 -4.64 4.70 1.89
N SER A 85 -5.82 5.19 2.25
CA SER A 85 -6.57 4.61 3.34
C SER A 85 -7.20 3.27 2.91
N THR A 86 -7.53 3.21 1.62
CA THR A 86 -8.13 2.01 1.07
C THR A 86 -7.05 1.01 0.68
N PHE A 87 -7.38 -0.27 0.86
CA PHE A 87 -6.45 -1.34 0.53
C PHE A 87 -5.99 -1.24 -0.92
N GLY A 88 -6.96 -1.29 -1.82
CA GLY A 88 -6.67 -1.20 -3.24
C GLY A 88 -5.64 -0.09 -3.52
N ASP A 89 -5.97 1.10 -3.05
CA ASP A 89 -5.09 2.24 -3.25
C ASP A 89 -3.75 1.97 -2.58
N PHE A 90 -3.83 1.56 -1.32
CA PHE A 90 -2.63 1.27 -0.54
C PHE A 90 -1.74 0.26 -1.27
N ILE A 91 -2.34 -0.89 -1.60
CA ILE A 91 -1.62 -1.94 -2.29
C ILE A 91 -0.77 -1.32 -3.41
N GLN A 92 -1.44 -0.57 -4.27
CA GLN A 92 -0.76 0.08 -5.37
C GLN A 92 0.49 0.81 -4.88
N LEU A 93 0.31 1.61 -3.84
CA LEU A 93 1.41 2.36 -3.27
C LEU A 93 2.45 1.38 -2.71
N LEU A 94 1.95 0.41 -1.96
CA LEU A 94 2.83 -0.59 -1.36
C LEU A 94 3.63 -1.28 -2.47
N VAL A 95 2.90 -1.95 -3.34
CA VAL A 95 3.52 -2.67 -4.46
C VAL A 95 4.67 -1.82 -5.01
N ARG A 96 4.37 -0.56 -5.28
CA ARG A 96 5.36 0.36 -5.81
C ARG A 96 6.63 0.33 -4.94
N LYS A 97 6.41 0.51 -3.65
CA LYS A 97 7.52 0.51 -2.70
C LYS A 97 8.22 -0.84 -2.75
N LEU A 98 7.47 -1.86 -3.14
CA LEU A 98 8.01 -3.20 -3.24
C LEU A 98 8.89 -3.31 -4.49
N ARG A 99 8.32 -2.88 -5.61
CA ARG A 99 9.03 -2.92 -6.88
C ARG A 99 10.38 -2.21 -6.75
N GLY A 100 10.32 -1.01 -6.21
CA GLY A 100 11.53 -0.22 -6.03
C GLY A 100 11.25 1.02 -5.17
N ASP A 101 11.25 2.17 -5.83
CA ASP A 101 11.00 3.43 -5.15
C ASP A 101 10.77 4.54 -6.19
N ASP A 102 9.62 5.19 -6.05
CA ASP A 102 9.27 6.26 -6.98
C ASP A 102 9.60 5.83 -8.40
N GLU A 103 8.60 5.26 -9.05
CA GLU A 103 8.77 4.80 -10.42
C GLU A 103 8.61 5.96 -11.40
N GLU A 104 9.43 5.95 -12.43
CA GLU A 104 9.40 7.00 -13.44
C GLU A 104 9.30 6.38 -14.83
N SER A 105 10.11 5.35 -15.06
CA SER A 105 10.12 4.67 -16.34
C SER A 105 10.79 5.55 -17.39
N GLY A 106 12.04 5.22 -17.69
CA GLY A 106 12.80 5.97 -18.67
C GLY A 106 14.29 5.95 -18.35
N PRO A 107 14.99 7.05 -18.74
CA PRO A 107 16.42 7.16 -18.49
C PRO A 107 16.70 7.48 -17.02
N SER A 108 17.02 6.41 -16.28
CA SER A 108 17.30 6.55 -14.87
C SER A 108 18.82 6.51 -14.63
N SER A 109 19.44 5.46 -15.14
CA SER A 109 20.87 5.29 -15.00
C SER A 109 21.31 5.70 -13.60
N GLY A 110 21.13 4.78 -12.67
CA GLY A 110 21.51 5.03 -11.29
C GLY A 110 23.01 4.83 -11.08
N GLY A 1 -11.87 9.46 -32.86
CA GLY A 1 -12.73 9.28 -31.70
C GLY A 1 -12.27 10.15 -30.52
N SER A 2 -12.65 11.43 -30.58
CA SER A 2 -12.28 12.37 -29.54
C SER A 2 -13.51 13.16 -29.10
N SER A 3 -14.13 12.68 -28.03
CA SER A 3 -15.31 13.32 -27.49
C SER A 3 -15.09 13.68 -26.02
N GLY A 4 -15.81 14.69 -25.58
CA GLY A 4 -15.71 15.15 -24.20
C GLY A 4 -14.99 16.50 -24.12
N SER A 5 -14.19 16.65 -23.07
CA SER A 5 -13.45 17.88 -22.87
C SER A 5 -12.20 17.60 -22.04
N SER A 6 -11.05 17.79 -22.66
CA SER A 6 -9.78 17.56 -21.98
C SER A 6 -8.63 18.10 -22.83
N GLY A 7 -8.15 19.27 -22.44
CA GLY A 7 -7.06 19.91 -23.16
C GLY A 7 -5.74 19.73 -22.40
N PHE A 8 -4.88 18.89 -22.95
CA PHE A 8 -3.58 18.63 -22.35
C PHE A 8 -3.74 18.33 -20.86
N PHE A 9 -3.83 17.03 -20.55
CA PHE A 9 -3.97 16.61 -19.17
C PHE A 9 -3.31 15.24 -18.96
N LYS A 10 -2.29 15.24 -18.11
CA LYS A 10 -1.57 14.02 -17.81
C LYS A 10 -0.98 14.12 -16.40
N GLY A 11 -0.06 15.07 -16.23
CA GLY A 11 0.58 15.28 -14.95
C GLY A 11 1.19 13.98 -14.42
N ALA A 12 1.26 13.88 -13.11
CA ALA A 12 1.83 12.70 -12.46
C ALA A 12 0.79 12.12 -11.49
N ALA A 13 -0.22 11.48 -12.07
CA ALA A 13 -1.26 10.87 -11.28
C ALA A 13 -2.25 10.14 -12.21
N SER A 14 -1.75 9.06 -12.80
CA SER A 14 -2.57 8.26 -13.70
C SER A 14 -1.81 7.01 -14.11
N SER A 15 -1.92 5.98 -13.28
CA SER A 15 -1.25 4.72 -13.54
C SER A 15 -1.62 3.70 -12.47
N VAL A 16 -1.68 2.44 -12.89
CA VAL A 16 -2.01 1.36 -11.98
C VAL A 16 -0.98 0.25 -12.11
N LEU A 17 -0.63 -0.34 -10.97
CA LEU A 17 0.34 -1.42 -10.96
C LEU A 17 -0.39 -2.76 -10.79
N GLU A 18 -0.09 -3.68 -11.69
CA GLU A 18 -0.71 -5.00 -11.65
C GLU A 18 0.14 -5.96 -10.82
N LEU A 19 -0.53 -6.63 -9.90
CA LEU A 19 0.15 -7.58 -9.02
C LEU A 19 0.78 -8.68 -9.87
N THR A 20 1.45 -9.60 -9.19
CA THR A 20 2.11 -10.71 -9.87
C THR A 20 2.07 -11.96 -9.00
N GLU A 21 2.23 -13.11 -9.65
CA GLU A 21 2.22 -14.38 -8.95
C GLU A 21 2.95 -14.25 -7.61
N ALA A 22 3.92 -13.35 -7.58
CA ALA A 22 4.69 -13.11 -6.38
C ALA A 22 4.02 -12.02 -5.54
N GLU A 23 3.94 -10.84 -6.13
CA GLU A 23 3.33 -9.71 -5.45
C GLU A 23 1.98 -10.11 -4.86
N LEU A 24 1.20 -10.79 -5.67
CA LEU A 24 -0.13 -11.24 -5.24
C LEU A 24 0.00 -11.89 -3.87
N VAL A 25 1.06 -12.66 -3.70
CA VAL A 25 1.30 -13.35 -2.44
C VAL A 25 1.70 -12.32 -1.38
N THR A 26 2.39 -11.28 -1.84
CA THR A 26 2.83 -10.23 -0.92
C THR A 26 1.65 -9.35 -0.52
N ALA A 27 0.83 -9.00 -1.51
CA ALA A 27 -0.34 -8.17 -1.27
C ALA A 27 -1.25 -8.87 -0.26
N GLU A 28 -1.52 -10.14 -0.54
CA GLU A 28 -2.38 -10.93 0.33
C GLU A 28 -1.85 -10.91 1.77
N ALA A 29 -0.53 -10.90 1.88
CA ALA A 29 0.11 -10.88 3.17
C ALA A 29 -0.30 -9.62 3.93
N VAL A 30 -0.39 -8.52 3.19
CA VAL A 30 -0.77 -7.25 3.77
C VAL A 30 -2.23 -7.33 4.23
N ARG A 31 -3.06 -7.90 3.37
CA ARG A 31 -4.48 -8.04 3.68
C ARG A 31 -4.66 -8.63 5.08
N SER A 32 -3.84 -9.62 5.37
CA SER A 32 -3.90 -10.28 6.67
C SER A 32 -3.67 -9.26 7.79
N VAL A 33 -2.79 -8.30 7.50
CA VAL A 33 -2.48 -7.26 8.46
C VAL A 33 -3.75 -6.48 8.80
N TRP A 34 -4.47 -6.11 7.75
CA TRP A 34 -5.70 -5.35 7.92
C TRP A 34 -6.68 -6.23 8.71
N GLN A 35 -6.89 -7.42 8.21
CA GLN A 35 -7.81 -8.36 8.86
C GLN A 35 -7.41 -8.56 10.33
N ARG A 36 -6.18 -9.01 10.51
CA ARG A 36 -5.67 -9.24 11.86
C ARG A 36 -5.90 -8.01 12.73
N ILE A 37 -5.53 -6.86 12.19
CA ILE A 37 -5.68 -5.61 12.91
C ILE A 37 -7.18 -5.35 13.16
N LEU A 38 -7.87 -4.98 12.09
CA LEU A 38 -9.29 -4.70 12.18
C LEU A 38 -10.02 -5.96 12.66
N PRO A 39 -10.53 -5.89 13.92
CA PRO A 39 -11.25 -7.01 14.50
C PRO A 39 -12.65 -7.14 13.91
N LYS A 40 -13.50 -6.19 14.27
CA LYS A 40 -14.87 -6.19 13.78
C LYS A 40 -14.88 -6.57 12.30
N VAL A 41 -13.90 -6.06 11.58
CA VAL A 41 -13.78 -6.34 10.16
C VAL A 41 -13.54 -7.85 9.97
N LEU A 42 -14.46 -8.47 9.23
CA LEU A 42 -14.36 -9.89 8.97
C LEU A 42 -13.68 -10.11 7.61
N GLU A 43 -13.93 -9.17 6.70
CA GLU A 43 -13.36 -9.25 5.37
C GLU A 43 -12.73 -7.91 4.99
N VAL A 44 -11.59 -8.00 4.32
CA VAL A 44 -10.88 -6.80 3.89
C VAL A 44 -10.79 -6.80 2.36
N GLU A 45 -11.44 -5.80 1.76
CA GLU A 45 -11.43 -5.67 0.31
C GLU A 45 -10.72 -4.38 -0.10
N ASP A 46 -10.81 -4.08 -1.38
CA ASP A 46 -10.18 -2.88 -1.92
C ASP A 46 -11.01 -1.66 -1.52
N SER A 47 -12.26 -1.91 -1.18
CA SER A 47 -13.16 -0.85 -0.79
C SER A 47 -13.02 -0.57 0.71
N THR A 48 -12.41 -1.53 1.40
CA THR A 48 -12.20 -1.40 2.83
C THR A 48 -11.23 -0.25 3.13
N ASP A 49 -11.76 0.76 3.81
CA ASP A 49 -10.95 1.92 4.17
C ASP A 49 -10.36 1.72 5.56
N PHE A 50 -9.05 1.61 5.59
CA PHE A 50 -8.34 1.41 6.85
C PHE A 50 -8.93 2.29 7.95
N PHE A 51 -9.49 3.42 7.54
CA PHE A 51 -10.10 4.35 8.47
C PHE A 51 -11.56 4.01 8.73
N LYS A 52 -12.36 4.17 7.69
CA LYS A 52 -13.79 3.87 7.78
C LYS A 52 -13.99 2.59 8.57
N SER A 53 -12.99 1.71 8.48
CA SER A 53 -13.05 0.44 9.19
C SER A 53 -13.10 0.68 10.69
N GLY A 54 -11.93 0.99 11.25
CA GLY A 54 -11.83 1.25 12.68
C GLY A 54 -10.37 1.29 13.12
N ALA A 55 -9.54 1.90 12.29
CA ALA A 55 -8.12 2.01 12.58
C ALA A 55 -7.86 3.31 13.33
N ALA A 56 -7.14 3.19 14.44
CA ALA A 56 -6.82 4.35 15.25
C ALA A 56 -5.54 5.00 14.71
N SER A 57 -4.97 5.87 15.53
CA SER A 57 -3.75 6.57 15.15
C SER A 57 -2.53 5.68 15.41
N VAL A 58 -2.78 4.56 16.07
CA VAL A 58 -1.72 3.63 16.39
C VAL A 58 -1.63 2.57 15.28
N ASP A 59 -2.79 2.11 14.85
CA ASP A 59 -2.86 1.11 13.80
C ASP A 59 -2.04 1.59 12.59
N VAL A 60 -2.12 2.89 12.34
CA VAL A 60 -1.40 3.48 11.23
C VAL A 60 0.07 3.03 11.29
N VAL A 61 0.63 3.12 12.48
CA VAL A 61 2.02 2.73 12.68
C VAL A 61 2.13 1.20 12.63
N ARG A 62 1.09 0.55 13.13
CA ARG A 62 1.07 -0.91 13.15
C ARG A 62 1.03 -1.45 11.72
N LEU A 63 -0.02 -1.08 11.00
CA LEU A 63 -0.19 -1.53 9.62
C LEU A 63 1.13 -1.32 8.88
N VAL A 64 1.70 -0.14 9.05
CA VAL A 64 2.95 0.20 8.39
C VAL A 64 4.07 -0.69 8.96
N GLU A 65 4.22 -0.63 10.28
CA GLU A 65 5.24 -1.41 10.94
C GLU A 65 5.16 -2.88 10.50
N GLU A 66 3.93 -3.35 10.36
CA GLU A 66 3.71 -4.72 9.95
C GLU A 66 4.23 -4.95 8.52
N VAL A 67 3.75 -4.12 7.61
CA VAL A 67 4.17 -4.22 6.22
C VAL A 67 5.68 -4.05 6.14
N LYS A 68 6.24 -3.44 7.18
CA LYS A 68 7.67 -3.22 7.23
C LYS A 68 8.39 -4.56 7.31
N GLU A 69 7.84 -5.45 8.12
CA GLU A 69 8.42 -6.77 8.30
C GLU A 69 8.18 -7.63 7.05
N LEU A 70 7.21 -7.19 6.26
CA LEU A 70 6.88 -7.90 5.03
C LEU A 70 8.01 -7.75 4.03
N CYS A 71 8.44 -6.50 3.84
CA CYS A 71 9.51 -6.21 2.91
C CYS A 71 10.78 -5.94 3.72
N ASP A 72 10.67 -6.15 5.02
CA ASP A 72 11.80 -5.94 5.91
C ASP A 72 12.24 -4.47 5.84
N GLY A 73 11.62 -3.66 6.69
CA GLY A 73 11.94 -2.25 6.73
C GLY A 73 11.41 -1.53 5.48
N LEU A 74 10.23 -1.95 5.06
CA LEU A 74 9.61 -1.36 3.89
C LEU A 74 9.61 0.16 4.03
N GLU A 75 9.98 0.82 2.93
CA GLU A 75 10.04 2.27 2.91
C GLU A 75 8.62 2.85 2.97
N LEU A 76 7.94 2.56 4.07
CA LEU A 76 6.59 3.06 4.26
C LEU A 76 6.58 4.06 5.42
N GLU A 77 5.64 4.99 5.35
CA GLU A 77 5.50 6.01 6.37
C GLU A 77 4.03 6.25 6.70
N ASN A 78 3.79 6.77 7.89
CA ASN A 78 2.44 7.06 8.33
C ASN A 78 1.70 7.84 7.25
N GLU A 79 2.46 8.66 6.53
CA GLU A 79 1.90 9.47 5.47
C GLU A 79 1.28 8.57 4.40
N ASP A 80 2.01 7.54 4.02
CA ASP A 80 1.54 6.61 3.02
C ASP A 80 0.12 6.14 3.38
N VAL A 81 -0.06 5.87 4.67
CA VAL A 81 -1.35 5.42 5.16
C VAL A 81 -2.38 6.55 4.98
N TYR A 82 -1.98 7.75 5.36
CA TYR A 82 -2.84 8.90 5.24
C TYR A 82 -3.20 9.18 3.79
N MET A 83 -2.37 8.64 2.90
CA MET A 83 -2.59 8.82 1.46
C MET A 83 -3.49 7.72 0.90
N ALA A 84 -3.20 6.49 1.32
CA ALA A 84 -3.97 5.35 0.86
C ALA A 84 -4.64 4.69 2.07
N SER A 85 -5.86 5.12 2.35
CA SER A 85 -6.61 4.56 3.47
C SER A 85 -7.21 3.22 3.08
N THR A 86 -7.53 3.09 1.80
CA THR A 86 -8.11 1.85 1.29
C THR A 86 -7.00 0.88 0.87
N PHE A 87 -7.26 -0.39 1.12
CA PHE A 87 -6.30 -1.43 0.78
C PHE A 87 -5.93 -1.36 -0.70
N GLY A 88 -6.96 -1.33 -1.54
CA GLY A 88 -6.76 -1.26 -2.98
C GLY A 88 -5.73 -0.19 -3.34
N ASP A 89 -6.03 1.03 -2.91
CA ASP A 89 -5.14 2.15 -3.19
C ASP A 89 -3.78 1.89 -2.54
N PHE A 90 -3.83 1.46 -1.28
CA PHE A 90 -2.61 1.17 -0.55
C PHE A 90 -1.74 0.17 -1.29
N ILE A 91 -2.33 -0.99 -1.57
CA ILE A 91 -1.63 -2.04 -2.29
C ILE A 91 -0.77 -1.42 -3.40
N GLN A 92 -1.45 -0.63 -4.24
CA GLN A 92 -0.77 0.02 -5.35
C GLN A 92 0.48 0.75 -4.85
N LEU A 93 0.27 1.59 -3.84
CA LEU A 93 1.37 2.34 -3.25
C LEU A 93 2.42 1.38 -2.71
N LEU A 94 1.94 0.39 -1.95
CA LEU A 94 2.82 -0.60 -1.36
C LEU A 94 3.64 -1.27 -2.46
N VAL A 95 2.93 -1.94 -3.36
CA VAL A 95 3.57 -2.62 -4.47
C VAL A 95 4.68 -1.74 -5.04
N ARG A 96 4.32 -0.49 -5.30
CA ARG A 96 5.27 0.47 -5.85
C ARG A 96 6.54 0.49 -4.99
N LYS A 97 6.35 0.57 -3.69
CA LYS A 97 7.47 0.60 -2.77
C LYS A 97 8.22 -0.73 -2.84
N LEU A 98 7.49 -1.75 -3.24
CA LEU A 98 8.07 -3.08 -3.36
C LEU A 98 8.88 -3.18 -4.65
N ARG A 99 8.24 -2.80 -5.74
CA ARG A 99 8.89 -2.84 -7.04
C ARG A 99 10.32 -2.30 -6.94
N GLY A 100 10.42 -1.10 -6.38
CA GLY A 100 11.72 -0.46 -6.21
C GLY A 100 12.68 -1.37 -5.46
N ASP A 101 12.50 -1.44 -4.15
CA ASP A 101 13.34 -2.27 -3.31
C ASP A 101 13.61 -3.60 -4.03
N ASP A 102 14.87 -3.79 -4.39
CA ASP A 102 15.26 -5.01 -5.07
C ASP A 102 15.94 -5.96 -4.07
N GLU A 103 15.57 -7.23 -4.18
CA GLU A 103 16.13 -8.24 -3.29
C GLU A 103 16.88 -9.30 -4.10
N GLU A 104 18.03 -8.89 -4.61
CA GLU A 104 18.85 -9.79 -5.41
C GLU A 104 20.28 -9.84 -4.84
N SER A 105 21.07 -10.73 -5.42
CA SER A 105 22.45 -10.90 -5.00
C SER A 105 22.49 -11.26 -3.51
N GLY A 106 22.64 -12.56 -3.27
CA GLY A 106 22.70 -13.06 -1.90
C GLY A 106 22.38 -14.55 -1.85
N PRO A 107 21.58 -14.93 -0.81
CA PRO A 107 21.20 -16.32 -0.63
C PRO A 107 20.12 -16.73 -1.65
N SER A 108 20.50 -16.66 -2.92
CA SER A 108 19.58 -17.02 -3.99
C SER A 108 20.34 -17.11 -5.32
N SER A 109 19.66 -17.68 -6.31
CA SER A 109 20.26 -17.84 -7.63
C SER A 109 19.87 -16.66 -8.52
N GLY A 110 20.83 -16.22 -9.32
CA GLY A 110 20.60 -15.11 -10.23
C GLY A 110 21.87 -14.27 -10.40
N GLY A 1 4.19 -10.39 -15.42
CA GLY A 1 4.86 -10.92 -16.59
C GLY A 1 4.58 -10.06 -17.83
N SER A 2 5.17 -8.87 -17.83
CA SER A 2 4.99 -7.96 -18.94
C SER A 2 6.34 -7.59 -19.56
N SER A 3 6.34 -7.44 -20.87
CA SER A 3 7.55 -7.11 -21.59
C SER A 3 8.07 -5.75 -21.11
N GLY A 4 9.39 -5.64 -21.06
CA GLY A 4 10.02 -4.41 -20.62
C GLY A 4 11.41 -4.25 -21.25
N SER A 5 12.23 -3.45 -20.59
CA SER A 5 13.58 -3.20 -21.07
C SER A 5 14.60 -3.48 -19.95
N SER A 6 15.67 -4.17 -20.32
CA SER A 6 16.70 -4.51 -19.37
C SER A 6 17.20 -3.25 -18.66
N GLY A 7 16.71 -3.06 -17.45
CA GLY A 7 17.09 -1.91 -16.66
C GLY A 7 16.08 -1.66 -15.52
N PHE A 8 16.59 -1.09 -14.44
CA PHE A 8 15.76 -0.80 -13.29
C PHE A 8 15.38 0.68 -13.24
N PHE A 9 14.52 1.07 -14.18
CA PHE A 9 14.08 2.44 -14.27
C PHE A 9 12.67 2.52 -14.85
N LYS A 10 11.82 3.28 -14.17
CA LYS A 10 10.45 3.46 -14.62
C LYS A 10 9.94 4.83 -14.19
N GLY A 11 9.04 5.38 -14.99
CA GLY A 11 8.47 6.69 -14.69
C GLY A 11 6.98 6.57 -14.35
N ALA A 12 6.62 7.19 -13.23
CA ALA A 12 5.24 7.17 -12.79
C ALA A 12 4.50 8.38 -13.36
N ALA A 13 3.32 8.12 -13.90
CA ALA A 13 2.51 9.18 -14.48
C ALA A 13 1.15 8.59 -14.90
N SER A 14 0.13 8.91 -14.11
CA SER A 14 -1.20 8.44 -14.39
C SER A 14 -1.16 6.99 -14.87
N SER A 15 -1.21 6.07 -13.91
CA SER A 15 -1.17 4.66 -14.21
C SER A 15 -1.27 3.84 -12.93
N VAL A 16 -1.74 2.61 -13.08
CA VAL A 16 -1.89 1.71 -11.95
C VAL A 16 -1.12 0.42 -12.21
N LEU A 17 -0.42 -0.05 -11.19
CA LEU A 17 0.34 -1.28 -11.30
C LEU A 17 -0.61 -2.47 -11.26
N GLU A 18 -0.03 -3.65 -11.49
CA GLU A 18 -0.81 -4.88 -11.49
C GLU A 18 -0.09 -5.96 -10.67
N LEU A 19 -0.80 -6.49 -9.69
CA LEU A 19 -0.24 -7.53 -8.84
C LEU A 19 0.13 -8.73 -9.70
N THR A 20 0.89 -9.65 -9.09
CA THR A 20 1.32 -10.84 -9.79
C THR A 20 1.53 -11.99 -8.79
N GLU A 21 1.58 -13.20 -9.33
CA GLU A 21 1.77 -14.37 -8.51
C GLU A 21 2.70 -14.06 -7.33
N ALA A 22 3.72 -13.27 -7.62
CA ALA A 22 4.68 -12.89 -6.61
C ALA A 22 4.04 -11.87 -5.66
N GLU A 23 3.78 -10.69 -6.20
CA GLU A 23 3.17 -9.63 -5.42
C GLU A 23 1.94 -10.16 -4.66
N LEU A 24 1.09 -10.86 -5.40
CA LEU A 24 -0.11 -11.42 -4.82
C LEU A 24 0.22 -11.98 -3.43
N VAL A 25 1.23 -12.83 -3.39
CA VAL A 25 1.65 -13.44 -2.14
C VAL A 25 1.83 -12.36 -1.08
N THR A 26 2.46 -11.27 -1.50
CA THR A 26 2.68 -10.15 -0.60
C THR A 26 1.39 -9.37 -0.37
N ALA A 27 0.66 -9.16 -1.46
CA ALA A 27 -0.59 -8.43 -1.38
C ALA A 27 -1.56 -9.18 -0.46
N GLU A 28 -1.32 -10.47 -0.33
CA GLU A 28 -2.16 -11.31 0.51
C GLU A 28 -1.70 -11.22 1.97
N ALA A 29 -0.39 -11.17 2.14
CA ALA A 29 0.19 -11.09 3.46
C ALA A 29 -0.24 -9.77 4.12
N VAL A 30 -0.23 -8.72 3.32
CA VAL A 30 -0.61 -7.41 3.80
C VAL A 30 -2.10 -7.42 4.20
N ARG A 31 -2.88 -8.07 3.36
CA ARG A 31 -4.31 -8.18 3.61
C ARG A 31 -4.57 -8.78 4.99
N SER A 32 -3.80 -9.81 5.31
CA SER A 32 -3.93 -10.48 6.59
C SER A 32 -3.71 -9.48 7.73
N VAL A 33 -2.81 -8.54 7.48
CA VAL A 33 -2.48 -7.53 8.47
C VAL A 33 -3.75 -6.72 8.80
N TRP A 34 -4.36 -6.20 7.76
CA TRP A 34 -5.58 -5.42 7.92
C TRP A 34 -6.56 -6.24 8.75
N GLN A 35 -6.92 -7.40 8.22
CA GLN A 35 -7.86 -8.28 8.90
C GLN A 35 -7.40 -8.53 10.33
N ARG A 36 -6.14 -8.93 10.45
CA ARG A 36 -5.56 -9.20 11.76
C ARG A 36 -5.74 -8.00 12.69
N ILE A 37 -5.50 -6.82 12.12
CA ILE A 37 -5.63 -5.59 12.88
C ILE A 37 -7.11 -5.30 13.13
N LEU A 38 -7.81 -4.97 12.06
CA LEU A 38 -9.23 -4.68 12.15
C LEU A 38 -9.98 -5.95 12.52
N PRO A 39 -10.56 -5.94 13.75
CA PRO A 39 -11.32 -7.08 14.24
C PRO A 39 -12.69 -7.15 13.57
N LYS A 40 -13.54 -6.20 13.92
CA LYS A 40 -14.88 -6.15 13.37
C LYS A 40 -14.83 -6.53 11.89
N VAL A 41 -13.83 -5.99 11.20
CA VAL A 41 -13.65 -6.25 9.78
C VAL A 41 -13.61 -7.77 9.56
N LEU A 42 -14.65 -8.27 8.90
CA LEU A 42 -14.73 -9.68 8.62
C LEU A 42 -13.92 -10.00 7.35
N GLU A 43 -13.91 -9.04 6.44
CA GLU A 43 -13.19 -9.20 5.20
C GLU A 43 -12.57 -7.86 4.76
N VAL A 44 -11.49 -7.97 4.00
CA VAL A 44 -10.79 -6.78 3.52
C VAL A 44 -10.89 -6.73 2.00
N GLU A 45 -11.35 -5.59 1.50
CA GLU A 45 -11.49 -5.40 0.07
C GLU A 45 -10.86 -4.08 -0.35
N ASP A 46 -10.97 -3.79 -1.64
CA ASP A 46 -10.41 -2.56 -2.19
C ASP A 46 -11.20 -1.37 -1.66
N SER A 47 -12.44 -1.64 -1.29
CA SER A 47 -13.32 -0.60 -0.77
C SER A 47 -13.03 -0.36 0.71
N THR A 48 -12.56 -1.41 1.37
CA THR A 48 -12.24 -1.32 2.79
C THR A 48 -11.26 -0.17 3.05
N ASP A 49 -11.70 0.78 3.86
CA ASP A 49 -10.87 1.93 4.19
C ASP A 49 -10.29 1.74 5.58
N PHE A 50 -8.97 1.55 5.62
CA PHE A 50 -8.26 1.37 6.87
C PHE A 50 -8.92 2.16 7.99
N PHE A 51 -9.34 3.37 7.64
CA PHE A 51 -9.99 4.25 8.61
C PHE A 51 -11.44 3.83 8.85
N LYS A 52 -12.24 3.93 7.79
CA LYS A 52 -13.64 3.57 7.88
C LYS A 52 -13.78 2.32 8.75
N SER A 53 -12.85 1.39 8.56
CA SER A 53 -12.86 0.15 9.32
C SER A 53 -12.88 0.45 10.82
N GLY A 54 -11.73 0.93 11.31
CA GLY A 54 -11.61 1.27 12.72
C GLY A 54 -10.14 1.28 13.14
N ALA A 55 -9.31 1.85 12.28
CA ALA A 55 -7.88 1.94 12.55
C ALA A 55 -7.59 3.23 13.31
N ALA A 56 -7.02 3.08 14.50
CA ALA A 56 -6.70 4.23 15.32
C ALA A 56 -5.42 4.88 14.78
N SER A 57 -4.85 5.74 15.60
CA SER A 57 -3.62 6.45 15.23
C SER A 57 -2.41 5.55 15.44
N VAL A 58 -2.64 4.45 16.15
CA VAL A 58 -1.59 3.50 16.43
C VAL A 58 -1.51 2.47 15.29
N ASP A 59 -2.69 2.07 14.84
CA ASP A 59 -2.77 1.10 13.76
C ASP A 59 -1.96 1.58 12.56
N VAL A 60 -2.00 2.89 12.36
CA VAL A 60 -1.27 3.50 11.26
C VAL A 60 0.19 3.03 11.30
N VAL A 61 0.78 3.15 12.49
CA VAL A 61 2.16 2.75 12.67
C VAL A 61 2.26 1.23 12.65
N ARG A 62 1.22 0.60 13.20
CA ARG A 62 1.18 -0.85 13.25
C ARG A 62 1.17 -1.43 11.84
N LEU A 63 0.20 -1.00 11.05
CA LEU A 63 0.07 -1.46 9.69
C LEU A 63 1.38 -1.22 8.95
N VAL A 64 1.87 0.01 9.05
CA VAL A 64 3.11 0.38 8.40
C VAL A 64 4.25 -0.46 8.96
N GLU A 65 4.25 -0.61 10.27
CA GLU A 65 5.27 -1.39 10.94
C GLU A 65 5.20 -2.86 10.51
N GLU A 66 3.96 -3.34 10.39
CA GLU A 66 3.73 -4.71 9.99
C GLU A 66 4.26 -4.95 8.58
N VAL A 67 3.77 -4.15 7.65
CA VAL A 67 4.17 -4.25 6.27
C VAL A 67 5.69 -4.03 6.17
N LYS A 68 6.23 -3.43 7.22
CA LYS A 68 7.66 -3.15 7.26
C LYS A 68 8.43 -4.48 7.34
N GLU A 69 7.97 -5.34 8.22
CA GLU A 69 8.60 -6.63 8.42
C GLU A 69 8.38 -7.51 7.17
N LEU A 70 7.39 -7.13 6.39
CA LEU A 70 7.06 -7.87 5.18
C LEU A 70 8.20 -7.71 4.17
N CYS A 71 8.61 -6.46 3.98
CA CYS A 71 9.69 -6.16 3.05
C CYS A 71 10.94 -5.83 3.86
N ASP A 72 10.85 -6.07 5.16
CA ASP A 72 11.97 -5.81 6.05
C ASP A 72 12.29 -4.32 6.01
N GLY A 73 11.61 -3.58 6.87
CA GLY A 73 11.80 -2.14 6.96
C GLY A 73 11.34 -1.44 5.67
N LEU A 74 10.18 -1.88 5.19
CA LEU A 74 9.63 -1.31 3.98
C LEU A 74 9.63 0.22 4.08
N GLU A 75 9.90 0.85 2.95
CA GLU A 75 9.95 2.30 2.89
C GLU A 75 8.53 2.88 2.96
N LEU A 76 7.86 2.59 4.07
CA LEU A 76 6.50 3.07 4.26
C LEU A 76 6.50 4.14 5.36
N GLU A 77 5.55 5.06 5.24
CA GLU A 77 5.43 6.14 6.22
C GLU A 77 3.96 6.38 6.55
N ASN A 78 3.73 6.85 7.77
CA ASN A 78 2.39 7.13 8.23
C ASN A 78 1.61 7.85 7.13
N GLU A 79 2.35 8.64 6.36
CA GLU A 79 1.76 9.40 5.26
C GLU A 79 1.13 8.45 4.25
N ASP A 80 1.86 7.39 3.94
CA ASP A 80 1.38 6.41 2.98
C ASP A 80 -0.05 6.01 3.34
N VAL A 81 -0.25 5.73 4.62
CA VAL A 81 -1.56 5.34 5.10
C VAL A 81 -2.55 6.49 4.90
N TYR A 82 -2.14 7.66 5.35
CA TYR A 82 -2.97 8.85 5.21
C TYR A 82 -3.29 9.13 3.75
N MET A 83 -2.40 8.68 2.88
CA MET A 83 -2.58 8.87 1.44
C MET A 83 -3.49 7.79 0.86
N ALA A 84 -3.25 6.56 1.29
CA ALA A 84 -4.04 5.44 0.81
C ALA A 84 -4.69 4.73 2.00
N SER A 85 -5.94 5.10 2.27
CA SER A 85 -6.67 4.51 3.38
C SER A 85 -7.30 3.18 2.94
N THR A 86 -7.59 3.09 1.65
CA THR A 86 -8.17 1.89 1.10
C THR A 86 -7.09 0.90 0.68
N PHE A 87 -7.35 -0.37 0.95
CA PHE A 87 -6.40 -1.42 0.61
C PHE A 87 -5.96 -1.31 -0.84
N GLY A 88 -6.95 -1.24 -1.73
CA GLY A 88 -6.68 -1.13 -3.15
C GLY A 88 -5.62 -0.06 -3.42
N ASP A 89 -5.94 1.16 -3.00
CA ASP A 89 -5.02 2.28 -3.19
C ASP A 89 -3.69 1.97 -2.50
N PHE A 90 -3.79 1.48 -1.27
CA PHE A 90 -2.61 1.16 -0.50
C PHE A 90 -1.73 0.15 -1.25
N ILE A 91 -2.30 -1.01 -1.51
CA ILE A 91 -1.58 -2.06 -2.22
C ILE A 91 -0.78 -1.44 -3.36
N GLN A 92 -1.47 -0.65 -4.16
CA GLN A 92 -0.83 0.02 -5.29
C GLN A 92 0.45 0.72 -4.84
N LEU A 93 0.32 1.47 -3.75
CA LEU A 93 1.45 2.20 -3.21
C LEU A 93 2.51 1.20 -2.74
N LEU A 94 2.05 0.21 -2.00
CA LEU A 94 2.95 -0.81 -1.48
C LEU A 94 3.69 -1.47 -2.64
N VAL A 95 2.93 -1.99 -3.58
CA VAL A 95 3.50 -2.64 -4.74
C VAL A 95 4.59 -1.76 -5.33
N ARG A 96 4.30 -0.47 -5.41
CA ARG A 96 5.24 0.49 -5.95
C ARG A 96 6.53 0.48 -5.12
N LYS A 97 6.36 0.62 -3.82
CA LYS A 97 7.50 0.63 -2.91
C LYS A 97 8.22 -0.72 -2.99
N LEU A 98 7.43 -1.78 -2.94
CA LEU A 98 7.98 -3.12 -3.01
C LEU A 98 8.88 -3.24 -4.24
N ARG A 99 8.29 -3.01 -5.40
CA ARG A 99 9.01 -3.08 -6.66
C ARG A 99 10.25 -2.19 -6.60
N GLY A 100 10.05 -0.97 -6.11
CA GLY A 100 11.14 -0.02 -6.00
C GLY A 100 12.19 -0.50 -5.01
N ASP A 101 11.96 -0.19 -3.75
CA ASP A 101 12.87 -0.59 -2.69
C ASP A 101 13.34 -2.03 -2.95
N ASP A 102 14.65 -2.18 -3.06
CA ASP A 102 15.24 -3.49 -3.30
C ASP A 102 16.74 -3.34 -3.52
N GLU A 103 17.49 -4.32 -3.02
CA GLU A 103 18.93 -4.30 -3.16
C GLU A 103 19.33 -4.77 -4.56
N GLU A 104 20.60 -4.54 -4.89
CA GLU A 104 21.12 -4.94 -6.17
C GLU A 104 20.57 -6.30 -6.58
N SER A 105 20.86 -7.29 -5.74
CA SER A 105 20.41 -8.65 -6.00
C SER A 105 21.01 -9.17 -7.31
N GLY A 106 22.24 -9.66 -7.21
CA GLY A 106 22.94 -10.18 -8.36
C GLY A 106 23.60 -9.06 -9.17
N PRO A 107 23.74 -9.30 -10.49
CA PRO A 107 24.34 -8.32 -11.38
C PRO A 107 23.38 -7.17 -11.66
N SER A 108 22.11 -7.53 -11.84
CA SER A 108 21.09 -6.53 -12.12
C SER A 108 19.71 -7.08 -11.73
N SER A 109 18.78 -6.16 -11.55
CA SER A 109 17.42 -6.53 -11.17
C SER A 109 16.43 -6.02 -12.23
N GLY A 110 15.44 -6.85 -12.50
CA GLY A 110 14.42 -6.49 -13.48
C GLY A 110 13.39 -5.54 -12.87
N GLY A 1 17.34 12.33 -10.19
CA GLY A 1 17.52 13.77 -10.01
C GLY A 1 16.64 14.56 -10.98
N SER A 2 17.23 15.55 -11.60
CA SER A 2 16.51 16.39 -12.54
C SER A 2 15.96 15.53 -13.68
N SER A 3 16.87 14.85 -14.36
CA SER A 3 16.49 13.99 -15.47
C SER A 3 15.95 12.66 -14.94
N GLY A 4 14.64 12.53 -15.02
CA GLY A 4 13.98 11.32 -14.56
C GLY A 4 12.67 11.08 -15.30
N SER A 5 12.79 10.75 -16.58
CA SER A 5 11.62 10.50 -17.40
C SER A 5 11.98 9.55 -18.54
N SER A 6 10.95 8.92 -19.10
CA SER A 6 11.15 7.99 -20.19
C SER A 6 9.80 7.64 -20.83
N GLY A 7 9.69 7.93 -22.11
CA GLY A 7 8.46 7.65 -22.84
C GLY A 7 7.54 8.87 -22.86
N PHE A 8 6.38 8.69 -23.47
CA PHE A 8 5.40 9.75 -23.56
C PHE A 8 5.17 10.41 -22.20
N PHE A 9 4.94 11.71 -22.22
CA PHE A 9 4.71 12.46 -21.00
C PHE A 9 3.50 11.90 -20.25
N LYS A 10 3.79 11.01 -19.31
CA LYS A 10 2.75 10.39 -18.51
C LYS A 10 3.18 10.39 -17.04
N GLY A 11 2.23 10.73 -16.19
CA GLY A 11 2.50 10.77 -14.75
C GLY A 11 1.20 10.95 -13.95
N ALA A 12 0.97 10.01 -13.04
CA ALA A 12 -0.21 10.07 -12.22
C ALA A 12 -1.46 10.05 -13.11
N ALA A 13 -2.61 9.92 -12.47
CA ALA A 13 -3.87 9.89 -13.18
C ALA A 13 -4.07 8.49 -13.78
N SER A 14 -3.27 8.19 -14.78
CA SER A 14 -3.36 6.89 -15.43
C SER A 14 -2.06 6.11 -15.23
N SER A 15 -2.07 5.25 -14.22
CA SER A 15 -0.90 4.44 -13.91
C SER A 15 -1.16 3.63 -12.64
N VAL A 16 -1.43 2.35 -12.82
CA VAL A 16 -1.68 1.47 -11.70
C VAL A 16 -0.82 0.21 -11.84
N LEU A 17 -0.33 -0.26 -10.71
CA LEU A 17 0.51 -1.45 -10.69
C LEU A 17 -0.38 -2.69 -10.58
N GLU A 18 -0.22 -3.58 -11.55
CA GLU A 18 -0.99 -4.82 -11.59
C GLU A 18 -0.26 -5.92 -10.81
N LEU A 19 -0.92 -6.42 -9.77
CA LEU A 19 -0.35 -7.47 -8.97
C LEU A 19 -0.02 -8.67 -9.85
N THR A 20 0.69 -9.63 -9.26
CA THR A 20 1.07 -10.82 -9.99
C THR A 20 1.26 -11.99 -9.02
N GLU A 21 1.28 -13.20 -9.58
CA GLU A 21 1.45 -14.39 -8.78
C GLU A 21 2.37 -14.12 -7.59
N ALA A 22 3.48 -13.46 -7.88
CA ALA A 22 4.44 -13.12 -6.84
C ALA A 22 3.85 -12.04 -5.93
N GLU A 23 3.69 -10.85 -6.49
CA GLU A 23 3.14 -9.73 -5.75
C GLU A 23 1.93 -10.19 -4.92
N LEU A 24 1.01 -10.86 -5.60
CA LEU A 24 -0.19 -11.35 -4.94
C LEU A 24 0.18 -11.88 -3.55
N VAL A 25 1.12 -12.82 -3.54
CA VAL A 25 1.57 -13.41 -2.29
C VAL A 25 1.81 -12.30 -1.26
N THR A 26 2.46 -11.25 -1.72
CA THR A 26 2.77 -10.11 -0.85
C THR A 26 1.51 -9.27 -0.62
N ALA A 27 0.74 -9.12 -1.69
CA ALA A 27 -0.49 -8.34 -1.61
C ALA A 27 -1.47 -9.04 -0.67
N GLU A 28 -1.25 -10.33 -0.49
CA GLU A 28 -2.11 -11.13 0.37
C GLU A 28 -1.61 -11.07 1.81
N ALA A 29 -0.29 -11.02 1.95
CA ALA A 29 0.33 -10.97 3.26
C ALA A 29 -0.05 -9.64 3.94
N VAL A 30 -0.26 -8.63 3.12
CA VAL A 30 -0.63 -7.31 3.61
C VAL A 30 -2.09 -7.34 4.05
N ARG A 31 -2.90 -8.03 3.28
CA ARG A 31 -4.32 -8.14 3.57
C ARG A 31 -4.53 -8.75 4.95
N SER A 32 -3.69 -9.72 5.27
CA SER A 32 -3.77 -10.39 6.56
C SER A 32 -3.48 -9.40 7.68
N VAL A 33 -2.67 -8.41 7.36
CA VAL A 33 -2.30 -7.40 8.34
C VAL A 33 -3.55 -6.57 8.71
N TRP A 34 -4.22 -6.08 7.68
CA TRP A 34 -5.42 -5.30 7.88
C TRP A 34 -6.37 -6.10 8.77
N GLN A 35 -6.76 -7.27 8.26
CA GLN A 35 -7.66 -8.14 8.99
C GLN A 35 -7.20 -8.30 10.44
N ARG A 36 -5.97 -8.79 10.58
CA ARG A 36 -5.40 -8.99 11.90
C ARG A 36 -5.62 -7.75 12.77
N ILE A 37 -5.44 -6.59 12.15
CA ILE A 37 -5.61 -5.33 12.86
C ILE A 37 -7.10 -5.10 13.11
N LEU A 38 -7.82 -4.80 12.05
CA LEU A 38 -9.25 -4.56 12.15
C LEU A 38 -9.95 -5.84 12.61
N PRO A 39 -10.48 -5.78 13.85
CA PRO A 39 -11.19 -6.93 14.42
C PRO A 39 -12.58 -7.09 13.80
N LYS A 40 -13.46 -6.17 14.13
CA LYS A 40 -14.81 -6.19 13.62
C LYS A 40 -14.77 -6.61 12.14
N VAL A 41 -13.82 -6.03 11.43
CA VAL A 41 -13.67 -6.32 10.01
C VAL A 41 -13.46 -7.83 9.82
N LEU A 42 -14.46 -8.46 9.21
CA LEU A 42 -14.40 -9.88 8.96
C LEU A 42 -13.65 -10.14 7.65
N GLU A 43 -13.76 -9.18 6.74
CA GLU A 43 -13.12 -9.29 5.45
C GLU A 43 -12.52 -7.94 5.03
N VAL A 44 -11.42 -8.01 4.30
CA VAL A 44 -10.76 -6.81 3.84
C VAL A 44 -10.70 -6.82 2.31
N GLU A 45 -11.20 -5.74 1.73
CA GLU A 45 -11.21 -5.61 0.28
C GLU A 45 -10.49 -4.33 -0.15
N ASP A 46 -10.54 -4.06 -1.44
CA ASP A 46 -9.89 -2.88 -1.99
C ASP A 46 -10.73 -1.65 -1.66
N SER A 47 -11.99 -1.89 -1.32
CA SER A 47 -12.90 -0.82 -0.97
C SER A 47 -12.81 -0.52 0.53
N THR A 48 -12.22 -1.46 1.25
CA THR A 48 -12.07 -1.31 2.69
C THR A 48 -11.13 -0.16 3.02
N ASP A 49 -11.67 0.84 3.68
CA ASP A 49 -10.89 2.00 4.06
C ASP A 49 -10.28 1.77 5.44
N PHE A 50 -8.96 1.68 5.47
CA PHE A 50 -8.24 1.45 6.70
C PHE A 50 -8.87 2.25 7.85
N PHE A 51 -9.39 3.42 7.50
CA PHE A 51 -10.02 4.28 8.48
C PHE A 51 -11.49 3.89 8.70
N LYS A 52 -12.29 4.10 7.66
CA LYS A 52 -13.70 3.78 7.72
C LYS A 52 -13.88 2.46 8.47
N SER A 53 -12.88 1.60 8.35
CA SER A 53 -12.92 0.30 9.00
C SER A 53 -13.00 0.48 10.52
N GLY A 54 -11.87 0.90 11.09
CA GLY A 54 -11.80 1.12 12.53
C GLY A 54 -10.35 1.19 12.99
N ALA A 55 -9.53 1.88 12.20
CA ALA A 55 -8.12 2.02 12.52
C ALA A 55 -7.91 3.37 13.21
N ALA A 56 -7.14 3.32 14.29
CA ALA A 56 -6.84 4.52 15.06
C ALA A 56 -5.57 5.17 14.50
N SER A 57 -4.98 6.02 15.32
CA SER A 57 -3.75 6.71 14.94
C SER A 57 -2.54 5.83 15.23
N VAL A 58 -2.79 4.73 15.94
CA VAL A 58 -1.72 3.81 16.30
C VAL A 58 -1.65 2.71 15.24
N ASP A 59 -2.81 2.39 14.67
CA ASP A 59 -2.88 1.36 13.65
C ASP A 59 -2.02 1.77 12.46
N VAL A 60 -2.09 3.05 12.14
CA VAL A 60 -1.33 3.58 11.02
C VAL A 60 0.12 3.08 11.09
N VAL A 61 0.72 3.29 12.26
CA VAL A 61 2.10 2.85 12.48
C VAL A 61 2.15 1.32 12.50
N ARG A 62 1.11 0.74 13.08
CA ARG A 62 1.02 -0.71 13.16
C ARG A 62 1.05 -1.33 11.76
N LEU A 63 0.11 -0.90 10.94
CA LEU A 63 0.01 -1.40 9.58
C LEU A 63 1.37 -1.22 8.88
N VAL A 64 1.88 0.01 8.96
CA VAL A 64 3.14 0.33 8.34
C VAL A 64 4.25 -0.56 8.95
N GLU A 65 4.19 -0.69 10.27
CA GLU A 65 5.16 -1.50 10.97
C GLU A 65 5.06 -2.95 10.53
N GLU A 66 3.82 -3.42 10.39
CA GLU A 66 3.59 -4.79 9.97
C GLU A 66 4.15 -5.04 8.58
N VAL A 67 3.73 -4.18 7.65
CA VAL A 67 4.19 -4.28 6.27
C VAL A 67 5.71 -4.13 6.24
N LYS A 68 6.24 -3.50 7.27
CA LYS A 68 7.67 -3.27 7.37
C LYS A 68 8.38 -4.61 7.48
N GLU A 69 7.78 -5.51 8.25
CA GLU A 69 8.35 -6.83 8.46
C GLU A 69 8.15 -7.68 7.21
N LEU A 70 7.21 -7.26 6.37
CA LEU A 70 6.92 -7.98 5.15
C LEU A 70 8.09 -7.80 4.17
N CYS A 71 8.50 -6.55 4.01
CA CYS A 71 9.59 -6.23 3.11
C CYS A 71 10.86 -6.06 3.94
N ASP A 72 10.70 -6.22 5.25
CA ASP A 72 11.81 -6.08 6.17
C ASP A 72 12.36 -4.65 6.09
N GLY A 73 11.68 -3.76 6.79
CA GLY A 73 12.08 -2.36 6.81
C GLY A 73 11.54 -1.62 5.59
N LEU A 74 10.32 -1.96 5.22
CA LEU A 74 9.68 -1.34 4.06
C LEU A 74 9.68 0.18 4.26
N GLU A 75 10.13 0.88 3.23
CA GLU A 75 10.19 2.33 3.27
C GLU A 75 8.78 2.91 3.22
N LEU A 76 8.01 2.61 4.26
CA LEU A 76 6.65 3.09 4.35
C LEU A 76 6.52 4.00 5.58
N GLU A 77 5.71 5.04 5.43
CA GLU A 77 5.49 5.99 6.50
C GLU A 77 4.02 5.96 6.94
N ASN A 78 3.76 6.61 8.07
CA ASN A 78 2.41 6.67 8.60
C ASN A 78 1.51 7.40 7.61
N GLU A 79 2.08 8.41 6.96
CA GLU A 79 1.34 9.19 5.99
C GLU A 79 0.83 8.29 4.86
N ASP A 80 1.74 7.48 4.34
CA ASP A 80 1.40 6.57 3.26
C ASP A 80 0.01 6.00 3.50
N VAL A 81 -0.30 5.80 4.77
CA VAL A 81 -1.60 5.26 5.16
C VAL A 81 -2.68 6.33 4.94
N TYR A 82 -2.45 7.49 5.54
CA TYR A 82 -3.39 8.60 5.41
C TYR A 82 -3.64 8.94 3.94
N MET A 83 -2.76 8.45 3.10
CA MET A 83 -2.87 8.71 1.66
C MET A 83 -3.68 7.60 0.98
N ALA A 84 -3.32 6.36 1.31
CA ALA A 84 -4.01 5.22 0.73
C ALA A 84 -4.81 4.51 1.83
N SER A 85 -5.81 5.21 2.34
CA SER A 85 -6.66 4.65 3.38
C SER A 85 -7.22 3.31 2.95
N THR A 86 -7.61 3.25 1.68
CA THR A 86 -8.17 2.02 1.13
C THR A 86 -7.06 1.04 0.78
N PHE A 87 -7.29 -0.22 1.14
CA PHE A 87 -6.32 -1.26 0.88
C PHE A 87 -5.92 -1.29 -0.61
N GLY A 88 -6.94 -1.24 -1.45
CA GLY A 88 -6.72 -1.26 -2.89
C GLY A 88 -5.67 -0.22 -3.29
N ASP A 89 -5.95 1.02 -2.94
CA ASP A 89 -5.04 2.12 -3.26
C ASP A 89 -3.69 1.86 -2.59
N PHE A 90 -3.76 1.47 -1.32
CA PHE A 90 -2.56 1.20 -0.55
C PHE A 90 -1.67 0.18 -1.28
N ILE A 91 -2.27 -0.95 -1.61
CA ILE A 91 -1.55 -2.00 -2.31
C ILE A 91 -0.68 -1.39 -3.40
N GLN A 92 -1.34 -0.71 -4.32
CA GLN A 92 -0.66 -0.06 -5.43
C GLN A 92 0.58 0.67 -4.93
N LEU A 93 0.38 1.47 -3.88
CA LEU A 93 1.46 2.23 -3.30
C LEU A 93 2.53 1.28 -2.77
N LEU A 94 2.05 0.26 -2.05
CA LEU A 94 2.95 -0.73 -1.48
C LEU A 94 3.73 -1.41 -2.60
N VAL A 95 2.99 -2.05 -3.49
CA VAL A 95 3.61 -2.74 -4.61
C VAL A 95 4.69 -1.85 -5.23
N ARG A 96 4.42 -0.56 -5.25
CA ARG A 96 5.36 0.40 -5.80
C ARG A 96 6.64 0.42 -4.96
N LYS A 97 6.47 0.53 -3.65
CA LYS A 97 7.60 0.56 -2.75
C LYS A 97 8.32 -0.79 -2.80
N LEU A 98 7.56 -1.83 -3.08
CA LEU A 98 8.11 -3.17 -3.17
C LEU A 98 8.95 -3.29 -4.45
N ARG A 99 8.32 -2.95 -5.57
CA ARG A 99 8.98 -3.01 -6.85
C ARG A 99 10.24 -2.14 -6.84
N GLY A 100 10.09 -0.95 -6.27
CA GLY A 100 11.20 -0.01 -6.19
C GLY A 100 11.21 0.71 -4.85
N ASP A 101 12.03 0.22 -3.95
CA ASP A 101 12.14 0.81 -2.62
C ASP A 101 13.02 2.05 -2.70
N ASP A 102 12.65 2.96 -3.58
CA ASP A 102 13.40 4.19 -3.77
C ASP A 102 12.57 5.37 -3.24
N GLU A 103 12.85 5.73 -1.99
CA GLU A 103 12.14 6.83 -1.36
C GLU A 103 13.12 7.70 -0.57
N GLU A 104 12.71 8.94 -0.35
CA GLU A 104 13.54 9.88 0.39
C GLU A 104 13.36 9.68 1.90
N SER A 105 14.47 9.34 2.55
CA SER A 105 14.46 9.11 3.98
C SER A 105 14.13 10.41 4.72
N GLY A 106 12.91 10.49 5.22
CA GLY A 106 12.46 11.66 5.94
C GLY A 106 11.03 11.49 6.45
N PRO A 107 10.92 10.93 7.68
CA PRO A 107 9.62 10.70 8.28
C PRO A 107 9.01 12.01 8.78
N SER A 108 9.86 12.82 9.42
CA SER A 108 9.42 14.09 9.95
C SER A 108 10.60 14.81 10.62
N SER A 109 10.66 16.12 10.42
CA SER A 109 11.72 16.92 10.98
C SER A 109 11.26 17.52 12.32
N GLY A 110 11.64 16.84 13.39
CA GLY A 110 11.28 17.30 14.73
C GLY A 110 10.22 16.38 15.34
N GLY A 1 7.03 9.14 -15.96
CA GLY A 1 7.49 10.52 -16.09
C GLY A 1 7.17 11.07 -17.48
N SER A 2 5.95 11.57 -17.63
CA SER A 2 5.52 12.12 -18.91
C SER A 2 4.35 13.08 -18.68
N SER A 3 4.52 14.29 -19.20
CA SER A 3 3.49 15.31 -19.07
C SER A 3 2.55 15.27 -20.27
N GLY A 4 1.30 14.94 -20.02
CA GLY A 4 0.31 14.86 -21.07
C GLY A 4 -0.97 15.62 -20.68
N SER A 5 -1.89 15.69 -21.63
CA SER A 5 -3.15 16.38 -21.40
C SER A 5 -2.88 17.74 -20.76
N SER A 6 -2.59 18.72 -21.61
CA SER A 6 -2.33 20.06 -21.14
C SER A 6 -3.42 21.01 -21.62
N GLY A 7 -4.26 21.42 -20.68
CA GLY A 7 -5.35 22.33 -20.99
C GLY A 7 -5.65 23.26 -19.80
N PHE A 8 -6.92 23.63 -19.70
CA PHE A 8 -7.35 24.51 -18.62
C PHE A 8 -7.56 23.72 -17.33
N PHE A 9 -6.50 23.67 -16.53
CA PHE A 9 -6.55 22.96 -15.27
C PHE A 9 -7.25 21.60 -15.42
N LYS A 10 -6.45 20.60 -15.73
CA LYS A 10 -6.98 19.25 -15.91
C LYS A 10 -5.83 18.28 -16.11
N GLY A 11 -6.09 17.02 -15.78
CA GLY A 11 -5.07 15.98 -15.91
C GLY A 11 -5.37 14.80 -14.98
N ALA A 12 -4.35 14.40 -14.25
CA ALA A 12 -4.48 13.29 -13.32
C ALA A 12 -4.85 12.03 -14.10
N ALA A 13 -3.83 11.39 -14.66
CA ALA A 13 -4.03 10.18 -15.43
C ALA A 13 -4.82 9.17 -14.59
N SER A 14 -5.17 8.06 -15.22
CA SER A 14 -5.92 7.02 -14.55
C SER A 14 -5.38 5.65 -14.92
N SER A 15 -5.01 4.89 -13.90
CA SER A 15 -4.46 3.56 -14.11
C SER A 15 -4.18 2.89 -12.76
N VAL A 16 -4.11 1.56 -12.80
CA VAL A 16 -3.85 0.80 -11.59
C VAL A 16 -2.76 -0.24 -11.88
N LEU A 17 -1.91 -0.45 -10.89
CA LEU A 17 -0.83 -1.42 -11.03
C LEU A 17 -1.39 -2.83 -10.91
N GLU A 18 -0.87 -3.71 -11.75
CA GLU A 18 -1.31 -5.10 -11.74
C GLU A 18 -0.35 -5.96 -10.93
N LEU A 19 -0.90 -6.69 -9.98
CA LEU A 19 -0.11 -7.56 -9.14
C LEU A 19 0.52 -8.67 -9.98
N THR A 20 1.18 -9.59 -9.32
CA THR A 20 1.83 -10.70 -9.99
C THR A 20 1.77 -11.96 -9.13
N GLU A 21 2.04 -13.09 -9.77
CA GLU A 21 2.03 -14.37 -9.08
C GLU A 21 2.73 -14.25 -7.72
N ALA A 22 3.76 -13.41 -7.70
CA ALA A 22 4.53 -13.20 -6.49
C ALA A 22 3.87 -12.08 -5.67
N GLU A 23 3.82 -10.90 -6.26
CA GLU A 23 3.23 -9.74 -5.60
C GLU A 23 1.90 -10.14 -4.95
N LEU A 24 1.07 -10.80 -5.74
CA LEU A 24 -0.24 -11.23 -5.26
C LEU A 24 -0.09 -11.80 -3.85
N VAL A 25 0.87 -12.70 -3.70
CA VAL A 25 1.12 -13.32 -2.41
C VAL A 25 1.41 -12.23 -1.37
N THR A 26 2.33 -11.34 -1.74
CA THR A 26 2.70 -10.25 -0.85
C THR A 26 1.48 -9.40 -0.50
N ALA A 27 0.70 -9.10 -1.53
CA ALA A 27 -0.50 -8.30 -1.35
C ALA A 27 -1.41 -8.98 -0.32
N GLU A 28 -1.38 -10.30 -0.34
CA GLU A 28 -2.20 -11.08 0.57
C GLU A 28 -1.63 -11.01 1.99
N ALA A 29 -0.30 -11.02 2.05
CA ALA A 29 0.39 -10.96 3.33
C ALA A 29 -0.02 -9.68 4.06
N VAL A 30 -0.17 -8.62 3.29
CA VAL A 30 -0.55 -7.33 3.85
C VAL A 30 -2.03 -7.38 4.26
N ARG A 31 -2.84 -7.93 3.37
CA ARG A 31 -4.26 -8.04 3.63
C ARG A 31 -4.51 -8.71 4.99
N SER A 32 -3.70 -9.73 5.26
CA SER A 32 -3.82 -10.47 6.51
C SER A 32 -3.58 -9.52 7.70
N VAL A 33 -2.68 -8.57 7.48
CA VAL A 33 -2.36 -7.60 8.52
C VAL A 33 -3.61 -6.78 8.85
N TRP A 34 -4.30 -6.36 7.80
CA TRP A 34 -5.52 -5.58 7.96
C TRP A 34 -6.50 -6.39 8.79
N GLN A 35 -6.88 -7.54 8.24
CA GLN A 35 -7.81 -8.42 8.92
C GLN A 35 -7.39 -8.64 10.37
N ARG A 36 -6.12 -8.99 10.54
CA ARG A 36 -5.57 -9.23 11.86
C ARG A 36 -5.78 -7.99 12.75
N ILE A 37 -5.59 -6.84 12.15
CA ILE A 37 -5.75 -5.58 12.87
C ILE A 37 -7.24 -5.33 13.11
N LEU A 38 -7.94 -5.01 12.03
CA LEU A 38 -9.36 -4.73 12.12
C LEU A 38 -10.09 -6.00 12.55
N PRO A 39 -10.64 -5.96 13.79
CA PRO A 39 -11.37 -7.10 14.34
C PRO A 39 -12.75 -7.23 13.70
N LYS A 40 -13.62 -6.29 14.07
CA LYS A 40 -14.97 -6.29 13.55
C LYS A 40 -14.94 -6.65 12.07
N VAL A 41 -13.98 -6.07 11.36
CA VAL A 41 -13.84 -6.33 9.94
C VAL A 41 -13.70 -7.83 9.71
N LEU A 42 -14.73 -8.40 9.12
CA LEU A 42 -14.74 -9.84 8.84
C LEU A 42 -13.91 -10.11 7.58
N GLU A 43 -14.01 -9.17 6.64
CA GLU A 43 -13.27 -9.29 5.39
C GLU A 43 -12.66 -7.94 5.00
N VAL A 44 -11.54 -8.02 4.30
CA VAL A 44 -10.84 -6.83 3.87
C VAL A 44 -10.70 -6.85 2.34
N GLU A 45 -11.24 -5.81 1.71
CA GLU A 45 -11.19 -5.70 0.27
C GLU A 45 -10.44 -4.43 -0.14
N ASP A 46 -10.41 -4.19 -1.44
CA ASP A 46 -9.73 -3.02 -1.97
C ASP A 46 -10.52 -1.76 -1.60
N SER A 47 -11.83 -1.93 -1.49
CA SER A 47 -12.70 -0.83 -1.14
C SER A 47 -12.56 -0.50 0.35
N THR A 48 -12.41 -1.55 1.14
CA THR A 48 -12.27 -1.39 2.59
C THR A 48 -11.31 -0.23 2.89
N ASP A 49 -11.78 0.67 3.74
CA ASP A 49 -10.98 1.82 4.14
C ASP A 49 -10.35 1.56 5.50
N PHE A 50 -9.02 1.55 5.52
CA PHE A 50 -8.28 1.32 6.74
C PHE A 50 -8.82 2.18 7.87
N PHE A 51 -9.46 3.28 7.49
CA PHE A 51 -10.03 4.20 8.47
C PHE A 51 -11.48 3.83 8.80
N LYS A 52 -12.34 4.02 7.80
CA LYS A 52 -13.75 3.71 7.98
C LYS A 52 -13.89 2.44 8.83
N SER A 53 -13.04 1.47 8.53
CA SER A 53 -13.06 0.21 9.27
C SER A 53 -13.12 0.48 10.77
N GLY A 54 -12.18 1.30 11.23
CA GLY A 54 -12.13 1.65 12.64
C GLY A 54 -10.69 1.57 13.16
N ALA A 55 -9.77 2.07 12.34
CA ALA A 55 -8.36 2.07 12.71
C ALA A 55 -7.97 3.43 13.27
N ALA A 56 -7.22 3.40 14.36
CA ALA A 56 -6.77 4.62 15.00
C ALA A 56 -5.40 5.01 14.46
N SER A 57 -5.00 6.24 14.77
CA SER A 57 -3.71 6.74 14.32
C SER A 57 -2.60 5.80 14.76
N VAL A 58 -2.94 4.92 15.69
CA VAL A 58 -1.99 3.95 16.21
C VAL A 58 -1.78 2.84 15.17
N ASP A 59 -2.88 2.18 14.83
CA ASP A 59 -2.83 1.10 13.86
C ASP A 59 -2.03 1.56 12.64
N VAL A 60 -2.13 2.85 12.35
CA VAL A 60 -1.43 3.42 11.21
C VAL A 60 0.04 3.00 11.27
N VAL A 61 0.61 3.12 12.46
CA VAL A 61 2.00 2.76 12.66
C VAL A 61 2.14 1.23 12.65
N ARG A 62 1.13 0.57 13.21
CA ARG A 62 1.12 -0.88 13.27
C ARG A 62 1.18 -1.46 11.86
N LEU A 63 0.20 -1.07 11.06
CA LEU A 63 0.11 -1.55 9.68
C LEU A 63 1.46 -1.32 8.98
N VAL A 64 1.89 -0.08 9.00
CA VAL A 64 3.16 0.29 8.38
C VAL A 64 4.28 -0.57 8.97
N GLU A 65 4.28 -0.65 10.29
CA GLU A 65 5.28 -1.43 10.99
C GLU A 65 5.21 -2.90 10.57
N GLU A 66 3.99 -3.38 10.41
CA GLU A 66 3.77 -4.75 10.00
C GLU A 66 4.32 -4.99 8.59
N VAL A 67 3.85 -4.17 7.66
CA VAL A 67 4.29 -4.27 6.27
C VAL A 67 5.80 -4.08 6.21
N LYS A 68 6.33 -3.47 7.25
CA LYS A 68 7.76 -3.22 7.33
C LYS A 68 8.50 -4.56 7.41
N GLU A 69 7.98 -5.45 8.24
CA GLU A 69 8.58 -6.75 8.42
C GLU A 69 8.40 -7.60 7.15
N LEU A 70 7.39 -7.23 6.37
CA LEU A 70 7.11 -7.94 5.13
C LEU A 70 8.26 -7.72 4.15
N CYS A 71 8.63 -6.47 3.98
CA CYS A 71 9.71 -6.11 3.08
C CYS A 71 11.00 -5.99 3.90
N ASP A 72 10.86 -6.19 5.20
CA ASP A 72 12.00 -6.11 6.10
C ASP A 72 12.55 -4.68 6.07
N GLY A 73 11.79 -3.76 6.64
CA GLY A 73 12.19 -2.37 6.69
C GLY A 73 11.64 -1.60 5.49
N LEU A 74 10.38 -1.89 5.16
CA LEU A 74 9.73 -1.24 4.05
C LEU A 74 9.76 0.28 4.26
N GLU A 75 10.18 0.97 3.21
CA GLU A 75 10.26 2.42 3.27
C GLU A 75 8.86 3.04 3.29
N LEU A 76 8.10 2.66 4.30
CA LEU A 76 6.75 3.16 4.45
C LEU A 76 6.72 4.23 5.54
N GLU A 77 5.70 5.07 5.48
CA GLU A 77 5.55 6.14 6.45
C GLU A 77 4.06 6.37 6.77
N ASN A 78 3.80 6.80 8.00
CA ASN A 78 2.44 7.06 8.43
C ASN A 78 1.71 7.83 7.34
N GLU A 79 2.46 8.64 6.61
CA GLU A 79 1.90 9.45 5.54
C GLU A 79 1.28 8.54 4.48
N ASP A 80 2.01 7.49 4.14
CA ASP A 80 1.56 6.54 3.13
C ASP A 80 0.11 6.16 3.43
N VAL A 81 -0.13 5.83 4.70
CA VAL A 81 -1.47 5.43 5.13
C VAL A 81 -2.44 6.59 4.89
N TYR A 82 -2.05 7.75 5.40
CA TYR A 82 -2.87 8.94 5.26
C TYR A 82 -3.18 9.22 3.78
N MET A 83 -2.27 8.79 2.93
CA MET A 83 -2.43 8.98 1.50
C MET A 83 -3.28 7.87 0.89
N ALA A 84 -3.03 6.65 1.35
CA ALA A 84 -3.77 5.49 0.86
C ALA A 84 -4.48 4.81 2.03
N SER A 85 -5.73 5.20 2.24
CA SER A 85 -6.52 4.63 3.32
C SER A 85 -7.03 3.24 2.93
N THR A 86 -7.73 3.20 1.80
CA THR A 86 -8.27 1.96 1.29
C THR A 86 -7.15 1.00 0.89
N PHE A 87 -7.40 -0.28 1.08
CA PHE A 87 -6.43 -1.30 0.76
C PHE A 87 -6.01 -1.19 -0.72
N GLY A 88 -7.01 -1.19 -1.58
CA GLY A 88 -6.75 -1.10 -3.01
C GLY A 88 -5.66 -0.07 -3.30
N ASP A 89 -5.91 1.15 -2.85
CA ASP A 89 -4.98 2.24 -3.07
C ASP A 89 -3.63 1.87 -2.43
N PHE A 90 -3.69 1.58 -1.14
CA PHE A 90 -2.49 1.20 -0.41
C PHE A 90 -1.64 0.22 -1.20
N ILE A 91 -2.25 -0.92 -1.50
CA ILE A 91 -1.56 -1.96 -2.26
C ILE A 91 -0.72 -1.32 -3.36
N GLN A 92 -1.41 -0.60 -4.23
CA GLN A 92 -0.75 0.08 -5.34
C GLN A 92 0.49 0.82 -4.84
N LEU A 93 0.33 1.50 -3.71
CA LEU A 93 1.43 2.25 -3.12
C LEU A 93 2.49 1.27 -2.61
N LEU A 94 2.02 0.25 -1.92
CA LEU A 94 2.91 -0.76 -1.37
C LEU A 94 3.69 -1.42 -2.51
N VAL A 95 2.95 -2.00 -3.43
CA VAL A 95 3.55 -2.67 -4.57
C VAL A 95 4.62 -1.77 -5.17
N ARG A 96 4.30 -0.49 -5.25
CA ARG A 96 5.23 0.49 -5.81
C ARG A 96 6.52 0.50 -4.99
N LYS A 97 6.35 0.55 -3.68
CA LYS A 97 7.50 0.57 -2.78
C LYS A 97 8.23 -0.78 -2.86
N LEU A 98 7.44 -1.83 -3.01
CA LEU A 98 7.99 -3.17 -3.09
C LEU A 98 8.79 -3.30 -4.40
N ARG A 99 8.14 -2.92 -5.49
CA ARG A 99 8.77 -2.99 -6.80
C ARG A 99 10.08 -2.21 -6.80
N GLY A 100 10.01 -1.00 -6.27
CA GLY A 100 11.19 -0.15 -6.20
C GLY A 100 11.69 -0.01 -4.75
N ASP A 101 12.12 1.20 -4.42
CA ASP A 101 12.61 1.48 -3.09
C ASP A 101 13.15 2.91 -3.03
N ASP A 102 12.41 3.81 -3.67
CA ASP A 102 12.81 5.21 -3.70
C ASP A 102 11.79 6.03 -2.92
N GLU A 103 12.25 6.61 -1.82
CA GLU A 103 11.39 7.43 -0.99
C GLU A 103 11.12 8.79 -1.65
N GLU A 104 9.85 9.06 -1.87
CA GLU A 104 9.44 10.30 -2.50
C GLU A 104 9.97 10.36 -3.94
N SER A 105 9.43 11.32 -4.68
CA SER A 105 9.82 11.49 -6.08
C SER A 105 9.67 12.96 -6.48
N GLY A 106 10.67 13.75 -6.09
CA GLY A 106 10.66 15.17 -6.41
C GLY A 106 11.99 15.82 -6.03
N PRO A 107 13.04 15.48 -6.84
CA PRO A 107 14.37 16.02 -6.60
C PRO A 107 14.45 17.48 -7.06
N SER A 108 13.57 18.30 -6.49
CA SER A 108 13.54 19.71 -6.83
C SER A 108 14.56 20.48 -6.00
N SER A 109 15.25 21.40 -6.66
CA SER A 109 16.26 22.20 -5.99
C SER A 109 15.73 22.67 -4.63
N GLY A 110 16.34 22.12 -3.59
CA GLY A 110 15.94 22.48 -2.23
C GLY A 110 17.04 23.28 -1.53
N GLY A 1 -0.50 23.61 -28.26
CA GLY A 1 -1.71 24.38 -28.08
C GLY A 1 -2.18 24.31 -26.62
N SER A 2 -1.99 25.41 -25.91
CA SER A 2 -2.39 25.49 -24.51
C SER A 2 -1.57 24.50 -23.69
N SER A 3 -1.25 24.92 -22.47
CA SER A 3 -0.48 24.08 -21.56
C SER A 3 -0.96 24.28 -20.12
N GLY A 4 -0.88 25.53 -19.68
CA GLY A 4 -1.30 25.87 -18.34
C GLY A 4 -0.13 25.78 -17.35
N SER A 5 -0.43 25.27 -16.16
CA SER A 5 0.59 25.12 -15.14
C SER A 5 1.30 23.77 -15.29
N SER A 6 2.47 23.82 -15.90
CA SER A 6 3.26 22.62 -16.12
C SER A 6 4.64 22.78 -15.48
N GLY A 7 4.99 21.80 -14.65
CA GLY A 7 6.26 21.81 -13.97
C GLY A 7 6.76 20.39 -13.70
N PHE A 8 7.88 20.31 -12.99
CA PHE A 8 8.46 19.03 -12.66
C PHE A 8 8.27 18.71 -11.18
N PHE A 9 7.97 17.44 -10.91
CA PHE A 9 7.75 16.99 -9.54
C PHE A 9 6.79 17.92 -8.81
N LYS A 10 5.54 17.47 -8.73
CA LYS A 10 4.51 18.25 -8.06
C LYS A 10 3.38 17.31 -7.64
N GLY A 11 2.73 16.72 -8.64
CA GLY A 11 1.63 15.81 -8.39
C GLY A 11 0.91 15.45 -9.68
N ALA A 12 -0.40 15.59 -9.65
CA ALA A 12 -1.22 15.30 -10.81
C ALA A 12 -0.78 13.95 -11.41
N ALA A 13 -1.17 12.88 -10.74
CA ALA A 13 -0.82 11.55 -11.20
C ALA A 13 -1.71 10.53 -10.49
N SER A 14 -1.88 9.39 -11.15
CA SER A 14 -2.70 8.32 -10.60
C SER A 14 -2.64 7.09 -11.50
N SER A 15 -1.81 6.14 -11.10
CA SER A 15 -1.65 4.91 -11.86
C SER A 15 -1.81 3.71 -10.94
N VAL A 16 -1.96 2.54 -11.56
CA VAL A 16 -2.13 1.30 -10.82
C VAL A 16 -1.20 0.23 -11.39
N LEU A 17 -0.62 -0.54 -10.50
CA LEU A 17 0.29 -1.61 -10.91
C LEU A 17 -0.46 -2.95 -10.87
N GLU A 18 -0.02 -3.85 -11.73
CA GLU A 18 -0.63 -5.17 -11.80
C GLU A 18 0.08 -6.14 -10.85
N LEU A 19 -0.68 -6.67 -9.92
CA LEU A 19 -0.13 -7.61 -8.95
C LEU A 19 0.31 -8.87 -9.67
N THR A 20 1.15 -9.64 -8.99
CA THR A 20 1.67 -10.88 -9.56
C THR A 20 2.01 -11.87 -8.45
N GLU A 21 2.15 -13.13 -8.83
CA GLU A 21 2.47 -14.18 -7.89
C GLU A 21 3.40 -13.64 -6.80
N ALA A 22 4.29 -12.75 -7.21
CA ALA A 22 5.24 -12.16 -6.28
C ALA A 22 4.50 -11.23 -5.32
N GLU A 23 4.03 -10.12 -5.86
CA GLU A 23 3.30 -9.14 -5.07
C GLU A 23 2.14 -9.82 -4.34
N LEU A 24 1.40 -10.61 -5.09
CA LEU A 24 0.25 -11.32 -4.54
C LEU A 24 0.62 -11.84 -3.15
N VAL A 25 1.74 -12.52 -3.08
CA VAL A 25 2.21 -13.07 -1.82
C VAL A 25 2.20 -11.97 -0.75
N THR A 26 2.67 -10.80 -1.14
CA THR A 26 2.72 -9.66 -0.24
C THR A 26 1.34 -9.04 -0.08
N ALA A 27 0.65 -8.93 -1.21
CA ALA A 27 -0.69 -8.35 -1.21
C ALA A 27 -1.62 -9.23 -0.37
N GLU A 28 -1.24 -10.49 -0.24
CA GLU A 28 -2.03 -11.44 0.53
C GLU A 28 -1.61 -11.38 2.01
N ALA A 29 -0.31 -11.21 2.23
CA ALA A 29 0.22 -11.13 3.58
C ALA A 29 -0.26 -9.84 4.23
N VAL A 30 -0.39 -8.80 3.42
CA VAL A 30 -0.83 -7.51 3.90
C VAL A 30 -2.32 -7.58 4.25
N ARG A 31 -3.06 -8.24 3.38
CA ARG A 31 -4.49 -8.39 3.57
C ARG A 31 -4.79 -8.99 4.94
N SER A 32 -3.88 -9.86 5.37
CA SER A 32 -4.03 -10.52 6.67
C SER A 32 -3.72 -9.53 7.78
N VAL A 33 -2.86 -8.58 7.47
CA VAL A 33 -2.47 -7.57 8.44
C VAL A 33 -3.68 -6.70 8.79
N TRP A 34 -4.37 -6.27 7.74
CA TRP A 34 -5.55 -5.44 7.91
C TRP A 34 -6.56 -6.22 8.76
N GLN A 35 -6.96 -7.36 8.25
CA GLN A 35 -7.92 -8.20 8.94
C GLN A 35 -7.48 -8.41 10.40
N ARG A 36 -6.28 -8.96 10.55
CA ARG A 36 -5.74 -9.21 11.88
C ARG A 36 -5.93 -7.98 12.77
N ILE A 37 -5.56 -6.84 12.23
CA ILE A 37 -5.68 -5.59 12.97
C ILE A 37 -7.16 -5.26 13.17
N LEU A 38 -7.80 -4.87 12.08
CA LEU A 38 -9.21 -4.52 12.12
C LEU A 38 -10.02 -5.75 12.53
N PRO A 39 -10.58 -5.69 13.77
CA PRO A 39 -11.37 -6.79 14.29
C PRO A 39 -12.75 -6.84 13.63
N LYS A 40 -13.57 -5.86 13.97
CA LYS A 40 -14.91 -5.77 13.42
C LYS A 40 -14.87 -6.18 11.94
N VAL A 41 -13.87 -5.67 11.25
CA VAL A 41 -13.71 -5.98 9.84
C VAL A 41 -13.74 -7.48 9.63
N LEU A 42 -14.80 -7.95 9.00
CA LEU A 42 -14.96 -9.37 8.73
C LEU A 42 -14.21 -9.73 7.45
N GLU A 43 -14.06 -8.74 6.58
CA GLU A 43 -13.37 -8.95 5.32
C GLU A 43 -12.73 -7.64 4.85
N VAL A 44 -11.65 -7.78 4.10
CA VAL A 44 -10.93 -6.63 3.59
C VAL A 44 -11.04 -6.60 2.06
N GLU A 45 -11.78 -5.62 1.57
CA GLU A 45 -11.99 -5.48 0.14
C GLU A 45 -11.00 -4.45 -0.42
N ASP A 46 -11.17 -4.16 -1.70
CA ASP A 46 -10.30 -3.20 -2.38
C ASP A 46 -10.76 -1.79 -2.03
N SER A 47 -12.00 -1.69 -1.59
CA SER A 47 -12.57 -0.40 -1.22
C SER A 47 -12.74 -0.32 0.30
N THR A 48 -11.93 -1.09 0.99
CA THR A 48 -11.99 -1.13 2.45
C THR A 48 -11.02 -0.09 3.03
N ASP A 49 -11.59 1.02 3.48
CA ASP A 49 -10.80 2.10 4.06
C ASP A 49 -10.17 1.60 5.37
N PHE A 50 -8.85 1.62 5.41
CA PHE A 50 -8.14 1.19 6.59
C PHE A 50 -8.55 2.01 7.82
N PHE A 51 -9.17 3.14 7.55
CA PHE A 51 -9.63 4.02 8.62
C PHE A 51 -11.08 3.73 8.99
N LYS A 52 -11.96 4.02 8.05
CA LYS A 52 -13.39 3.80 8.25
C LYS A 52 -13.59 2.47 9.00
N SER A 53 -12.81 1.49 8.59
CA SER A 53 -12.88 0.17 9.20
C SER A 53 -12.94 0.31 10.73
N GLY A 54 -11.79 0.67 11.31
CA GLY A 54 -11.71 0.83 12.74
C GLY A 54 -10.24 0.88 13.19
N ALA A 55 -9.44 1.59 12.41
CA ALA A 55 -8.02 1.73 12.71
C ALA A 55 -7.80 3.03 13.49
N ALA A 56 -6.96 2.94 14.51
CA ALA A 56 -6.65 4.10 15.33
C ALA A 56 -5.40 4.78 14.80
N SER A 57 -4.79 5.61 15.64
CA SER A 57 -3.59 6.32 15.27
C SER A 57 -2.37 5.42 15.46
N VAL A 58 -2.58 4.33 16.18
CA VAL A 58 -1.51 3.39 16.44
C VAL A 58 -1.46 2.35 15.31
N ASP A 59 -2.65 1.99 14.85
CA ASP A 59 -2.76 1.01 13.78
C ASP A 59 -1.95 1.49 12.56
N VAL A 60 -2.00 2.80 12.34
CA VAL A 60 -1.29 3.40 11.23
C VAL A 60 0.18 2.93 11.26
N VAL A 61 0.79 3.12 12.42
CA VAL A 61 2.19 2.72 12.60
C VAL A 61 2.28 1.19 12.56
N ARG A 62 1.26 0.55 13.11
CA ARG A 62 1.24 -0.91 13.14
C ARG A 62 1.24 -1.47 11.72
N LEU A 63 0.21 -1.08 10.96
CA LEU A 63 0.09 -1.54 9.59
C LEU A 63 1.40 -1.29 8.85
N VAL A 64 1.91 -0.07 9.02
CA VAL A 64 3.16 0.31 8.38
C VAL A 64 4.30 -0.57 8.89
N GLU A 65 4.32 -0.72 10.22
CA GLU A 65 5.35 -1.52 10.85
C GLU A 65 5.25 -2.99 10.39
N GLU A 66 4.01 -3.47 10.35
CA GLU A 66 3.77 -4.84 9.92
C GLU A 66 4.21 -5.04 8.47
N VAL A 67 3.68 -4.19 7.60
CA VAL A 67 4.02 -4.26 6.19
C VAL A 67 5.53 -4.11 6.03
N LYS A 68 6.15 -3.51 7.03
CA LYS A 68 7.59 -3.31 7.01
C LYS A 68 8.29 -4.67 7.09
N GLU A 69 7.80 -5.51 7.99
CA GLU A 69 8.37 -6.83 8.17
C GLU A 69 8.04 -7.72 6.97
N LEU A 70 7.11 -7.24 6.16
CA LEU A 70 6.70 -7.98 4.99
C LEU A 70 7.75 -7.83 3.88
N CYS A 71 8.19 -6.59 3.70
CA CYS A 71 9.19 -6.30 2.70
C CYS A 71 10.52 -5.98 3.41
N ASP A 72 10.55 -6.32 4.68
CA ASP A 72 11.74 -6.08 5.49
C ASP A 72 12.02 -4.58 5.55
N GLY A 73 11.52 -3.96 6.61
CA GLY A 73 11.70 -2.53 6.79
C GLY A 73 11.30 -1.75 5.54
N LEU A 74 10.15 -2.14 4.99
CA LEU A 74 9.63 -1.49 3.79
C LEU A 74 9.72 0.03 3.97
N GLU A 75 9.78 0.71 2.83
CA GLU A 75 9.87 2.16 2.84
C GLU A 75 8.47 2.78 2.91
N LEU A 76 7.78 2.46 3.99
CA LEU A 76 6.43 2.98 4.20
C LEU A 76 6.47 4.04 5.30
N GLU A 77 5.47 4.91 5.26
CA GLU A 77 5.37 5.98 6.24
C GLU A 77 3.90 6.28 6.55
N ASN A 78 3.67 6.78 7.75
CA ASN A 78 2.32 7.11 8.20
C ASN A 78 1.59 7.85 7.07
N GLU A 79 2.36 8.64 6.33
CA GLU A 79 1.79 9.41 5.23
C GLU A 79 1.12 8.47 4.23
N ASP A 80 1.84 7.41 3.87
CA ASP A 80 1.33 6.45 2.92
C ASP A 80 -0.08 6.04 3.34
N VAL A 81 -0.22 5.72 4.61
CA VAL A 81 -1.52 5.31 5.14
C VAL A 81 -2.52 6.47 4.98
N TYR A 82 -2.09 7.64 5.43
CA TYR A 82 -2.94 8.82 5.35
C TYR A 82 -3.24 9.17 3.89
N MET A 83 -2.48 8.56 2.99
CA MET A 83 -2.66 8.79 1.57
C MET A 83 -3.51 7.69 0.94
N ALA A 84 -3.20 6.46 1.30
CA ALA A 84 -3.92 5.31 0.79
C ALA A 84 -4.63 4.59 1.93
N SER A 85 -5.79 5.13 2.31
CA SER A 85 -6.56 4.55 3.39
C SER A 85 -7.07 3.16 2.99
N THR A 86 -7.74 3.13 1.84
CA THR A 86 -8.28 1.89 1.33
C THR A 86 -7.16 0.94 0.90
N PHE A 87 -7.42 -0.35 1.03
CA PHE A 87 -6.43 -1.35 0.66
C PHE A 87 -6.04 -1.23 -0.81
N GLY A 88 -7.05 -1.31 -1.67
CA GLY A 88 -6.82 -1.21 -3.10
C GLY A 88 -5.80 -0.12 -3.42
N ASP A 89 -6.08 1.08 -2.92
CA ASP A 89 -5.20 2.21 -3.14
C ASP A 89 -3.83 1.92 -2.49
N PHE A 90 -3.90 1.47 -1.24
CA PHE A 90 -2.69 1.15 -0.50
C PHE A 90 -1.82 0.16 -1.27
N ILE A 91 -2.40 -0.99 -1.58
CA ILE A 91 -1.69 -2.02 -2.31
C ILE A 91 -0.86 -1.37 -3.43
N GLN A 92 -1.55 -0.60 -4.25
CA GLN A 92 -0.90 0.08 -5.37
C GLN A 92 0.37 0.79 -4.88
N LEU A 93 0.20 1.56 -3.81
CA LEU A 93 1.31 2.30 -3.25
C LEU A 93 2.37 1.31 -2.73
N LEU A 94 1.89 0.36 -1.95
CA LEU A 94 2.77 -0.66 -1.39
C LEU A 94 3.59 -1.30 -2.52
N VAL A 95 2.88 -1.97 -3.41
CA VAL A 95 3.51 -2.63 -4.54
C VAL A 95 4.60 -1.71 -5.11
N ARG A 96 4.18 -0.49 -5.42
CA ARG A 96 5.11 0.48 -5.97
C ARG A 96 6.39 0.54 -5.15
N LYS A 97 6.22 0.51 -3.84
CA LYS A 97 7.35 0.56 -2.94
C LYS A 97 8.13 -0.75 -3.04
N LEU A 98 7.39 -1.85 -3.12
CA LEU A 98 8.00 -3.16 -3.23
C LEU A 98 8.96 -3.18 -4.42
N ARG A 99 8.40 -2.91 -5.60
CA ARG A 99 9.19 -2.90 -6.81
C ARG A 99 10.41 -1.98 -6.65
N GLY A 100 10.14 -0.81 -6.09
CA GLY A 100 11.19 0.17 -5.87
C GLY A 100 10.91 1.46 -6.65
N ASP A 101 11.20 2.58 -6.00
CA ASP A 101 10.98 3.88 -6.62
C ASP A 101 11.39 4.98 -5.64
N ASP A 102 12.52 4.74 -4.97
CA ASP A 102 13.03 5.70 -4.01
C ASP A 102 14.46 6.09 -4.38
N GLU A 103 14.94 7.15 -3.75
CA GLU A 103 16.29 7.63 -4.00
C GLU A 103 17.29 6.93 -3.08
N GLU A 104 18.49 6.72 -3.61
CA GLU A 104 19.54 6.07 -2.84
C GLU A 104 20.78 5.87 -3.70
N SER A 105 20.54 5.58 -4.98
CA SER A 105 21.63 5.37 -5.92
C SER A 105 22.56 4.28 -5.39
N GLY A 106 22.15 3.04 -5.61
CA GLY A 106 22.94 1.89 -5.18
C GLY A 106 22.06 0.65 -5.00
N PRO A 107 22.68 -0.41 -4.43
CA PRO A 107 21.97 -1.65 -4.20
C PRO A 107 21.02 -1.53 -3.00
N SER A 108 19.83 -2.07 -3.17
CA SER A 108 18.83 -2.02 -2.11
C SER A 108 18.02 -3.32 -2.11
N SER A 109 17.32 -3.55 -3.21
CA SER A 109 16.51 -4.74 -3.35
C SER A 109 17.32 -5.98 -2.97
N GLY A 110 16.66 -6.91 -2.29
CA GLY A 110 17.31 -8.14 -1.87
C GLY A 110 16.29 -9.15 -1.34
N GLY A 1 8.33 -14.29 -25.45
CA GLY A 1 7.15 -13.51 -25.10
C GLY A 1 7.11 -12.20 -25.88
N SER A 2 5.91 -11.68 -26.05
CA SER A 2 5.72 -10.43 -26.77
C SER A 2 4.50 -9.68 -26.21
N SER A 3 4.74 -8.93 -25.15
CA SER A 3 3.68 -8.16 -24.52
C SER A 3 4.28 -7.02 -23.70
N GLY A 4 5.11 -7.40 -22.75
CA GLY A 4 5.75 -6.41 -21.88
C GLY A 4 4.72 -5.52 -21.21
N SER A 5 5.17 -4.34 -20.82
CA SER A 5 4.30 -3.38 -20.16
C SER A 5 4.92 -1.99 -20.20
N SER A 6 4.32 -1.13 -21.02
CA SER A 6 4.81 0.23 -21.16
C SER A 6 3.75 1.09 -21.86
N GLY A 7 3.49 2.24 -21.27
CA GLY A 7 2.51 3.16 -21.82
C GLY A 7 1.65 3.79 -20.71
N PHE A 8 0.82 2.95 -20.12
CA PHE A 8 -0.06 3.40 -19.04
C PHE A 8 -0.88 4.61 -19.49
N PHE A 9 -1.64 4.41 -20.55
CA PHE A 9 -2.48 5.47 -21.09
C PHE A 9 -1.78 6.82 -21.00
N LYS A 10 -0.61 6.89 -21.61
CA LYS A 10 0.17 8.12 -21.60
C LYS A 10 0.56 8.46 -20.16
N GLY A 11 1.83 8.79 -19.99
CA GLY A 11 2.34 9.14 -18.67
C GLY A 11 1.72 8.26 -17.59
N ALA A 12 1.18 8.91 -16.57
CA ALA A 12 0.56 8.20 -15.47
C ALA A 12 -0.12 9.20 -14.54
N ALA A 13 -1.31 8.82 -14.08
CA ALA A 13 -2.07 9.68 -13.18
C ALA A 13 -3.15 8.85 -12.49
N SER A 14 -4.05 8.30 -13.30
CA SER A 14 -5.13 7.48 -12.78
C SER A 14 -5.05 6.08 -13.36
N SER A 15 -4.16 5.28 -12.80
CA SER A 15 -3.98 3.92 -13.25
C SER A 15 -3.72 3.00 -12.05
N VAL A 16 -3.74 1.70 -12.33
CA VAL A 16 -3.53 0.70 -11.29
C VAL A 16 -2.48 -0.29 -11.76
N LEU A 17 -1.57 -0.63 -10.85
CA LEU A 17 -0.51 -1.58 -11.16
C LEU A 17 -1.07 -3.00 -11.10
N GLU A 18 -0.40 -3.90 -11.80
CA GLU A 18 -0.82 -5.29 -11.83
C GLU A 18 0.10 -6.14 -10.95
N LEU A 19 -0.53 -6.85 -10.02
CA LEU A 19 0.21 -7.70 -9.10
C LEU A 19 0.90 -8.81 -9.89
N THR A 20 1.64 -9.65 -9.17
CA THR A 20 2.34 -10.76 -9.79
C THR A 20 2.30 -11.99 -8.89
N GLU A 21 2.50 -13.14 -9.50
CA GLU A 21 2.48 -14.40 -8.77
C GLU A 21 3.18 -14.24 -7.43
N ALA A 22 4.13 -13.31 -7.39
CA ALA A 22 4.87 -13.05 -6.17
C ALA A 22 4.16 -11.96 -5.37
N GLU A 23 4.05 -10.79 -5.97
CA GLU A 23 3.41 -9.66 -5.33
C GLU A 23 2.05 -10.09 -4.77
N LEU A 24 1.31 -10.82 -5.58
CA LEU A 24 0.00 -11.30 -5.17
C LEU A 24 0.09 -11.93 -3.79
N VAL A 25 1.19 -12.65 -3.57
CA VAL A 25 1.42 -13.31 -2.29
C VAL A 25 1.76 -12.26 -1.24
N THR A 26 2.43 -11.21 -1.69
CA THR A 26 2.83 -10.13 -0.80
C THR A 26 1.61 -9.29 -0.40
N ALA A 27 0.79 -8.99 -1.41
CA ALA A 27 -0.41 -8.19 -1.19
C ALA A 27 -1.30 -8.92 -0.19
N GLU A 28 -1.54 -10.19 -0.46
CA GLU A 28 -2.38 -11.00 0.40
C GLU A 28 -1.86 -10.97 1.83
N ALA A 29 -0.54 -10.91 1.95
CA ALA A 29 0.09 -10.88 3.26
C ALA A 29 -0.29 -9.57 3.98
N VAL A 30 -0.45 -8.52 3.17
CA VAL A 30 -0.80 -7.22 3.71
C VAL A 30 -2.28 -7.25 4.15
N ARG A 31 -3.10 -7.86 3.31
CA ARG A 31 -4.52 -7.97 3.61
C ARG A 31 -4.74 -8.60 4.98
N SER A 32 -3.91 -9.60 5.26
CA SER A 32 -4.01 -10.29 6.54
C SER A 32 -3.72 -9.33 7.69
N VAL A 33 -2.87 -8.36 7.41
CA VAL A 33 -2.51 -7.37 8.41
C VAL A 33 -3.76 -6.57 8.80
N TRP A 34 -4.49 -6.14 7.78
CA TRP A 34 -5.70 -5.37 8.00
C TRP A 34 -6.68 -6.24 8.80
N GLN A 35 -7.00 -7.39 8.23
CA GLN A 35 -7.92 -8.31 8.87
C GLN A 35 -7.50 -8.55 10.32
N ARG A 36 -6.26 -8.99 10.49
CA ARG A 36 -5.72 -9.25 11.81
C ARG A 36 -5.94 -8.04 12.73
N ILE A 37 -5.64 -6.87 12.19
CA ILE A 37 -5.80 -5.64 12.94
C ILE A 37 -7.29 -5.36 13.14
N LEU A 38 -7.94 -4.98 12.06
CA LEU A 38 -9.37 -4.68 12.11
C LEU A 38 -10.12 -5.91 12.61
N PRO A 39 -10.65 -5.79 13.86
CA PRO A 39 -11.40 -6.89 14.46
C PRO A 39 -12.80 -7.01 13.83
N LYS A 40 -13.63 -6.04 14.16
CA LYS A 40 -14.99 -6.01 13.64
C LYS A 40 -14.98 -6.46 12.17
N VAL A 41 -14.00 -5.95 11.44
CA VAL A 41 -13.87 -6.29 10.03
C VAL A 41 -13.70 -7.79 9.89
N LEU A 42 -14.69 -8.41 9.25
CA LEU A 42 -14.67 -9.85 9.04
C LEU A 42 -13.95 -10.15 7.73
N GLU A 43 -14.00 -9.19 6.82
CA GLU A 43 -13.36 -9.34 5.53
C GLU A 43 -12.82 -7.99 5.04
N VAL A 44 -11.65 -8.04 4.42
CA VAL A 44 -11.01 -6.84 3.91
C VAL A 44 -10.96 -6.92 2.37
N GLU A 45 -11.32 -5.82 1.74
CA GLU A 45 -11.31 -5.75 0.29
C GLU A 45 -10.47 -4.55 -0.18
N ASP A 46 -10.42 -4.39 -1.49
CA ASP A 46 -9.67 -3.29 -2.08
C ASP A 46 -10.53 -2.03 -2.09
N SER A 47 -11.71 -2.15 -1.48
CA SER A 47 -12.63 -1.03 -1.41
C SER A 47 -12.76 -0.55 0.04
N THR A 48 -12.33 -1.41 0.95
CA THR A 48 -12.38 -1.09 2.37
C THR A 48 -11.41 0.04 2.70
N ASP A 49 -11.70 0.74 3.80
CA ASP A 49 -10.87 1.84 4.23
C ASP A 49 -10.24 1.50 5.58
N PHE A 50 -8.91 1.57 5.61
CA PHE A 50 -8.18 1.28 6.83
C PHE A 50 -8.66 2.15 7.99
N PHE A 51 -9.30 3.25 7.64
CA PHE A 51 -9.82 4.17 8.63
C PHE A 51 -11.28 3.85 8.96
N LYS A 52 -12.14 4.08 7.98
CA LYS A 52 -13.56 3.82 8.15
C LYS A 52 -13.74 2.51 8.91
N SER A 53 -12.90 1.54 8.59
CA SER A 53 -12.96 0.24 9.24
C SER A 53 -13.03 0.42 10.76
N GLY A 54 -12.10 1.20 11.27
CA GLY A 54 -12.04 1.46 12.70
C GLY A 54 -10.60 1.39 13.21
N ALA A 55 -9.69 1.96 12.44
CA ALA A 55 -8.29 1.97 12.80
C ALA A 55 -7.91 3.34 13.35
N ALA A 56 -7.17 3.32 14.44
CA ALA A 56 -6.73 4.56 15.08
C ALA A 56 -5.36 4.95 14.53
N SER A 57 -4.98 6.19 14.81
CA SER A 57 -3.70 6.70 14.34
C SER A 57 -2.58 5.77 14.78
N VAL A 58 -2.90 4.90 15.72
CA VAL A 58 -1.93 3.95 16.23
C VAL A 58 -1.72 2.84 15.21
N ASP A 59 -2.81 2.16 14.89
CA ASP A 59 -2.76 1.08 13.93
C ASP A 59 -1.99 1.53 12.68
N VAL A 60 -2.13 2.81 12.38
CA VAL A 60 -1.46 3.39 11.23
C VAL A 60 0.02 2.98 11.26
N VAL A 61 0.61 3.11 12.43
CA VAL A 61 2.01 2.76 12.62
C VAL A 61 2.16 1.24 12.61
N ARG A 62 1.18 0.58 13.19
CA ARG A 62 1.18 -0.87 13.25
C ARG A 62 1.20 -1.47 11.84
N LEU A 63 0.27 -1.01 11.02
CA LEU A 63 0.16 -1.48 9.66
C LEU A 63 1.50 -1.25 8.94
N VAL A 64 1.99 -0.02 9.03
CA VAL A 64 3.24 0.35 8.42
C VAL A 64 4.36 -0.53 8.98
N GLU A 65 4.29 -0.73 10.29
CA GLU A 65 5.30 -1.54 10.96
C GLU A 65 5.18 -3.01 10.53
N GLU A 66 3.94 -3.44 10.36
CA GLU A 66 3.67 -4.82 9.95
C GLU A 66 4.21 -5.06 8.55
N VAL A 67 3.78 -4.21 7.62
CA VAL A 67 4.21 -4.33 6.24
C VAL A 67 5.73 -4.19 6.17
N LYS A 68 6.28 -3.56 7.20
CA LYS A 68 7.71 -3.35 7.27
C LYS A 68 8.42 -4.71 7.34
N GLU A 69 7.85 -5.61 8.13
CA GLU A 69 8.41 -6.94 8.29
C GLU A 69 8.21 -7.75 7.01
N LEU A 70 7.19 -7.37 6.26
CA LEU A 70 6.88 -8.05 5.01
C LEU A 70 8.05 -7.88 4.04
N CYS A 71 8.46 -6.63 3.87
CA CYS A 71 9.57 -6.33 2.97
C CYS A 71 10.85 -6.25 3.80
N ASP A 72 10.68 -6.41 5.11
CA ASP A 72 11.82 -6.35 6.02
C ASP A 72 12.46 -4.97 5.94
N GLY A 73 11.72 -3.98 6.43
CA GLY A 73 12.21 -2.61 6.43
C GLY A 73 11.63 -1.83 5.24
N LEU A 74 10.36 -2.07 4.98
CA LEU A 74 9.68 -1.40 3.88
C LEU A 74 9.76 0.12 4.08
N GLU A 75 10.02 0.82 2.99
CA GLU A 75 10.12 2.26 3.04
C GLU A 75 8.73 2.90 3.11
N LEU A 76 7.98 2.49 4.14
CA LEU A 76 6.64 3.01 4.33
C LEU A 76 6.66 4.04 5.45
N GLU A 77 5.69 4.94 5.40
CA GLU A 77 5.58 5.99 6.40
C GLU A 77 4.11 6.25 6.74
N ASN A 78 3.88 6.61 8.00
CA ASN A 78 2.53 6.89 8.46
C ASN A 78 1.78 7.69 7.39
N GLU A 79 2.53 8.50 6.66
CA GLU A 79 1.94 9.31 5.61
C GLU A 79 1.28 8.43 4.57
N ASP A 80 2.03 7.41 4.14
CA ASP A 80 1.52 6.48 3.13
C ASP A 80 0.09 6.11 3.47
N VAL A 81 -0.11 5.75 4.74
CA VAL A 81 -1.43 5.36 5.20
C VAL A 81 -2.40 6.53 5.02
N TYR A 82 -1.97 7.69 5.47
CA TYR A 82 -2.78 8.89 5.36
C TYR A 82 -3.09 9.22 3.89
N MET A 83 -2.30 8.61 3.01
CA MET A 83 -2.47 8.82 1.59
C MET A 83 -3.38 7.76 0.98
N ALA A 84 -3.10 6.52 1.34
CA ALA A 84 -3.89 5.39 0.84
C ALA A 84 -4.59 4.70 2.02
N SER A 85 -5.73 5.24 2.39
CA SER A 85 -6.50 4.70 3.50
C SER A 85 -7.10 3.36 3.09
N THR A 86 -7.53 3.28 1.83
CA THR A 86 -8.13 2.06 1.32
C THR A 86 -7.03 1.07 0.91
N PHE A 87 -7.29 -0.20 1.18
CA PHE A 87 -6.35 -1.24 0.85
C PHE A 87 -5.99 -1.22 -0.64
N GLY A 88 -7.03 -1.20 -1.46
CA GLY A 88 -6.85 -1.16 -2.91
C GLY A 88 -5.82 -0.10 -3.31
N ASP A 89 -6.07 1.11 -2.83
CA ASP A 89 -5.18 2.22 -3.13
C ASP A 89 -3.82 1.98 -2.46
N PHE A 90 -3.89 1.46 -1.24
CA PHE A 90 -2.68 1.18 -0.48
C PHE A 90 -1.80 0.19 -1.23
N ILE A 91 -2.39 -0.94 -1.59
CA ILE A 91 -1.67 -1.98 -2.30
C ILE A 91 -0.82 -1.34 -3.41
N GLN A 92 -1.50 -0.60 -4.27
CA GLN A 92 -0.82 0.07 -5.37
C GLN A 92 0.42 0.80 -4.86
N LEU A 93 0.22 1.57 -3.80
CA LEU A 93 1.31 2.33 -3.21
C LEU A 93 2.37 1.36 -2.68
N LEU A 94 1.91 0.33 -2.00
CA LEU A 94 2.81 -0.67 -1.45
C LEU A 94 3.60 -1.32 -2.59
N VAL A 95 2.87 -1.92 -3.51
CA VAL A 95 3.48 -2.58 -4.65
C VAL A 95 4.54 -1.65 -5.25
N ARG A 96 4.24 -0.37 -5.24
CA ARG A 96 5.15 0.63 -5.79
C ARG A 96 6.44 0.67 -4.96
N LYS A 97 6.26 0.72 -3.64
CA LYS A 97 7.39 0.77 -2.74
C LYS A 97 8.16 -0.55 -2.81
N LEU A 98 7.40 -1.61 -3.07
CA LEU A 98 7.99 -2.94 -3.17
C LEU A 98 8.81 -3.03 -4.45
N ARG A 99 8.15 -2.71 -5.56
CA ARG A 99 8.80 -2.75 -6.86
C ARG A 99 10.10 -1.94 -6.84
N GLY A 100 9.99 -0.73 -6.30
CA GLY A 100 11.13 0.15 -6.21
C GLY A 100 10.71 1.62 -6.31
N ASP A 101 10.82 2.31 -5.18
CA ASP A 101 10.45 3.71 -5.11
C ASP A 101 11.11 4.35 -3.89
N ASP A 102 11.56 5.58 -4.08
CA ASP A 102 12.21 6.32 -3.01
C ASP A 102 11.53 7.68 -2.85
N GLU A 103 11.39 8.09 -1.59
CA GLU A 103 10.76 9.37 -1.29
C GLU A 103 11.10 9.80 0.14
N GLU A 104 11.16 11.10 0.33
CA GLU A 104 11.48 11.65 1.64
C GLU A 104 10.70 12.95 1.86
N SER A 105 10.36 13.20 3.13
CA SER A 105 9.64 14.39 3.49
C SER A 105 10.41 15.19 4.54
N GLY A 106 10.61 14.56 5.68
CA GLY A 106 11.33 15.18 6.77
C GLY A 106 10.48 15.22 8.04
N PRO A 107 10.75 14.24 8.94
CA PRO A 107 10.01 14.15 10.20
C PRO A 107 10.48 15.23 11.18
N SER A 108 9.75 15.33 12.29
CA SER A 108 10.08 16.32 13.31
C SER A 108 9.21 16.09 14.54
N SER A 109 9.82 16.25 15.70
CA SER A 109 9.11 16.08 16.96
C SER A 109 10.07 16.28 18.13
N GLY A 110 11.12 15.48 18.14
CA GLY A 110 12.12 15.57 19.20
C GLY A 110 12.72 16.97 19.28
N GLY A 1 1.76 6.70 -42.22
CA GLY A 1 2.49 5.48 -42.49
C GLY A 1 1.64 4.24 -42.17
N SER A 2 0.80 3.89 -43.14
CA SER A 2 -0.06 2.73 -42.98
C SER A 2 0.76 1.49 -42.65
N SER A 3 0.10 0.50 -42.08
CA SER A 3 0.77 -0.75 -41.72
C SER A 3 1.80 -0.49 -40.62
N GLY A 4 1.46 -0.89 -39.42
CA GLY A 4 2.34 -0.71 -38.28
C GLY A 4 2.31 0.74 -37.78
N SER A 5 2.15 0.88 -36.47
CA SER A 5 2.09 2.20 -35.86
C SER A 5 3.01 2.24 -34.64
N SER A 6 3.54 3.43 -34.37
CA SER A 6 4.43 3.62 -33.24
C SER A 6 3.65 3.44 -31.93
N GLY A 7 2.62 4.26 -31.78
CA GLY A 7 1.79 4.19 -30.58
C GLY A 7 0.45 4.87 -30.82
N PHE A 8 -0.55 4.39 -30.09
CA PHE A 8 -1.90 4.93 -30.21
C PHE A 8 -2.59 4.97 -28.85
N PHE A 9 -2.60 3.83 -28.19
CA PHE A 9 -3.23 3.72 -26.89
C PHE A 9 -2.27 4.16 -25.78
N LYS A 10 -2.78 4.14 -24.55
CA LYS A 10 -1.99 4.53 -23.40
C LYS A 10 -1.45 5.96 -23.62
N GLY A 11 -2.16 6.92 -23.05
CA GLY A 11 -1.76 8.32 -23.17
C GLY A 11 -2.16 9.10 -21.93
N ALA A 12 -1.51 8.77 -20.82
CA ALA A 12 -1.79 9.45 -19.56
C ALA A 12 -3.21 9.12 -19.12
N ALA A 13 -3.31 8.17 -18.20
CA ALA A 13 -4.61 7.76 -17.68
C ALA A 13 -4.41 6.97 -16.39
N SER A 14 -4.29 7.70 -15.29
CA SER A 14 -4.09 7.07 -14.00
C SER A 14 -2.85 6.18 -14.02
N SER A 15 -2.42 5.78 -12.84
CA SER A 15 -1.24 4.94 -12.71
C SER A 15 -1.50 3.83 -11.69
N VAL A 16 -1.72 2.63 -12.21
CA VAL A 16 -1.98 1.48 -11.37
C VAL A 16 -1.09 0.31 -11.82
N LEU A 17 -0.60 -0.43 -10.84
CA LEU A 17 0.25 -1.57 -11.11
C LEU A 17 -0.58 -2.85 -11.03
N GLU A 18 -0.24 -3.80 -11.89
CA GLU A 18 -0.94 -5.07 -11.93
C GLU A 18 -0.25 -6.09 -11.02
N LEU A 19 -0.99 -6.54 -10.02
CA LEU A 19 -0.46 -7.51 -9.08
C LEU A 19 -0.13 -8.81 -9.81
N THR A 20 0.66 -9.65 -9.16
CA THR A 20 1.05 -10.91 -9.74
C THR A 20 1.37 -11.93 -8.64
N GLU A 21 1.44 -13.19 -9.04
CA GLU A 21 1.74 -14.26 -8.10
C GLU A 21 2.73 -13.78 -7.04
N ALA A 22 3.70 -12.98 -7.50
CA ALA A 22 4.72 -12.45 -6.62
C ALA A 22 4.06 -11.49 -5.62
N GLU A 23 3.68 -10.33 -6.13
CA GLU A 23 3.04 -9.31 -5.32
C GLU A 23 1.86 -9.92 -4.54
N LEU A 24 1.03 -10.65 -5.27
CA LEU A 24 -0.13 -11.29 -4.68
C LEU A 24 0.25 -11.85 -3.30
N VAL A 25 1.32 -12.62 -3.29
CA VAL A 25 1.81 -13.22 -2.05
C VAL A 25 1.93 -12.14 -0.98
N THR A 26 2.45 -10.99 -1.40
CA THR A 26 2.63 -9.88 -0.48
C THR A 26 1.31 -9.16 -0.27
N ALA A 27 0.58 -8.96 -1.36
CA ALA A 27 -0.70 -8.29 -1.30
C ALA A 27 -1.66 -9.09 -0.41
N GLU A 28 -1.40 -10.39 -0.35
CA GLU A 28 -2.22 -11.29 0.46
C GLU A 28 -1.77 -11.24 1.93
N ALA A 29 -0.47 -11.14 2.11
CA ALA A 29 0.10 -11.09 3.44
C ALA A 29 -0.33 -9.79 4.13
N VAL A 30 -0.25 -8.71 3.35
CA VAL A 30 -0.63 -7.40 3.87
C VAL A 30 -2.11 -7.40 4.23
N ARG A 31 -2.90 -8.03 3.37
CA ARG A 31 -4.33 -8.11 3.58
C ARG A 31 -4.63 -8.71 4.96
N SER A 32 -3.84 -9.71 5.32
CA SER A 32 -4.00 -10.37 6.61
C SER A 32 -3.77 -9.36 7.74
N VAL A 33 -2.88 -8.42 7.48
CA VAL A 33 -2.56 -7.41 8.47
C VAL A 33 -3.81 -6.57 8.77
N TRP A 34 -4.43 -6.10 7.70
CA TRP A 34 -5.63 -5.29 7.83
C TRP A 34 -6.67 -6.11 8.60
N GLN A 35 -6.79 -7.37 8.20
CA GLN A 35 -7.74 -8.26 8.84
C GLN A 35 -7.40 -8.44 10.32
N ARG A 36 -6.18 -8.90 10.55
CA ARG A 36 -5.71 -9.11 11.91
C ARG A 36 -5.91 -7.85 12.74
N ILE A 37 -5.56 -6.72 12.14
CA ILE A 37 -5.69 -5.44 12.81
C ILE A 37 -7.17 -5.16 13.09
N LEU A 38 -7.90 -4.88 12.02
CA LEU A 38 -9.32 -4.60 12.13
C LEU A 38 -10.06 -5.87 12.53
N PRO A 39 -10.63 -5.85 13.77
CA PRO A 39 -11.36 -6.98 14.29
C PRO A 39 -12.73 -7.09 13.63
N LYS A 40 -13.59 -6.14 13.96
CA LYS A 40 -14.94 -6.11 13.40
C LYS A 40 -14.89 -6.51 11.93
N VAL A 41 -13.87 -6.00 11.24
CA VAL A 41 -13.69 -6.29 9.84
C VAL A 41 -13.56 -7.81 9.64
N LEU A 42 -14.59 -8.39 9.05
CA LEU A 42 -14.60 -9.82 8.80
C LEU A 42 -13.94 -10.11 7.47
N GLU A 43 -14.10 -9.17 6.55
CA GLU A 43 -13.51 -9.31 5.22
C GLU A 43 -12.89 -7.98 4.77
N VAL A 44 -11.71 -8.10 4.17
CA VAL A 44 -11.01 -6.92 3.69
C VAL A 44 -10.97 -6.94 2.16
N GLU A 45 -11.48 -5.87 1.58
CA GLU A 45 -11.51 -5.74 0.12
C GLU A 45 -10.73 -4.51 -0.33
N ASP A 46 -10.85 -4.21 -1.61
CA ASP A 46 -10.16 -3.06 -2.17
C ASP A 46 -10.93 -1.79 -1.82
N SER A 47 -12.18 -1.98 -1.46
CA SER A 47 -13.04 -0.85 -1.10
C SER A 47 -12.91 -0.57 0.40
N THR A 48 -12.34 -1.52 1.11
CA THR A 48 -12.16 -1.39 2.54
C THR A 48 -11.23 -0.20 2.85
N ASP A 49 -11.65 0.61 3.80
CA ASP A 49 -10.87 1.76 4.20
C ASP A 49 -10.25 1.51 5.58
N PHE A 50 -8.93 1.60 5.61
CA PHE A 50 -8.20 1.38 6.85
C PHE A 50 -8.88 2.12 8.02
N PHE A 51 -9.41 3.29 7.71
CA PHE A 51 -10.07 4.10 8.72
C PHE A 51 -11.53 3.65 8.90
N LYS A 52 -12.30 3.84 7.85
CA LYS A 52 -13.71 3.46 7.89
C LYS A 52 -13.85 2.14 8.65
N SER A 53 -12.84 1.29 8.51
CA SER A 53 -12.85 0.01 9.18
C SER A 53 -12.87 0.20 10.70
N GLY A 54 -11.72 0.59 11.23
CA GLY A 54 -11.59 0.83 12.65
C GLY A 54 -10.12 0.95 13.06
N ALA A 55 -9.36 1.64 12.22
CA ALA A 55 -7.95 1.84 12.48
C ALA A 55 -7.77 3.08 13.35
N ALA A 56 -6.85 2.98 14.30
CA ALA A 56 -6.57 4.08 15.19
C ALA A 56 -5.27 4.77 14.75
N SER A 57 -4.84 5.73 15.56
CA SER A 57 -3.62 6.47 15.28
C SER A 57 -2.40 5.57 15.49
N VAL A 58 -2.63 4.48 16.21
CA VAL A 58 -1.57 3.53 16.49
C VAL A 58 -1.53 2.46 15.39
N ASP A 59 -2.71 2.16 14.88
CA ASP A 59 -2.83 1.16 13.83
C ASP A 59 -2.00 1.60 12.61
N VAL A 60 -2.00 2.91 12.39
CA VAL A 60 -1.25 3.47 11.27
C VAL A 60 0.20 2.97 11.32
N VAL A 61 0.81 3.13 12.49
CA VAL A 61 2.18 2.70 12.68
C VAL A 61 2.23 1.17 12.65
N ARG A 62 1.17 0.56 13.15
CA ARG A 62 1.09 -0.88 13.19
C ARG A 62 1.14 -1.46 11.77
N LEU A 63 0.20 -1.01 10.95
CA LEU A 63 0.13 -1.47 9.58
C LEU A 63 1.46 -1.19 8.88
N VAL A 64 1.93 0.03 9.03
CA VAL A 64 3.19 0.43 8.42
C VAL A 64 4.33 -0.43 9.00
N GLU A 65 4.25 -0.65 10.30
CA GLU A 65 5.25 -1.45 10.98
C GLU A 65 5.17 -2.91 10.52
N GLU A 66 3.94 -3.38 10.38
CA GLU A 66 3.70 -4.75 9.95
C GLU A 66 4.23 -4.96 8.52
N VAL A 67 3.74 -4.14 7.62
CA VAL A 67 4.15 -4.22 6.23
C VAL A 67 5.67 -4.01 6.14
N LYS A 68 6.22 -3.45 7.20
CA LYS A 68 7.65 -3.18 7.26
C LYS A 68 8.41 -4.51 7.31
N GLU A 69 7.96 -5.36 8.23
CA GLU A 69 8.59 -6.66 8.39
C GLU A 69 8.35 -7.54 7.16
N LEU A 70 7.37 -7.13 6.37
CA LEU A 70 7.03 -7.86 5.16
C LEU A 70 8.16 -7.70 4.14
N CYS A 71 8.60 -6.46 3.97
CA CYS A 71 9.67 -6.16 3.04
C CYS A 71 10.94 -5.89 3.84
N ASP A 72 10.86 -6.18 5.13
CA ASP A 72 12.00 -5.98 6.02
C ASP A 72 12.35 -4.48 6.05
N GLY A 73 11.61 -3.76 6.87
CA GLY A 73 11.84 -2.32 7.00
C GLY A 73 11.41 -1.58 5.73
N LEU A 74 10.23 -1.95 5.23
CA LEU A 74 9.69 -1.33 4.04
C LEU A 74 9.75 0.19 4.18
N GLU A 75 9.91 0.85 3.05
CA GLU A 75 9.98 2.30 3.04
C GLU A 75 8.57 2.91 3.09
N LEU A 76 7.86 2.58 4.16
CA LEU A 76 6.51 3.08 4.34
C LEU A 76 6.49 4.12 5.46
N GLU A 77 5.61 5.10 5.31
CA GLU A 77 5.49 6.15 6.31
C GLU A 77 4.02 6.40 6.64
N ASN A 78 3.80 6.95 7.83
CA ASN A 78 2.45 7.23 8.29
C ASN A 78 1.69 7.98 7.19
N GLU A 79 2.43 8.77 6.43
CA GLU A 79 1.85 9.54 5.35
C GLU A 79 1.18 8.60 4.34
N ASP A 80 1.95 7.60 3.92
CA ASP A 80 1.45 6.64 2.95
C ASP A 80 0.05 6.19 3.35
N VAL A 81 -0.07 5.78 4.61
CA VAL A 81 -1.35 5.33 5.14
C VAL A 81 -2.38 6.43 4.94
N TYR A 82 -1.99 7.64 5.30
CA TYR A 82 -2.88 8.79 5.17
C TYR A 82 -3.20 9.08 3.70
N MET A 83 -2.26 8.70 2.84
CA MET A 83 -2.43 8.92 1.42
C MET A 83 -3.35 7.85 0.81
N ALA A 84 -3.19 6.63 1.29
CA ALA A 84 -4.01 5.52 0.82
C ALA A 84 -4.67 4.82 2.00
N SER A 85 -5.88 5.26 2.31
CA SER A 85 -6.63 4.69 3.41
C SER A 85 -7.22 3.35 3.00
N THR A 86 -7.55 3.25 1.72
CA THR A 86 -8.13 2.02 1.19
C THR A 86 -7.01 1.04 0.77
N PHE A 87 -7.32 -0.23 0.93
CA PHE A 87 -6.36 -1.28 0.58
C PHE A 87 -5.93 -1.16 -0.87
N GLY A 88 -6.92 -1.19 -1.76
CA GLY A 88 -6.66 -1.08 -3.19
C GLY A 88 -5.60 -0.03 -3.47
N ASP A 89 -5.90 1.19 -3.07
CA ASP A 89 -4.99 2.31 -3.28
C ASP A 89 -3.66 2.00 -2.58
N PHE A 90 -3.75 1.61 -1.32
CA PHE A 90 -2.57 1.28 -0.55
C PHE A 90 -1.69 0.27 -1.28
N ILE A 91 -2.27 -0.91 -1.51
CA ILE A 91 -1.56 -1.97 -2.21
C ILE A 91 -0.74 -1.37 -3.35
N GLN A 92 -1.42 -0.62 -4.20
CA GLN A 92 -0.78 0.02 -5.33
C GLN A 92 0.49 0.75 -4.88
N LEU A 93 0.34 1.52 -3.81
CA LEU A 93 1.45 2.28 -3.27
C LEU A 93 2.52 1.31 -2.76
N LEU A 94 2.06 0.30 -2.04
CA LEU A 94 2.97 -0.70 -1.49
C LEU A 94 3.72 -1.38 -2.63
N VAL A 95 2.96 -1.95 -3.55
CA VAL A 95 3.54 -2.64 -4.68
C VAL A 95 4.63 -1.76 -5.30
N ARG A 96 4.36 -0.45 -5.28
CA ARG A 96 5.31 0.50 -5.83
C ARG A 96 6.61 0.50 -5.02
N LYS A 97 6.45 0.61 -3.71
CA LYS A 97 7.59 0.62 -2.81
C LYS A 97 8.31 -0.73 -2.89
N LEU A 98 7.52 -1.77 -3.09
CA LEU A 98 8.06 -3.11 -3.20
C LEU A 98 8.89 -3.23 -4.47
N ARG A 99 8.24 -2.99 -5.59
CA ARG A 99 8.90 -3.06 -6.88
C ARG A 99 10.18 -2.21 -6.87
N GLY A 100 10.07 -1.03 -6.28
CA GLY A 100 11.19 -0.11 -6.19
C GLY A 100 12.36 -0.77 -5.46
N ASP A 101 12.35 -0.62 -4.14
CA ASP A 101 13.40 -1.18 -3.32
C ASP A 101 14.62 -0.24 -3.33
N ASP A 102 15.42 -0.35 -2.29
CA ASP A 102 16.60 0.47 -2.17
C ASP A 102 17.78 -0.23 -2.85
N GLU A 103 18.39 0.47 -3.81
CA GLU A 103 19.51 -0.08 -4.54
C GLU A 103 20.60 0.99 -4.72
N GLU A 104 20.22 2.05 -5.40
CA GLU A 104 21.14 3.15 -5.65
C GLU A 104 20.45 4.27 -6.41
N SER A 105 20.44 5.45 -5.80
CA SER A 105 19.82 6.61 -6.41
C SER A 105 20.01 7.84 -5.52
N GLY A 106 20.75 8.80 -6.06
CA GLY A 106 21.02 10.03 -5.33
C GLY A 106 21.38 9.73 -3.88
N PRO A 107 20.47 10.13 -2.96
CA PRO A 107 20.68 9.92 -1.54
C PRO A 107 20.46 8.45 -1.16
N SER A 108 21.55 7.70 -1.16
CA SER A 108 21.49 6.29 -0.82
C SER A 108 21.20 6.12 0.67
N SER A 109 22.10 6.65 1.48
CA SER A 109 21.96 6.57 2.92
C SER A 109 21.93 5.10 3.35
N GLY A 110 23.05 4.66 3.91
CA GLY A 110 23.17 3.28 4.37
C GLY A 110 24.20 2.52 3.55
#